data_8HHV
#
_entry.id   8HHV
#
_cell.length_a   81.285
_cell.length_b   128.296
_cell.length_c   104.019
_cell.angle_alpha   90.00
_cell.angle_beta   109.38
_cell.angle_gamma   90.00
#
_symmetry.space_group_name_H-M   'P 1 21 1'
#
loop_
_entity.id
_entity.type
_entity.pdbx_description
1 polymer endo-alpha-D-arabinanase
2 non-polymer 'SODIUM ION'
3 non-polymer 'CALCIUM ION'
4 non-polymer GLYCEROL
5 water water
#
_entity_poly.entity_id   1
_entity_poly.type   'polypeptide(L)'
_entity_poly.pdbx_seq_one_letter_code
;MTTSRTPATVVEKLTGPDAPNNTWGRWDIKATDLGIMWDDGAGHVLTAFGDTFGNSWTGPGGGAPPNGNWRSNVLVRSSD
GDLADGMLFDWAAQGPQGVAREIIPSKKINGVEITTIPTTGISVGKRQYLGFMSVKQWGPPGVWDTNFAGIAYSDDGGGT
WKVSDTRWENADGHDPFQMQAWVQKGGTIYVFGTQNGRNGPASVAKVPASKLLDKSAFRYWNGTDWSRKESDAVPVMDAP
MSEMSVQYDAYSKRFLMMTLSGEDIIMRTATAPEGPWTPAQTVASSTDYPALYGGYFHPWNKDGEIYFTMSQWNPYNVYL
MRLRIDRDGNIIDPNLVTDASFERSTTLGDGTNGTWAAKPNSGIDNAPAAGFTGDHRAFVRYNSGWRDIWQDVAVERGAK
YRLTGFLRTSVNSDNGFFGARTLDGVPIGEINFHSVGAWTRFTVEFDAGDRDAVQVFGGVWTNSGDIWMQLDDVSLTKVR
LEHHHHHH
;
_entity_poly.pdbx_strand_id   A,B,C,D
#
# COMPACT_ATOMS: atom_id res chain seq x y z
N THR A 2 27.51 9.44 -24.27
CA THR A 2 28.53 10.51 -24.01
C THR A 2 27.93 11.54 -23.07
N THR A 3 28.83 12.43 -22.64
CA THR A 3 28.48 13.55 -21.79
C THR A 3 27.97 14.74 -22.56
N SER A 4 27.84 14.60 -23.90
CA SER A 4 27.36 15.67 -24.77
C SER A 4 26.05 16.25 -24.31
N ARG A 5 25.88 17.56 -24.48
CA ARG A 5 24.61 18.18 -24.13
C ARG A 5 23.49 17.58 -24.99
N THR A 6 22.30 17.54 -24.40
CA THR A 6 21.08 17.12 -25.11
C THR A 6 20.23 18.34 -25.51
N PRO A 7 20.09 18.65 -26.82
CA PRO A 7 19.29 19.79 -27.24
C PRO A 7 17.76 19.59 -27.07
N ALA A 8 17.35 18.30 -27.21
CA ALA A 8 15.94 17.92 -27.32
C ALA A 8 15.25 18.04 -25.99
N THR A 9 13.93 18.30 -26.11
CA THR A 9 13.00 18.56 -25.03
C THR A 9 11.96 17.42 -24.95
N VAL A 10 11.70 16.94 -23.73
CA VAL A 10 10.66 15.96 -23.45
C VAL A 10 9.29 16.64 -23.46
N VAL A 11 8.41 16.12 -24.32
CA VAL A 11 7.07 16.67 -24.51
C VAL A 11 6.00 15.93 -23.71
N GLU A 12 6.05 14.58 -23.73
CA GLU A 12 4.99 13.80 -23.08
C GLU A 12 5.47 12.34 -22.96
N LYS A 13 5.00 11.64 -21.91
CA LYS A 13 5.13 10.19 -21.83
C LYS A 13 3.90 9.67 -22.57
N LEU A 14 4.07 8.89 -23.65
CA LEU A 14 2.95 8.40 -24.48
C LEU A 14 2.31 7.12 -23.99
N THR A 15 3.07 6.27 -23.27
CA THR A 15 2.60 4.94 -22.88
C THR A 15 2.97 4.71 -21.42
N GLY A 16 2.19 3.82 -20.79
CA GLY A 16 2.61 3.28 -19.52
C GLY A 16 2.18 4.13 -18.34
N PRO A 17 2.71 3.79 -17.14
CA PRO A 17 2.27 4.54 -15.97
C PRO A 17 2.47 6.07 -16.06
N ASP A 18 1.41 6.78 -15.62
CA ASP A 18 1.31 8.24 -15.61
C ASP A 18 1.19 8.83 -17.05
N ALA A 19 1.10 8.02 -18.12
CA ALA A 19 0.90 8.60 -19.45
C ALA A 19 -0.49 9.25 -19.52
N PRO A 20 -0.57 10.51 -20.01
CA PRO A 20 -1.86 11.12 -20.29
C PRO A 20 -2.78 10.19 -21.08
N ASN A 21 -2.22 9.50 -22.10
CA ASN A 21 -2.98 8.58 -22.95
C ASN A 21 -3.69 7.44 -22.17
N ASN A 22 -3.14 7.04 -21.01
CA ASN A 22 -3.70 5.98 -20.21
C ASN A 22 -3.82 4.69 -21.05
N THR A 23 -2.76 4.39 -21.80
CA THR A 23 -2.73 3.16 -22.59
C THR A 23 -2.85 1.92 -21.71
N TRP A 24 -2.40 1.99 -20.45
CA TRP A 24 -2.46 0.92 -19.45
C TRP A 24 -3.93 0.60 -19.16
N GLY A 25 -4.71 1.63 -18.84
CA GLY A 25 -6.10 1.42 -18.48
C GLY A 25 -7.00 1.13 -19.67
N ARG A 26 -6.76 1.79 -20.81
CA ARG A 26 -7.63 1.59 -21.97
C ARG A 26 -7.37 0.22 -22.61
N TRP A 27 -6.08 -0.16 -22.81
CA TRP A 27 -5.72 -1.25 -23.70
C TRP A 27 -4.72 -2.28 -23.12
N ASP A 28 -4.49 -2.27 -21.80
CA ASP A 28 -3.46 -3.10 -21.18
C ASP A 28 -2.06 -2.91 -21.81
N ILE A 29 -1.74 -1.68 -22.24
CA ILE A 29 -0.37 -1.33 -22.69
C ILE A 29 0.31 -0.58 -21.54
N LYS A 30 0.91 -1.38 -20.62
CA LYS A 30 1.65 -0.83 -19.47
C LYS A 30 3.13 -0.55 -19.75
N ALA A 31 3.74 -1.28 -20.69
CA ALA A 31 5.18 -1.03 -20.96
C ALA A 31 5.41 -1.56 -22.38
N THR A 32 6.19 -0.81 -23.18
CA THR A 32 6.32 -1.08 -24.59
C THR A 32 7.45 -0.20 -25.12
N ASP A 33 7.73 -0.34 -26.41
CA ASP A 33 8.84 0.44 -26.99
C ASP A 33 8.60 0.71 -28.46
N LEU A 34 9.48 1.57 -29.00
CA LEU A 34 9.56 1.97 -30.41
C LEU A 34 8.61 3.13 -30.71
N GLY A 35 7.33 2.87 -31.04
CA GLY A 35 6.49 3.98 -31.42
C GLY A 35 6.82 4.48 -32.82
N ILE A 36 6.74 3.56 -33.76
CA ILE A 36 7.03 3.80 -35.16
C ILE A 36 5.82 4.34 -35.90
N MET A 37 5.99 5.51 -36.55
CA MET A 37 4.84 6.30 -37.00
C MET A 37 4.80 6.51 -38.49
N TRP A 38 3.58 6.44 -39.02
CA TRP A 38 3.37 6.88 -40.40
C TRP A 38 1.96 7.46 -40.59
N ASP A 39 1.85 8.20 -41.68
CA ASP A 39 0.59 8.83 -42.08
C ASP A 39 -0.21 7.77 -42.84
N ASP A 40 -1.49 7.54 -42.45
CA ASP A 40 -2.24 6.45 -43.05
C ASP A 40 -2.92 6.83 -44.40
N GLY A 41 -2.86 8.12 -44.74
CA GLY A 41 -3.41 8.61 -46.00
C GLY A 41 -4.87 9.07 -45.90
N ALA A 42 -5.46 9.01 -44.67
CA ALA A 42 -6.87 9.32 -44.36
C ALA A 42 -6.98 10.22 -43.13
N GLY A 43 -5.94 11.02 -42.88
CA GLY A 43 -5.90 12.09 -41.89
C GLY A 43 -5.49 11.59 -40.48
N HIS A 44 -4.78 10.45 -40.41
CA HIS A 44 -4.33 9.86 -39.16
C HIS A 44 -2.85 9.45 -39.19
N VAL A 45 -2.31 9.23 -37.99
CA VAL A 45 -0.99 8.70 -37.77
C VAL A 45 -1.14 7.33 -37.08
N LEU A 46 -0.69 6.27 -37.76
CA LEU A 46 -0.60 4.97 -37.14
C LEU A 46 0.76 4.84 -36.42
N THR A 47 0.72 4.28 -35.21
CA THR A 47 1.92 4.05 -34.39
C THR A 47 2.03 2.58 -33.98
N ALA A 48 3.15 1.94 -34.32
CA ALA A 48 3.41 0.55 -34.00
C ALA A 48 4.47 0.44 -32.91
N PHE A 49 4.36 -0.64 -32.09
CA PHE A 49 5.23 -0.84 -30.95
C PHE A 49 5.76 -2.28 -31.02
N GLY A 50 6.87 -2.47 -30.32
CA GLY A 50 7.47 -3.79 -30.14
C GLY A 50 6.92 -4.55 -28.92
N ASP A 51 7.82 -5.35 -28.29
CA ASP A 51 7.35 -6.23 -27.22
C ASP A 51 6.67 -5.40 -26.14
N THR A 52 5.43 -5.84 -25.78
CA THR A 52 4.51 -5.04 -25.01
C THR A 52 3.98 -5.93 -23.84
N PHE A 53 3.94 -5.34 -22.66
CA PHE A 53 3.47 -6.01 -21.44
C PHE A 53 2.29 -5.22 -20.87
N GLY A 54 1.46 -5.98 -20.12
CA GLY A 54 0.26 -5.47 -19.46
C GLY A 54 0.43 -5.24 -17.96
N ASN A 55 -0.74 -5.28 -17.27
CA ASN A 55 -0.89 -4.86 -15.90
C ASN A 55 0.21 -5.34 -14.91
N SER A 56 0.66 -6.59 -15.02
CA SER A 56 1.58 -7.15 -14.02
C SER A 56 3.00 -6.70 -14.18
N TRP A 57 3.35 -6.04 -15.31
CA TRP A 57 4.70 -5.47 -15.45
C TRP A 57 5.01 -4.52 -14.28
N THR A 58 6.23 -4.60 -13.72
CA THR A 58 6.69 -3.59 -12.79
C THR A 58 7.91 -2.80 -13.25
N GLY A 59 8.76 -3.41 -14.08
CA GLY A 59 10.06 -2.89 -14.44
C GLY A 59 11.02 -3.19 -13.29
N PRO A 60 12.21 -2.54 -13.33
CA PRO A 60 12.70 -1.76 -14.50
C PRO A 60 12.96 -2.65 -15.72
N GLY A 61 13.03 -2.05 -16.94
CA GLY A 61 13.32 -2.81 -18.13
C GLY A 61 12.19 -3.63 -18.71
N GLY A 62 12.45 -4.14 -19.92
CA GLY A 62 11.51 -4.99 -20.61
C GLY A 62 11.35 -6.32 -19.87
N GLY A 63 10.35 -7.09 -20.20
CA GLY A 63 10.11 -8.32 -19.47
C GLY A 63 9.17 -8.12 -18.29
N ALA A 64 8.39 -9.17 -18.07
CA ALA A 64 7.35 -9.14 -17.04
C ALA A 64 7.23 -10.56 -16.46
N PRO A 65 6.39 -10.74 -15.39
CA PRO A 65 6.08 -12.07 -14.88
C PRO A 65 5.34 -12.89 -15.93
N PRO A 66 5.16 -14.20 -15.74
CA PRO A 66 4.46 -14.99 -16.76
C PRO A 66 3.02 -14.58 -17.09
N ASN A 67 2.38 -13.82 -16.19
CA ASN A 67 1.04 -13.32 -16.44
C ASN A 67 1.09 -11.88 -17.01
N GLY A 68 2.22 -11.47 -17.64
CA GLY A 68 2.38 -10.07 -18.07
C GLY A 68 1.70 -9.76 -19.41
N ASN A 69 0.80 -10.63 -19.90
CA ASN A 69 0.15 -10.46 -21.20
C ASN A 69 1.13 -9.97 -22.31
N TRP A 70 2.18 -10.76 -22.53
CA TRP A 70 3.21 -10.44 -23.52
C TRP A 70 2.65 -10.56 -24.95
N ARG A 71 2.72 -9.42 -25.67
CA ARG A 71 2.42 -9.35 -27.08
C ARG A 71 3.68 -8.86 -27.78
N SER A 72 3.98 -9.45 -28.97
CA SER A 72 5.19 -9.05 -29.75
C SER A 72 5.11 -7.61 -30.29
N ASN A 73 3.87 -7.13 -30.50
CA ASN A 73 3.60 -5.83 -31.09
C ASN A 73 2.18 -5.39 -30.77
N VAL A 74 1.90 -4.07 -30.86
CA VAL A 74 0.58 -3.48 -30.79
C VAL A 74 0.61 -2.24 -31.71
N LEU A 75 -0.60 -1.73 -31.93
CA LEU A 75 -0.89 -0.67 -32.91
C LEU A 75 -2.00 0.26 -32.42
N VAL A 76 -1.66 1.55 -32.42
CA VAL A 76 -2.60 2.61 -32.06
C VAL A 76 -2.68 3.64 -33.18
N ARG A 77 -3.72 4.49 -33.12
CA ARG A 77 -3.92 5.55 -34.13
C ARG A 77 -3.93 6.89 -33.33
N SER A 78 -3.69 7.94 -34.07
CA SER A 78 -3.83 9.33 -33.60
C SER A 78 -4.45 10.21 -34.67
N SER A 79 -5.24 11.21 -34.21
CA SER A 79 -5.70 12.27 -35.09
C SER A 79 -5.11 13.64 -34.70
N ASP A 80 -4.14 13.67 -33.77
CA ASP A 80 -3.71 14.89 -33.09
C ASP A 80 -2.66 15.65 -33.91
N GLY A 81 -3.11 16.86 -34.32
CA GLY A 81 -2.27 17.73 -35.13
C GLY A 81 -1.53 18.79 -34.29
N ASP A 82 -1.70 18.79 -32.94
CA ASP A 82 -1.04 19.78 -32.12
CA ASP A 82 -1.05 19.79 -32.10
C ASP A 82 -0.10 19.06 -31.14
N LEU A 83 1.12 18.84 -31.58
CA LEU A 83 2.02 17.96 -30.84
C LEU A 83 2.71 18.68 -29.69
N ALA A 84 2.63 20.02 -29.62
CA ALA A 84 3.30 20.75 -28.55
C ALA A 84 2.78 20.36 -27.18
N ASP A 85 1.49 20.02 -27.15
CA ASP A 85 0.87 19.62 -25.92
C ASP A 85 0.67 18.10 -25.83
N GLY A 86 1.41 17.31 -26.57
CA GLY A 86 1.37 15.87 -26.54
C GLY A 86 0.64 15.24 -27.73
N MET A 87 0.63 13.92 -27.80
CA MET A 87 0.04 13.20 -28.92
C MET A 87 -1.02 12.22 -28.37
N LEU A 88 -2.30 12.55 -28.58
CA LEU A 88 -3.40 11.70 -28.13
C LEU A 88 -3.63 10.53 -29.10
N PHE A 89 -3.76 9.33 -28.51
CA PHE A 89 -4.13 8.14 -29.25
C PHE A 89 -5.64 8.03 -29.19
N ASP A 90 -6.30 7.87 -30.35
CA ASP A 90 -7.78 7.82 -30.35
C ASP A 90 -8.38 6.48 -30.73
N TRP A 91 -7.57 5.48 -30.95
CA TRP A 91 -7.97 4.14 -31.39
C TRP A 91 -6.82 3.16 -31.17
N ALA A 92 -7.13 1.90 -30.92
CA ALA A 92 -6.16 0.81 -30.96
C ALA A 92 -6.84 -0.43 -31.58
N ALA A 93 -5.97 -1.28 -32.13
CA ALA A 93 -6.32 -2.60 -32.64
C ALA A 93 -6.45 -3.55 -31.43
N GLN A 94 -7.66 -4.07 -31.18
CA GLN A 94 -7.95 -4.78 -29.93
C GLN A 94 -8.43 -6.19 -30.21
N GLY A 95 -8.46 -7.01 -29.15
CA GLY A 95 -8.85 -8.40 -29.24
C GLY A 95 -8.37 -9.11 -27.99
N PRO A 96 -9.22 -9.26 -26.92
CA PRO A 96 -10.60 -8.82 -26.88
C PRO A 96 -10.72 -7.30 -26.70
N GLN A 97 -11.92 -6.73 -26.90
CA GLN A 97 -12.12 -5.33 -26.60
C GLN A 97 -11.64 -4.99 -25.16
N GLY A 98 -10.83 -3.92 -25.00
CA GLY A 98 -10.20 -3.59 -23.72
C GLY A 98 -8.70 -3.93 -23.67
N VAL A 99 -8.20 -4.63 -24.72
CA VAL A 99 -6.86 -5.20 -24.74
C VAL A 99 -6.30 -4.97 -26.17
N ALA A 100 -5.31 -4.11 -26.27
CA ALA A 100 -4.61 -4.01 -27.55
C ALA A 100 -3.96 -5.36 -27.91
N ARG A 101 -4.21 -5.82 -29.18
CA ARG A 101 -3.74 -7.15 -29.57
C ARG A 101 -2.44 -7.09 -30.36
N GLU A 102 -1.81 -8.27 -30.42
CA GLU A 102 -0.72 -8.52 -31.33
C GLU A 102 -1.22 -8.57 -32.77
N ILE A 103 -0.60 -7.78 -33.65
CA ILE A 103 -1.02 -7.69 -35.06
C ILE A 103 -0.17 -8.56 -36.00
N ILE A 104 1.09 -8.78 -35.70
CA ILE A 104 1.95 -9.67 -36.46
C ILE A 104 2.31 -10.81 -35.48
N PRO A 105 1.81 -12.05 -35.76
CA PRO A 105 2.05 -13.19 -34.86
C PRO A 105 3.49 -13.64 -34.74
N SER A 106 3.88 -14.25 -33.62
CA SER A 106 5.24 -14.74 -33.48
C SER A 106 5.19 -16.12 -32.76
N LYS A 107 6.21 -16.95 -32.97
CA LYS A 107 6.13 -18.32 -32.49
C LYS A 107 6.36 -18.33 -30.98
N LYS A 108 7.22 -17.40 -30.52
CA LYS A 108 7.67 -17.26 -29.14
C LYS A 108 8.37 -18.53 -28.67
N ILE A 109 9.25 -19.02 -29.55
CA ILE A 109 10.14 -20.13 -29.28
C ILE A 109 11.55 -19.60 -29.46
N ASN A 110 12.33 -19.55 -28.37
CA ASN A 110 13.66 -18.98 -28.33
C ASN A 110 14.55 -19.82 -29.21
N GLY A 111 15.35 -19.14 -30.04
CA GLY A 111 16.23 -19.80 -31.00
C GLY A 111 15.57 -20.28 -32.30
N VAL A 112 14.25 -20.10 -32.43
CA VAL A 112 13.51 -20.34 -33.65
C VAL A 112 12.96 -18.98 -34.10
N GLU A 113 11.98 -18.45 -33.33
CA GLU A 113 11.45 -17.09 -33.45
C GLU A 113 10.91 -16.69 -32.08
N ILE A 114 11.69 -15.91 -31.37
CA ILE A 114 11.30 -15.46 -30.02
C ILE A 114 10.18 -14.40 -30.16
N THR A 115 10.28 -13.55 -31.20
CA THR A 115 9.33 -12.42 -31.32
C THR A 115 9.36 -11.88 -32.76
N THR A 116 8.43 -10.98 -33.05
CA THR A 116 8.32 -10.22 -34.31
C THR A 116 8.22 -8.73 -33.97
N ILE A 117 9.13 -7.93 -34.56
CA ILE A 117 9.30 -6.54 -34.10
C ILE A 117 9.11 -5.68 -35.35
N PRO A 118 8.15 -4.72 -35.30
CA PRO A 118 7.99 -3.74 -36.39
C PRO A 118 9.26 -2.89 -36.54
N THR A 119 9.56 -2.38 -37.78
CA THR A 119 10.76 -1.59 -37.98
C THR A 119 10.45 -0.23 -38.66
N THR A 120 9.39 -0.17 -39.51
CA THR A 120 9.08 1.04 -40.29
C THR A 120 7.74 0.83 -40.96
N GLY A 121 6.99 1.92 -41.21
CA GLY A 121 5.68 1.80 -41.84
C GLY A 121 5.48 2.85 -42.91
N ILE A 122 4.50 2.63 -43.80
CA ILE A 122 4.05 3.66 -44.75
C ILE A 122 2.65 3.27 -45.25
N SER A 123 1.95 4.23 -45.86
CA SER A 123 0.79 3.93 -46.69
C SER A 123 1.02 4.34 -48.15
N VAL A 124 0.38 3.58 -49.04
CA VAL A 124 0.34 3.96 -50.46
C VAL A 124 -1.13 3.71 -50.87
N GLY A 125 -1.75 4.78 -51.36
CA GLY A 125 -3.18 4.71 -51.67
C GLY A 125 -3.92 4.29 -50.40
N LYS A 126 -4.76 3.25 -50.53
CA LYS A 126 -5.58 2.76 -49.43
C LYS A 126 -4.99 1.55 -48.70
N ARG A 127 -3.69 1.25 -48.90
CA ARG A 127 -3.07 0.15 -48.19
C ARG A 127 -2.00 0.70 -47.22
N GLN A 128 -1.98 0.11 -46.02
CA GLN A 128 -0.94 0.32 -45.00
C GLN A 128 0.04 -0.86 -45.07
N TYR A 129 1.33 -0.55 -44.86
CA TYR A 129 2.44 -1.49 -44.90
C TYR A 129 3.29 -1.31 -43.65
N LEU A 130 3.63 -2.43 -43.02
CA LEU A 130 4.40 -2.46 -41.78
C LEU A 130 5.54 -3.46 -41.91
N GLY A 131 6.77 -2.91 -42.17
CA GLY A 131 8.00 -3.70 -42.13
C GLY A 131 8.19 -4.31 -40.73
N PHE A 132 8.80 -5.51 -40.66
CA PHE A 132 9.09 -6.11 -39.38
C PHE A 132 10.21 -7.10 -39.51
N MET A 133 10.79 -7.44 -38.35
CA MET A 133 11.88 -8.41 -38.35
C MET A 133 11.46 -9.59 -37.47
N SER A 134 11.72 -10.81 -37.98
CA SER A 134 11.56 -12.02 -37.23
C SER A 134 12.84 -12.25 -36.42
N VAL A 135 12.71 -12.15 -35.06
CA VAL A 135 13.86 -12.23 -34.19
C VAL A 135 14.02 -13.68 -33.70
N LYS A 136 15.19 -14.27 -34.03
CA LYS A 136 15.44 -15.65 -33.66
C LYS A 136 15.78 -15.72 -32.16
N GLN A 137 16.71 -14.84 -31.70
CA GLN A 137 17.12 -14.86 -30.29
C GLN A 137 17.72 -13.51 -30.05
N TRP A 138 17.68 -13.05 -28.80
CA TRP A 138 18.37 -11.85 -28.40
C TRP A 138 19.74 -12.24 -27.86
N GLY A 139 20.66 -11.32 -27.96
CA GLY A 139 21.99 -11.45 -27.38
C GLY A 139 22.22 -10.37 -26.32
N PRO A 140 23.50 -10.01 -26.08
CA PRO A 140 23.82 -8.83 -25.27
C PRO A 140 23.21 -7.55 -25.79
N PRO A 141 23.16 -6.44 -25.00
CA PRO A 141 22.52 -5.19 -25.44
C PRO A 141 23.00 -4.79 -26.83
N GLY A 142 22.06 -4.51 -27.76
CA GLY A 142 22.54 -4.09 -29.09
C GLY A 142 22.85 -5.22 -30.07
N VAL A 143 22.79 -6.47 -29.64
CA VAL A 143 23.14 -7.62 -30.44
C VAL A 143 21.98 -8.60 -30.48
N TRP A 144 21.55 -9.04 -31.67
CA TRP A 144 20.51 -10.01 -31.87
C TRP A 144 20.53 -10.52 -33.29
N ASP A 145 19.89 -11.69 -33.45
CA ASP A 145 19.86 -12.47 -34.67
C ASP A 145 18.43 -12.45 -35.23
N THR A 146 18.28 -12.08 -36.52
CA THR A 146 16.99 -12.13 -37.20
C THR A 146 17.00 -13.25 -38.24
N ASN A 147 15.83 -13.81 -38.47
CA ASN A 147 15.59 -14.83 -39.47
C ASN A 147 15.44 -14.15 -40.84
N PHE A 148 14.72 -13.01 -40.86
CA PHE A 148 14.33 -12.33 -42.08
C PHE A 148 13.71 -10.98 -41.67
N ALA A 149 13.70 -10.06 -42.62
CA ALA A 149 12.80 -8.89 -42.67
C ALA A 149 11.60 -9.29 -43.54
N GLY A 150 10.39 -8.87 -43.11
CA GLY A 150 9.15 -9.11 -43.84
C GLY A 150 8.30 -7.84 -43.93
N ILE A 151 7.09 -7.96 -44.49
CA ILE A 151 6.18 -6.83 -44.66
C ILE A 151 4.78 -7.40 -44.46
N ALA A 152 4.06 -6.80 -43.50
CA ALA A 152 2.64 -7.02 -43.35
C ALA A 152 1.85 -5.86 -43.97
N TYR A 153 0.57 -6.10 -44.31
CA TYR A 153 -0.26 -5.03 -44.85
C TYR A 153 -1.70 -5.11 -44.41
N SER A 154 -2.35 -3.95 -44.56
CA SER A 154 -3.75 -3.77 -44.14
C SER A 154 -4.51 -2.94 -45.17
N ASP A 155 -5.71 -3.44 -45.56
CA ASP A 155 -6.57 -2.72 -46.49
C ASP A 155 -7.76 -2.09 -45.76
N ASP A 156 -7.71 -1.96 -44.41
CA ASP A 156 -8.83 -1.39 -43.68
C ASP A 156 -8.30 -0.41 -42.62
N GLY A 157 -7.17 0.25 -42.93
CA GLY A 157 -6.72 1.34 -42.06
C GLY A 157 -6.03 0.90 -40.78
N GLY A 158 -5.56 -0.36 -40.78
CA GLY A 158 -4.88 -0.99 -39.67
C GLY A 158 -5.74 -1.90 -38.81
N GLY A 159 -7.04 -2.08 -39.15
CA GLY A 159 -7.88 -2.90 -38.32
C GLY A 159 -7.51 -4.38 -38.39
N THR A 160 -7.17 -4.87 -39.61
CA THR A 160 -6.72 -6.24 -39.83
C THR A 160 -5.47 -6.24 -40.72
N TRP A 161 -4.64 -7.27 -40.52
CA TRP A 161 -3.31 -7.40 -41.04
C TRP A 161 -3.07 -8.80 -41.63
N LYS A 162 -2.38 -8.83 -42.78
CA LYS A 162 -1.91 -10.06 -43.41
C LYS A 162 -0.40 -9.93 -43.58
N VAL A 163 0.32 -11.02 -43.34
CA VAL A 163 1.75 -11.08 -43.61
C VAL A 163 1.96 -11.47 -45.07
N SER A 164 2.67 -10.59 -45.80
CA SER A 164 2.91 -10.80 -47.24
C SER A 164 3.95 -11.89 -47.39
N ASP A 165 4.16 -12.34 -48.64
CA ASP A 165 5.23 -13.27 -48.94
C ASP A 165 6.59 -12.59 -49.24
N THR A 166 6.71 -11.27 -49.07
CA THR A 166 7.91 -10.52 -49.34
C THR A 166 8.87 -10.57 -48.14
N ARG A 167 10.09 -11.05 -48.36
CA ARG A 167 11.06 -11.31 -47.29
C ARG A 167 12.47 -11.00 -47.83
N TRP A 168 13.32 -10.50 -46.93
CA TRP A 168 14.78 -10.50 -47.06
C TRP A 168 15.32 -11.52 -46.04
N GLU A 169 15.61 -12.73 -46.53
CA GLU A 169 16.19 -13.80 -45.77
C GLU A 169 17.58 -13.43 -45.26
N ASN A 170 17.92 -13.92 -44.07
CA ASN A 170 19.21 -13.71 -43.45
C ASN A 170 19.96 -15.04 -43.21
N ALA A 171 20.21 -15.88 -44.22
CA ALA A 171 20.90 -17.16 -43.99
C ALA A 171 22.28 -17.03 -43.34
N ASP A 172 23.13 -16.06 -43.71
CA ASP A 172 24.46 -15.91 -43.10
C ASP A 172 24.50 -14.94 -41.91
N GLY A 173 23.37 -14.31 -41.50
CA GLY A 173 23.38 -13.41 -40.37
C GLY A 173 23.70 -11.95 -40.69
N HIS A 174 24.28 -11.66 -41.90
CA HIS A 174 24.85 -10.34 -42.20
C HIS A 174 24.04 -9.64 -43.30
N ASP A 175 22.80 -10.07 -43.51
CA ASP A 175 21.99 -9.45 -44.54
C ASP A 175 21.81 -7.98 -44.17
N PRO A 176 21.97 -7.08 -45.14
CA PRO A 176 22.05 -5.63 -44.83
C PRO A 176 20.76 -4.81 -44.81
N PHE A 177 19.64 -5.50 -45.03
CA PHE A 177 18.26 -4.95 -44.99
C PHE A 177 17.35 -5.71 -44.02
N GLN A 178 17.88 -6.14 -42.85
CA GLN A 178 17.04 -6.76 -41.82
C GLN A 178 16.15 -5.76 -41.07
N MET A 179 16.72 -4.57 -40.75
CA MET A 179 15.99 -3.56 -40.01
C MET A 179 15.92 -2.32 -40.92
N GLN A 180 14.71 -2.07 -41.42
CA GLN A 180 14.48 -1.08 -42.50
C GLN A 180 13.91 0.24 -41.96
N ALA A 181 14.03 1.27 -42.78
CA ALA A 181 13.42 2.57 -42.61
C ALA A 181 13.04 3.09 -43.99
N TRP A 182 11.73 3.36 -44.13
CA TRP A 182 11.09 3.81 -45.37
C TRP A 182 10.85 5.32 -45.38
N VAL A 183 11.08 5.94 -46.56
CA VAL A 183 10.72 7.33 -46.79
C VAL A 183 10.32 7.56 -48.23
N GLN A 184 9.12 8.15 -48.40
CA GLN A 184 8.69 8.42 -49.79
C GLN A 184 9.21 9.77 -50.28
N LYS A 185 9.64 9.84 -51.56
CA LYS A 185 9.91 11.12 -52.21
C LYS A 185 9.39 11.00 -53.62
N GLY A 186 8.34 11.77 -53.94
CA GLY A 186 7.68 11.60 -55.23
C GLY A 186 7.10 10.18 -55.38
N GLY A 187 7.37 9.56 -56.53
CA GLY A 187 6.90 8.24 -56.91
C GLY A 187 7.75 7.10 -56.33
N THR A 188 8.82 7.46 -55.56
CA THR A 188 9.78 6.46 -55.08
C THR A 188 9.70 6.36 -53.55
N ILE A 189 9.85 5.13 -53.12
CA ILE A 189 10.12 4.82 -51.73
C ILE A 189 11.58 4.42 -51.65
N TYR A 190 12.33 5.17 -50.84
CA TYR A 190 13.67 4.75 -50.43
C TYR A 190 13.62 3.87 -49.17
N VAL A 191 14.42 2.81 -49.22
CA VAL A 191 14.38 1.76 -48.23
C VAL A 191 15.81 1.69 -47.68
N PHE A 192 16.00 2.26 -46.48
CA PHE A 192 17.24 2.13 -45.74
C PHE A 192 17.21 0.79 -45.02
N GLY A 193 18.38 0.23 -44.74
CA GLY A 193 18.53 -1.05 -44.11
C GLY A 193 19.81 -1.08 -43.26
N THR A 194 19.71 -1.76 -42.13
CA THR A 194 20.87 -2.23 -41.36
C THR A 194 20.76 -3.72 -41.18
N GLN A 195 21.91 -4.30 -40.83
CA GLN A 195 21.91 -5.65 -40.29
C GLN A 195 21.08 -5.75 -38.99
N ASN A 196 20.90 -6.98 -38.57
CA ASN A 196 20.36 -7.29 -37.22
C ASN A 196 21.25 -6.65 -36.15
N GLY A 197 20.65 -5.99 -35.14
CA GLY A 197 21.38 -5.27 -34.12
C GLY A 197 22.00 -3.94 -34.58
N ARG A 198 22.96 -3.44 -33.79
CA ARG A 198 23.25 -2.02 -33.64
C ARG A 198 24.76 -1.72 -33.89
N ASN A 199 25.43 -2.61 -34.63
CA ASN A 199 26.90 -2.58 -34.68
C ASN A 199 27.42 -2.44 -36.13
N GLY A 200 26.53 -2.38 -37.09
CA GLY A 200 26.88 -2.34 -38.52
C GLY A 200 26.37 -1.11 -39.21
N PRO A 201 26.65 -0.99 -40.53
CA PRO A 201 26.34 0.21 -41.26
C PRO A 201 24.96 0.15 -41.95
N ALA A 202 24.60 1.31 -42.49
CA ALA A 202 23.34 1.49 -43.21
C ALA A 202 23.60 1.49 -44.72
N SER A 203 22.68 0.82 -45.41
CA SER A 203 22.65 0.64 -46.86
C SER A 203 21.33 1.25 -47.34
N VAL A 204 21.13 1.38 -48.67
CA VAL A 204 19.92 1.99 -49.19
C VAL A 204 19.52 1.37 -50.54
N ALA A 205 18.22 1.15 -50.64
CA ALA A 205 17.51 0.65 -51.80
C ALA A 205 16.30 1.55 -52.05
N LYS A 206 15.62 1.30 -53.19
CA LYS A 206 14.54 2.15 -53.66
C LYS A 206 13.60 1.32 -54.54
N VAL A 207 12.32 1.71 -54.56
CA VAL A 207 11.28 0.87 -55.18
C VAL A 207 10.19 1.85 -55.58
N PRO A 208 9.53 1.72 -56.76
CA PRO A 208 8.36 2.56 -57.07
C PRO A 208 7.33 2.36 -55.93
N ALA A 209 6.63 3.43 -55.58
CA ALA A 209 5.72 3.46 -54.44
C ALA A 209 4.64 2.39 -54.59
N SER A 210 4.18 2.13 -55.82
CA SER A 210 3.12 1.19 -56.14
C SER A 210 3.65 -0.26 -56.15
N LYS A 211 4.94 -0.49 -55.85
CA LYS A 211 5.52 -1.82 -56.05
C LYS A 211 6.29 -2.27 -54.83
N LEU A 212 5.96 -1.69 -53.68
CA LEU A 212 6.65 -2.02 -52.43
C LEU A 212 6.76 -3.52 -52.10
N LEU A 213 5.74 -4.32 -52.46
CA LEU A 213 5.78 -5.75 -52.16
C LEU A 213 6.50 -6.57 -53.24
N ASP A 214 6.91 -5.95 -54.33
CA ASP A 214 7.57 -6.67 -55.43
C ASP A 214 9.10 -6.55 -55.31
N LYS A 215 9.71 -7.60 -54.75
CA LYS A 215 11.16 -7.71 -54.58
C LYS A 215 11.88 -7.42 -55.89
N SER A 216 11.30 -7.87 -57.03
CA SER A 216 11.92 -7.73 -58.33
C SER A 216 12.00 -6.26 -58.78
N ALA A 217 11.24 -5.35 -58.15
CA ALA A 217 11.23 -3.94 -58.52
C ALA A 217 12.22 -3.11 -57.71
N PHE A 218 12.80 -3.69 -56.63
CA PHE A 218 13.83 -3.01 -55.85
C PHE A 218 15.12 -2.85 -56.65
N ARG A 219 15.77 -1.71 -56.40
CA ARG A 219 17.13 -1.45 -56.89
C ARG A 219 17.96 -0.90 -55.73
N TYR A 220 19.24 -1.28 -55.73
CA TYR A 220 20.11 -1.17 -54.57
C TYR A 220 21.28 -0.27 -54.92
N TRP A 221 21.57 0.75 -54.09
CA TRP A 221 22.69 1.66 -54.33
C TRP A 221 24.00 0.88 -54.23
N ASN A 222 24.81 0.93 -55.34
CA ASN A 222 25.98 0.07 -55.42
C ASN A 222 27.27 0.91 -55.41
N GLY A 223 27.18 2.21 -55.16
CA GLY A 223 28.34 3.11 -55.27
C GLY A 223 28.33 3.92 -56.56
N THR A 224 27.75 3.33 -57.62
CA THR A 224 27.79 3.94 -58.95
C THR A 224 26.35 4.29 -59.36
N ASP A 225 25.43 3.32 -59.22
CA ASP A 225 24.05 3.47 -59.69
C ASP A 225 23.21 2.56 -58.79
N TRP A 226 21.96 2.32 -59.18
CA TRP A 226 21.02 1.51 -58.43
C TRP A 226 20.73 0.24 -59.23
N SER A 227 21.23 -0.91 -58.76
CA SER A 227 21.15 -2.13 -59.56
C SER A 227 20.23 -3.19 -58.96
N ARG A 228 20.11 -4.33 -59.66
CA ARG A 228 19.08 -5.29 -59.32
C ARG A 228 19.46 -6.14 -58.10
N LYS A 229 20.75 -6.40 -57.86
CA LYS A 229 21.17 -7.38 -56.86
C LYS A 229 21.38 -6.75 -55.48
N GLU A 230 20.68 -7.32 -54.50
CA GLU A 230 20.85 -6.95 -53.10
C GLU A 230 22.33 -7.09 -52.67
N SER A 231 23.03 -8.13 -53.16
CA SER A 231 24.47 -8.32 -52.86
C SER A 231 25.40 -7.19 -53.37
N ASP A 232 24.93 -6.31 -54.25
CA ASP A 232 25.70 -5.19 -54.76
C ASP A 232 25.55 -3.95 -53.85
N ALA A 233 24.64 -3.96 -52.85
CA ALA A 233 24.49 -2.76 -52.04
C ALA A 233 25.78 -2.46 -51.28
N VAL A 234 26.17 -1.19 -51.24
CA VAL A 234 27.32 -0.74 -50.45
C VAL A 234 26.76 0.18 -49.37
N PRO A 235 27.49 0.33 -48.24
CA PRO A 235 27.10 1.28 -47.20
C PRO A 235 27.14 2.74 -47.69
N VAL A 236 26.18 3.50 -47.14
CA VAL A 236 26.07 4.94 -47.32
C VAL A 236 26.35 5.67 -46.03
N MET A 237 26.25 4.97 -44.86
CA MET A 237 26.54 5.54 -43.54
C MET A 237 27.26 4.45 -42.75
N ASP A 238 28.39 4.85 -42.14
CA ASP A 238 29.22 3.89 -41.43
C ASP A 238 28.54 3.41 -40.12
N ALA A 239 29.01 2.23 -39.69
CA ALA A 239 28.84 1.64 -38.39
C ALA A 239 29.36 2.61 -37.34
N PRO A 240 28.77 2.62 -36.11
CA PRO A 240 27.57 1.80 -35.81
C PRO A 240 26.21 2.49 -36.06
N MET A 241 25.27 1.73 -36.62
CA MET A 241 23.90 2.19 -36.83
C MET A 241 22.93 1.22 -36.16
N SER A 242 21.78 1.77 -35.73
CA SER A 242 20.75 0.97 -35.11
C SER A 242 19.46 1.03 -35.95
N GLU A 243 18.32 0.80 -35.26
CA GLU A 243 17.01 1.12 -35.80
C GLU A 243 17.14 2.53 -36.33
N MET A 244 16.45 2.85 -37.43
CA MET A 244 16.52 4.14 -38.05
C MET A 244 15.14 4.66 -38.41
N SER A 245 15.09 5.99 -38.57
CA SER A 245 13.96 6.74 -39.09
C SER A 245 14.51 7.79 -40.09
N VAL A 246 13.89 7.90 -41.26
CA VAL A 246 14.20 8.91 -42.26
C VAL A 246 12.92 9.63 -42.73
N GLN A 247 13.04 10.97 -42.80
CA GLN A 247 11.97 11.87 -43.13
C GLN A 247 12.52 12.86 -44.17
N TYR A 248 11.77 13.09 -45.26
CA TYR A 248 12.01 14.25 -46.10
C TYR A 248 11.34 15.49 -45.53
N ASP A 249 12.16 16.48 -45.14
CA ASP A 249 11.74 17.71 -44.49
C ASP A 249 11.63 18.81 -45.55
N ALA A 250 10.41 19.28 -45.82
CA ALA A 250 10.16 20.34 -46.82
C ALA A 250 10.64 21.72 -46.35
N TYR A 251 10.73 21.93 -45.03
CA TYR A 251 11.23 23.19 -44.49
C TYR A 251 12.68 23.45 -44.93
N SER A 252 13.51 22.41 -44.82
CA SER A 252 14.93 22.52 -45.03
C SER A 252 15.25 21.94 -46.42
N LYS A 253 14.28 21.30 -47.08
CA LYS A 253 14.54 20.59 -48.35
C LYS A 253 15.72 19.60 -48.26
N ARG A 254 15.76 18.78 -47.18
CA ARG A 254 16.74 17.76 -46.93
C ARG A 254 16.08 16.52 -46.32
N PHE A 255 16.69 15.35 -46.53
CA PHE A 255 16.31 14.18 -45.75
C PHE A 255 16.99 14.30 -44.40
N LEU A 256 16.27 13.83 -43.37
CA LEU A 256 16.74 13.81 -41.97
C LEU A 256 16.77 12.32 -41.54
N MET A 257 17.85 11.89 -40.85
CA MET A 257 17.96 10.50 -40.45
C MET A 257 18.29 10.52 -38.95
N MET A 258 17.47 9.81 -38.14
CA MET A 258 17.75 9.63 -36.70
C MET A 258 18.07 8.15 -36.41
N THR A 259 19.07 7.95 -35.55
CA THR A 259 19.46 6.63 -35.07
C THR A 259 20.28 6.82 -33.79
N LEU A 260 20.20 5.78 -32.95
CA LEU A 260 21.23 5.52 -31.94
C LEU A 260 22.53 5.00 -32.57
N SER A 261 23.62 5.76 -32.39
CA SER A 261 24.91 5.40 -32.95
C SER A 261 25.92 5.29 -31.81
N GLY A 262 26.22 4.07 -31.37
CA GLY A 262 27.04 3.90 -30.18
C GLY A 262 26.27 4.26 -28.92
N GLU A 263 26.67 5.32 -28.25
CA GLU A 263 26.00 5.77 -27.02
C GLU A 263 24.79 6.69 -27.19
N ASP A 264 24.81 7.61 -28.18
CA ASP A 264 23.82 8.69 -28.23
C ASP A 264 22.92 8.55 -29.47
N ILE A 265 21.66 9.05 -29.37
CA ILE A 265 20.86 9.28 -30.56
C ILE A 265 21.45 10.51 -31.25
N ILE A 266 21.55 10.40 -32.55
CA ILE A 266 22.17 11.39 -33.46
C ILE A 266 21.23 11.63 -34.64
N MET A 267 21.40 12.79 -35.27
CA MET A 267 20.76 13.09 -36.55
C MET A 267 21.82 13.42 -37.62
N ARG A 268 21.54 12.90 -38.82
CA ARG A 268 22.32 13.27 -40.01
C ARG A 268 21.35 13.77 -41.08
N THR A 269 21.85 14.50 -42.09
CA THR A 269 21.04 15.13 -43.13
C THR A 269 21.71 14.99 -44.51
N ALA A 270 20.85 15.02 -45.54
CA ALA A 270 21.34 14.89 -46.92
C ALA A 270 20.33 15.45 -47.89
N THR A 271 20.82 15.79 -49.12
CA THR A 271 19.84 16.10 -50.16
C THR A 271 19.63 14.92 -51.10
N ALA A 272 20.45 13.87 -51.06
CA ALA A 272 20.25 12.66 -51.82
C ALA A 272 20.32 11.47 -50.85
N PRO A 273 19.42 10.45 -51.00
CA PRO A 273 19.39 9.30 -50.07
C PRO A 273 20.68 8.48 -50.01
N GLU A 274 21.43 8.43 -51.13
CA GLU A 274 22.72 7.77 -51.16
C GLU A 274 23.85 8.60 -50.55
N GLY A 275 23.59 9.86 -50.18
CA GLY A 275 24.55 10.75 -49.56
C GLY A 275 25.07 11.80 -50.57
N PRO A 276 25.98 12.72 -50.16
CA PRO A 276 26.62 12.65 -48.85
C PRO A 276 25.69 12.97 -47.67
N TRP A 277 25.99 12.34 -46.51
CA TRP A 277 25.30 12.56 -45.25
C TRP A 277 26.17 13.41 -44.33
N THR A 278 25.63 14.54 -43.88
CA THR A 278 26.29 15.48 -42.98
C THR A 278 26.61 14.71 -41.68
N PRO A 279 27.72 15.12 -41.00
CA PRO A 279 28.15 14.45 -39.78
C PRO A 279 27.04 14.47 -38.71
N ALA A 280 27.13 13.49 -37.84
CA ALA A 280 26.22 13.35 -36.70
C ALA A 280 26.12 14.63 -35.89
N GLN A 281 24.86 14.99 -35.56
CA GLN A 281 24.58 16.00 -34.55
C GLN A 281 23.93 15.27 -33.39
N THR A 282 24.34 15.60 -32.16
CA THR A 282 23.70 14.98 -30.99
C THR A 282 22.23 15.43 -30.90
N VAL A 283 21.31 14.44 -30.71
CA VAL A 283 19.90 14.64 -30.49
C VAL A 283 19.64 14.44 -29.00
N ALA A 284 20.07 13.28 -28.47
CA ALA A 284 20.01 13.04 -27.02
C ALA A 284 21.20 12.16 -26.62
N SER A 285 21.87 12.52 -25.51
CA SER A 285 23.03 11.80 -24.98
C SER A 285 22.58 10.77 -23.93
N SER A 286 23.30 9.66 -23.87
CA SER A 286 23.13 8.63 -22.85
C SER A 286 23.35 9.16 -21.42
N THR A 287 24.05 10.28 -21.29
CA THR A 287 24.28 10.87 -19.96
C THR A 287 22.96 11.46 -19.44
N ASP A 288 22.23 12.18 -20.30
CA ASP A 288 20.96 12.77 -19.93
C ASP A 288 19.79 11.77 -19.97
N TYR A 289 19.86 10.79 -20.90
CA TYR A 289 18.78 9.83 -21.18
C TYR A 289 19.40 8.44 -21.21
N PRO A 290 19.68 7.86 -20.00
CA PRO A 290 20.42 6.60 -19.97
C PRO A 290 19.58 5.49 -20.61
N ALA A 291 20.28 4.63 -21.37
CA ALA A 291 19.67 3.47 -22.04
C ALA A 291 18.49 3.83 -23.00
N LEU A 292 18.60 5.01 -23.60
CA LEU A 292 17.72 5.46 -24.68
C LEU A 292 17.96 4.63 -25.95
N TYR A 293 16.93 4.61 -26.79
CA TYR A 293 16.97 3.92 -28.05
C TYR A 293 15.76 4.34 -28.85
N GLY A 294 15.66 3.80 -30.06
CA GLY A 294 14.63 4.22 -31.01
C GLY A 294 14.97 5.58 -31.62
N GLY A 295 13.93 6.42 -31.75
CA GLY A 295 14.05 7.72 -32.37
C GLY A 295 13.42 7.69 -33.75
N TYR A 296 12.09 7.97 -33.78
CA TYR A 296 11.28 7.90 -35.00
C TYR A 296 10.59 9.24 -35.22
N PHE A 297 10.67 9.76 -36.44
CA PHE A 297 10.10 11.06 -36.78
C PHE A 297 8.56 10.97 -36.89
N HIS A 298 7.91 12.03 -36.42
CA HIS A 298 6.48 12.12 -36.56
C HIS A 298 6.21 12.64 -37.98
N PRO A 299 5.28 11.98 -38.73
CA PRO A 299 5.04 12.34 -40.12
C PRO A 299 4.52 13.77 -40.37
N TRP A 300 4.00 14.45 -39.37
CA TRP A 300 3.38 15.77 -39.55
C TRP A 300 4.34 16.93 -39.15
N ASN A 301 5.65 16.64 -39.02
CA ASN A 301 6.63 17.70 -38.66
C ASN A 301 6.55 18.84 -39.70
N LYS A 302 6.55 20.11 -39.22
CA LYS A 302 6.38 21.29 -40.07
C LYS A 302 7.23 22.43 -39.45
N ASP A 303 7.80 23.32 -40.32
CA ASP A 303 8.29 24.64 -39.86
C ASP A 303 9.61 24.45 -39.07
N GLY A 304 10.27 23.27 -39.19
CA GLY A 304 11.55 23.02 -38.51
C GLY A 304 11.34 22.56 -37.07
N GLU A 305 10.09 22.26 -36.69
CA GLU A 305 9.71 21.82 -35.33
C GLU A 305 9.59 20.28 -35.42
N ILE A 306 10.64 19.59 -34.99
CA ILE A 306 10.85 18.17 -35.28
C ILE A 306 10.50 17.35 -34.02
N TYR A 307 9.30 16.71 -34.07
CA TYR A 307 8.84 15.83 -33.02
C TYR A 307 9.25 14.40 -33.39
N PHE A 308 9.54 13.56 -32.37
CA PHE A 308 9.98 12.19 -32.59
C PHE A 308 9.67 11.40 -31.33
N THR A 309 9.57 10.08 -31.50
CA THR A 309 9.42 9.19 -30.32
C THR A 309 10.77 8.60 -29.93
N MET A 310 11.00 8.53 -28.60
CA MET A 310 12.18 7.97 -28.01
C MET A 310 11.80 6.94 -26.93
N SER A 311 12.54 5.80 -26.90
CA SER A 311 12.29 4.74 -25.97
C SER A 311 13.40 4.83 -24.89
N GLN A 312 13.17 4.22 -23.73
CA GLN A 312 14.19 4.16 -22.67
C GLN A 312 13.97 2.88 -21.86
N TRP A 313 15.02 2.14 -21.60
CA TRP A 313 14.94 0.81 -21.04
C TRP A 313 14.31 0.76 -19.65
N ASN A 314 14.81 1.55 -18.72
CA ASN A 314 14.39 1.31 -17.32
C ASN A 314 12.86 1.55 -17.17
N PRO A 315 12.28 2.72 -17.60
CA PRO A 315 10.83 2.85 -17.57
C PRO A 315 10.06 2.02 -18.62
N TYR A 316 10.78 1.44 -19.62
CA TYR A 316 10.31 0.67 -20.75
C TYR A 316 8.99 1.21 -21.28
N ASN A 317 9.11 2.39 -21.90
CA ASN A 317 7.94 3.14 -22.36
C ASN A 317 8.45 4.19 -23.33
N VAL A 318 7.51 4.78 -24.06
CA VAL A 318 7.82 5.67 -25.18
C VAL A 318 7.45 7.11 -24.81
N TYR A 319 8.36 8.05 -25.19
CA TYR A 319 8.26 9.47 -24.92
C TYR A 319 8.20 10.21 -26.24
N LEU A 320 7.31 11.21 -26.30
CA LEU A 320 7.33 12.22 -27.35
C LEU A 320 8.34 13.33 -26.98
N MET A 321 9.23 13.66 -27.95
CA MET A 321 10.35 14.57 -27.77
C MET A 321 10.19 15.66 -28.83
N ARG A 322 11.00 16.74 -28.76
CA ARG A 322 11.04 17.70 -29.86
C ARG A 322 12.43 18.35 -29.93
N LEU A 323 12.79 18.77 -31.13
CA LEU A 323 13.93 19.66 -31.28
C LEU A 323 13.58 20.63 -32.41
N ARG A 324 14.49 21.61 -32.65
CA ARG A 324 14.29 22.63 -33.70
C ARG A 324 15.48 22.58 -34.65
N ILE A 325 15.15 22.63 -35.95
CA ILE A 325 16.21 22.80 -36.95
C ILE A 325 16.01 24.15 -37.68
N ASP A 326 17.15 24.60 -38.27
CA ASP A 326 17.12 25.71 -39.21
C ASP A 326 16.95 25.16 -40.62
N ARG A 327 17.04 26.06 -41.64
CA ARG A 327 16.77 25.70 -43.03
C ARG A 327 17.90 24.87 -43.66
N ASP A 328 19.01 24.74 -42.94
CA ASP A 328 20.12 23.93 -43.39
C ASP A 328 20.11 22.55 -42.71
N GLY A 329 19.12 22.28 -41.83
CA GLY A 329 19.07 21.04 -41.07
C GLY A 329 20.01 21.01 -39.85
N ASN A 330 20.47 22.18 -39.37
CA ASN A 330 21.28 22.25 -38.15
C ASN A 330 20.31 22.41 -36.97
N ILE A 331 20.59 21.70 -35.88
CA ILE A 331 19.83 21.84 -34.64
C ILE A 331 20.15 23.20 -34.02
N ILE A 332 19.12 23.99 -33.80
CA ILE A 332 19.19 25.29 -33.13
C ILE A 332 18.23 25.34 -31.92
N ASP A 333 18.37 26.42 -31.12
CA ASP A 333 17.53 26.74 -29.97
C ASP A 333 17.46 25.51 -29.05
N PRO A 334 18.62 24.98 -28.62
CA PRO A 334 18.65 23.82 -27.72
C PRO A 334 18.07 24.17 -26.37
N ASN A 335 17.67 23.14 -25.63
CA ASN A 335 17.34 23.30 -24.22
C ASN A 335 18.50 24.02 -23.51
N LEU A 336 18.22 25.19 -22.94
CA LEU A 336 19.23 25.99 -22.26
C LEU A 336 19.46 25.56 -20.81
N VAL A 337 18.52 24.78 -20.22
CA VAL A 337 18.72 24.17 -18.92
C VAL A 337 19.83 23.11 -18.96
N THR A 338 20.81 23.23 -18.02
CA THR A 338 21.84 22.24 -17.88
C THR A 338 21.34 21.11 -16.96
N ASP A 339 21.70 19.88 -17.30
CA ASP A 339 21.34 18.70 -16.54
C ASP A 339 19.81 18.64 -16.38
N ALA A 340 19.09 18.79 -17.50
CA ALA A 340 17.63 18.91 -17.49
C ALA A 340 16.90 17.74 -16.83
N SER A 341 17.44 16.52 -16.88
CA SER A 341 16.76 15.33 -16.35
C SER A 341 17.41 14.92 -15.01
N PHE A 342 18.25 15.78 -14.41
CA PHE A 342 18.93 15.57 -13.13
C PHE A 342 19.87 14.36 -13.12
N GLU A 343 20.17 13.76 -14.28
CA GLU A 343 20.90 12.48 -14.29
C GLU A 343 22.42 12.65 -14.06
N ARG A 344 22.91 13.88 -14.20
CA ARG A 344 24.36 14.14 -14.23
C ARG A 344 24.91 14.26 -12.80
N SER A 345 24.07 14.51 -11.80
CA SER A 345 24.58 14.68 -10.43
C SER A 345 23.72 13.84 -9.52
N THR A 346 24.35 13.48 -8.41
CA THR A 346 23.61 12.89 -7.31
C THR A 346 23.35 13.90 -6.20
N THR A 347 23.90 15.16 -6.28
CA THR A 347 23.61 16.21 -5.30
C THR A 347 23.20 17.49 -6.03
N LEU A 348 22.48 18.36 -5.33
CA LEU A 348 22.29 19.75 -5.75
C LEU A 348 23.61 20.53 -5.72
N GLY A 349 23.61 21.68 -6.40
CA GLY A 349 24.74 22.62 -6.38
C GLY A 349 24.25 23.89 -5.67
N ASP A 350 24.73 25.02 -6.19
CA ASP A 350 24.38 26.31 -5.61
C ASP A 350 23.52 27.14 -6.57
N GLY A 351 23.06 26.52 -7.67
CA GLY A 351 22.09 27.15 -8.56
C GLY A 351 22.78 27.98 -9.65
N THR A 352 24.12 28.13 -9.53
CA THR A 352 24.93 28.95 -10.45
C THR A 352 25.79 28.03 -11.31
N ASN A 353 26.27 28.55 -12.46
CA ASN A 353 27.21 27.87 -13.35
C ASN A 353 26.66 26.54 -13.89
N GLY A 354 25.36 26.51 -14.16
CA GLY A 354 24.77 25.34 -14.79
C GLY A 354 24.49 24.23 -13.77
N THR A 355 24.19 24.64 -12.52
CA THR A 355 23.78 23.72 -11.47
C THR A 355 22.37 24.08 -11.00
N TRP A 356 21.76 23.12 -10.32
CA TRP A 356 20.51 23.26 -9.57
C TRP A 356 20.77 23.61 -8.13
N ALA A 357 19.80 24.28 -7.52
CA ALA A 357 19.78 24.54 -6.09
C ALA A 357 18.38 24.32 -5.55
N ALA A 358 18.28 24.18 -4.23
CA ALA A 358 17.00 24.03 -3.57
C ALA A 358 17.10 24.33 -2.08
N LYS A 359 15.91 24.57 -1.50
CA LYS A 359 15.72 24.86 -0.07
C LYS A 359 15.77 23.52 0.63
N PRO A 360 16.10 23.44 1.96
CA PRO A 360 15.90 22.20 2.71
C PRO A 360 14.39 21.85 2.80
N ASN A 361 14.03 20.55 2.88
CA ASN A 361 14.86 19.40 2.58
C ASN A 361 14.75 19.06 1.08
N SER A 362 15.86 18.74 0.43
CA SER A 362 15.85 18.50 -1.02
C SER A 362 16.87 17.40 -1.35
N GLY A 363 16.83 16.99 -2.61
CA GLY A 363 17.83 16.10 -3.10
C GLY A 363 17.56 15.62 -4.54
N ILE A 364 18.43 14.70 -4.98
CA ILE A 364 18.24 13.95 -6.19
C ILE A 364 17.94 12.50 -5.87
N ASP A 365 16.65 12.10 -5.99
CA ASP A 365 16.28 10.69 -5.90
C ASP A 365 16.96 9.91 -7.03
N ASN A 366 17.60 8.79 -6.68
CA ASN A 366 18.36 8.02 -7.66
C ASN A 366 18.04 6.52 -7.48
N ALA A 367 17.29 5.93 -8.40
CA ALA A 367 16.86 4.53 -8.28
C ALA A 367 16.32 4.08 -9.63
N PRO A 368 16.29 2.75 -9.96
CA PRO A 368 15.93 2.33 -11.34
C PRO A 368 14.54 2.88 -11.67
N ALA A 369 14.50 3.71 -12.73
CA ALA A 369 13.26 4.32 -13.24
C ALA A 369 12.59 5.23 -12.22
N ALA A 370 13.37 5.82 -11.28
CA ALA A 370 12.77 6.78 -10.36
C ALA A 370 12.40 8.07 -11.09
N GLY A 371 13.07 8.41 -12.17
CA GLY A 371 12.79 9.68 -12.83
C GLY A 371 11.47 9.57 -13.58
N PHE A 372 10.98 10.73 -13.97
CA PHE A 372 10.01 10.78 -15.07
C PHE A 372 10.54 10.02 -16.24
N THR A 373 11.79 10.43 -16.64
CA THR A 373 12.68 9.64 -17.44
C THR A 373 13.92 9.37 -16.59
N GLY A 374 14.61 8.30 -16.93
CA GLY A 374 15.93 7.96 -16.40
C GLY A 374 15.77 7.61 -14.92
N ASP A 375 16.88 7.64 -14.19
CA ASP A 375 16.90 7.14 -12.83
C ASP A 375 16.95 8.27 -11.80
N HIS A 376 16.95 9.54 -12.24
CA HIS A 376 17.06 10.65 -11.29
C HIS A 376 15.89 11.61 -11.53
N ARG A 377 15.45 12.20 -10.41
CA ARG A 377 14.52 13.34 -10.34
C ARG A 377 14.97 14.19 -9.14
N ALA A 378 14.51 15.41 -9.09
CA ALA A 378 14.72 16.32 -7.98
C ALA A 378 13.47 16.26 -7.10
N PHE A 379 13.68 16.57 -5.83
CA PHE A 379 12.57 16.75 -4.90
C PHE A 379 12.89 17.88 -3.89
N VAL A 380 11.80 18.43 -3.38
CA VAL A 380 11.87 19.28 -2.21
C VAL A 380 10.71 18.97 -1.29
N ARG A 381 10.92 19.12 0.05
CA ARG A 381 10.00 18.66 1.06
C ARG A 381 10.23 19.38 2.39
N TYR A 382 9.17 19.92 2.99
CA TYR A 382 9.26 20.50 4.34
C TYR A 382 7.83 20.65 4.90
N ASN A 383 7.71 21.23 6.12
CA ASN A 383 6.45 21.43 6.82
C ASN A 383 6.35 22.92 7.27
N SER A 384 7.05 23.81 6.58
CA SER A 384 6.93 25.24 6.86
C SER A 384 7.48 26.06 5.69
N GLY A 385 6.69 27.00 5.21
CA GLY A 385 7.20 28.04 4.31
C GLY A 385 7.30 27.62 2.85
N TRP A 386 7.97 28.48 2.06
CA TRP A 386 8.12 28.38 0.61
C TRP A 386 9.34 27.50 0.31
N ARG A 387 9.13 26.41 -0.44
CA ARG A 387 10.19 25.41 -0.66
C ARG A 387 10.30 25.12 -2.15
N ASP A 388 11.45 25.48 -2.72
CA ASP A 388 11.66 25.57 -4.17
C ASP A 388 13.00 24.96 -4.62
N ILE A 389 13.06 24.68 -5.94
CA ILE A 389 14.19 24.15 -6.68
C ILE A 389 14.38 25.09 -7.87
N TRP A 390 15.65 25.46 -8.20
CA TRP A 390 15.83 26.49 -9.20
C TRP A 390 17.22 26.35 -9.82
N GLN A 391 17.30 26.98 -11.02
CA GLN A 391 18.55 27.08 -11.74
C GLN A 391 18.67 28.42 -12.47
N ASP A 392 19.86 29.03 -12.39
CA ASP A 392 20.15 30.26 -13.15
C ASP A 392 20.48 29.89 -14.61
N VAL A 393 19.76 30.49 -15.57
CA VAL A 393 19.96 30.19 -16.97
C VAL A 393 20.29 31.50 -17.73
N ALA A 394 21.39 31.53 -18.49
CA ALA A 394 21.63 32.67 -19.38
C ALA A 394 20.59 32.70 -20.49
N VAL A 395 20.06 33.90 -20.77
CA VAL A 395 19.09 34.20 -21.83
C VAL A 395 19.51 35.48 -22.58
N GLU A 396 18.83 35.74 -23.69
CA GLU A 396 19.08 36.92 -24.53
C GLU A 396 18.10 38.03 -24.15
N ARG A 397 18.64 39.24 -23.95
CA ARG A 397 17.86 40.40 -23.58
C ARG A 397 16.75 40.56 -24.61
N GLY A 398 15.49 40.78 -24.13
CA GLY A 398 14.34 41.06 -24.98
C GLY A 398 13.91 39.90 -25.88
N ALA A 399 14.46 38.69 -25.69
CA ALA A 399 13.93 37.51 -26.38
C ALA A 399 12.78 36.87 -25.58
N LYS A 400 12.03 35.98 -26.27
CA LYS A 400 10.90 35.27 -25.72
C LYS A 400 11.27 33.80 -25.55
N TYR A 401 10.81 33.20 -24.43
CA TYR A 401 11.20 31.85 -24.06
C TYR A 401 9.96 31.01 -23.69
N ARG A 402 10.17 29.69 -23.77
CA ARG A 402 9.17 28.71 -23.42
C ARG A 402 9.79 27.73 -22.42
N LEU A 403 9.16 27.65 -21.25
CA LEU A 403 9.59 26.78 -20.16
C LEU A 403 8.58 25.66 -20.04
N THR A 404 9.08 24.42 -20.13
CA THR A 404 8.24 23.27 -19.73
C THR A 404 8.96 22.39 -18.71
N GLY A 405 8.15 21.64 -17.93
CA GLY A 405 8.75 20.66 -17.05
C GLY A 405 7.69 19.80 -16.39
N PHE A 406 8.14 18.64 -15.87
CA PHE A 406 7.24 17.66 -15.31
C PHE A 406 7.34 17.66 -13.81
N LEU A 407 6.17 17.65 -13.16
CA LEU A 407 6.12 17.62 -11.68
C LEU A 407 4.93 16.86 -11.16
N ARG A 408 5.05 16.44 -9.90
CA ARG A 408 3.95 15.90 -9.11
C ARG A 408 4.21 16.24 -7.65
N THR A 409 3.14 16.13 -6.84
CA THR A 409 3.24 16.52 -5.44
C THR A 409 2.66 15.44 -4.54
N SER A 410 2.95 15.55 -3.23
CA SER A 410 2.16 14.85 -2.22
C SER A 410 0.70 15.28 -2.35
N VAL A 411 -0.21 14.43 -1.88
CA VAL A 411 -1.64 14.66 -2.09
C VAL A 411 -2.03 15.96 -1.34
N ASN A 412 -1.36 16.22 -0.18
CA ASN A 412 -1.72 17.33 0.71
C ASN A 412 -1.17 18.66 0.28
N SER A 413 -0.50 18.72 -0.90
CA SER A 413 -0.03 19.99 -1.42
C SER A 413 -1.21 20.91 -1.67
N ASP A 414 -1.11 22.23 -1.32
CA ASP A 414 -2.18 23.16 -1.58
C ASP A 414 -1.83 24.32 -2.52
N ASN A 415 -0.55 24.69 -2.79
CA ASN A 415 -0.21 25.88 -3.58
C ASN A 415 1.27 25.86 -3.95
N GLY A 416 1.53 25.51 -5.21
CA GLY A 416 2.86 25.63 -5.75
C GLY A 416 2.87 26.45 -7.01
N PHE A 417 4.09 26.70 -7.45
CA PHE A 417 4.33 27.53 -8.61
C PHE A 417 5.48 26.96 -9.44
N PHE A 418 5.36 27.21 -10.72
CA PHE A 418 6.36 26.83 -11.69
C PHE A 418 6.54 27.96 -12.68
N GLY A 419 7.79 28.40 -12.91
CA GLY A 419 7.97 29.57 -13.76
C GLY A 419 9.41 30.07 -13.89
N ALA A 420 9.53 31.37 -14.23
CA ALA A 420 10.82 32.08 -14.35
C ALA A 420 10.76 33.41 -13.57
N ARG A 421 11.88 33.77 -12.92
CA ARG A 421 11.95 34.95 -12.04
C ARG A 421 13.36 35.52 -12.21
N THR A 422 13.56 36.80 -11.80
CA THR A 422 14.89 37.42 -11.91
C THR A 422 15.79 36.77 -10.87
N LEU A 423 17.09 37.06 -10.92
CA LEU A 423 17.98 36.45 -9.92
C LEU A 423 17.75 37.04 -8.53
N ASP A 424 17.04 38.19 -8.43
CA ASP A 424 16.63 38.75 -7.15
C ASP A 424 15.28 38.26 -6.66
N GLY A 425 14.61 37.42 -7.42
CA GLY A 425 13.41 36.79 -6.87
C GLY A 425 12.11 37.37 -7.42
N VAL A 426 12.21 38.33 -8.35
CA VAL A 426 11.05 39.04 -8.88
C VAL A 426 10.43 38.18 -9.99
N PRO A 427 9.13 37.81 -9.89
CA PRO A 427 8.54 36.82 -10.81
C PRO A 427 8.45 37.48 -12.21
N ILE A 428 8.64 36.68 -13.26
CA ILE A 428 8.54 37.16 -14.61
C ILE A 428 7.29 36.56 -15.22
N GLY A 429 7.19 35.23 -15.11
CA GLY A 429 5.97 34.55 -15.54
C GLY A 429 5.88 33.21 -14.80
N GLU A 430 4.67 32.79 -14.44
CA GLU A 430 4.54 31.55 -13.70
CA GLU A 430 4.54 31.54 -13.72
C GLU A 430 3.10 31.01 -13.78
N ILE A 431 2.96 29.72 -13.50
CA ILE A 431 1.65 29.13 -13.25
C ILE A 431 1.57 28.68 -11.78
N ASN A 432 0.33 28.41 -11.36
CA ASN A 432 -0.05 27.97 -10.03
C ASN A 432 -0.76 26.61 -10.08
N PHE A 433 -0.26 25.61 -9.33
CA PHE A 433 -0.84 24.31 -9.16
C PHE A 433 -1.16 24.11 -7.66
N HIS A 434 -2.00 23.10 -7.38
CA HIS A 434 -2.46 22.78 -6.03
C HIS A 434 -1.84 21.42 -5.65
N SER A 435 -2.56 20.36 -5.95
CA SER A 435 -2.18 18.97 -5.70
C SER A 435 -2.12 18.21 -7.03
N VAL A 436 -0.97 17.57 -7.31
CA VAL A 436 -0.71 17.02 -8.60
C VAL A 436 -0.38 15.55 -8.44
N GLY A 437 -1.27 14.67 -8.94
CA GLY A 437 -1.11 13.23 -8.73
C GLY A 437 -0.10 12.56 -9.67
N ALA A 438 -0.56 12.35 -10.90
CA ALA A 438 0.30 11.89 -12.00
C ALA A 438 1.43 12.90 -12.26
N TRP A 439 2.62 12.39 -12.65
CA TRP A 439 3.55 13.26 -13.36
C TRP A 439 2.75 14.11 -14.38
N THR A 440 2.84 15.44 -14.26
CA THR A 440 2.11 16.37 -15.13
C THR A 440 3.06 17.45 -15.72
N ARG A 441 2.96 17.77 -17.03
CA ARG A 441 3.78 18.80 -17.62
C ARG A 441 3.06 20.16 -17.39
N PHE A 442 3.86 21.15 -16.94
CA PHE A 442 3.43 22.55 -16.94
C PHE A 442 4.25 23.33 -18.00
N THR A 443 3.67 24.47 -18.45
CA THR A 443 4.14 25.19 -19.59
C THR A 443 3.93 26.70 -19.33
N VAL A 444 5.03 27.47 -19.44
CA VAL A 444 5.05 28.89 -19.19
C VAL A 444 5.83 29.55 -20.32
N GLU A 445 5.19 30.51 -20.99
CA GLU A 445 5.93 31.31 -21.95
C GLU A 445 6.08 32.74 -21.42
N PHE A 446 7.26 33.36 -21.64
CA PHE A 446 7.55 34.68 -21.08
C PHE A 446 8.60 35.43 -21.91
N ASP A 447 8.63 36.78 -21.78
CA ASP A 447 9.65 37.66 -22.31
C ASP A 447 10.77 37.77 -21.29
N ALA A 448 12.01 37.54 -21.73
CA ALA A 448 13.18 37.71 -20.87
C ALA A 448 13.26 39.14 -20.30
N GLY A 449 12.81 40.17 -21.04
CA GLY A 449 13.00 41.56 -20.59
C GLY A 449 14.47 42.01 -20.70
N ASP A 450 14.84 43.17 -20.12
CA ASP A 450 16.24 43.60 -20.20
C ASP A 450 17.02 42.95 -19.05
N ARG A 451 17.34 41.68 -19.24
CA ARG A 451 18.23 40.93 -18.37
C ARG A 451 18.82 39.80 -19.18
N ASP A 452 19.99 39.36 -18.77
CA ASP A 452 20.73 38.33 -19.49
C ASP A 452 20.69 37.01 -18.71
N ALA A 453 19.95 36.96 -17.57
CA ALA A 453 19.79 35.73 -16.84
C ALA A 453 18.40 35.71 -16.17
N VAL A 454 17.83 34.50 -16.13
CA VAL A 454 16.63 34.25 -15.33
C VAL A 454 16.86 33.01 -14.47
N GLN A 455 16.02 32.90 -13.46
CA GLN A 455 16.01 31.73 -12.58
C GLN A 455 14.76 30.95 -12.92
N VAL A 456 14.95 29.72 -13.47
CA VAL A 456 13.81 28.83 -13.65
C VAL A 456 13.57 28.05 -12.36
N PHE A 457 12.32 27.78 -12.00
CA PHE A 457 12.01 27.25 -10.68
C PHE A 457 10.68 26.48 -10.64
N GLY A 458 10.59 25.56 -9.68
CA GLY A 458 9.33 25.03 -9.20
C GLY A 458 9.39 24.92 -7.70
N GLY A 459 8.26 25.05 -7.08
CA GLY A 459 8.20 25.01 -5.63
C GLY A 459 6.79 24.78 -5.10
N VAL A 460 6.72 24.53 -3.79
CA VAL A 460 5.46 24.36 -3.06
C VAL A 460 5.50 25.15 -1.75
N TRP A 461 4.39 25.80 -1.41
CA TRP A 461 4.15 26.20 -0.02
C TRP A 461 3.92 24.97 0.87
N THR A 462 4.61 24.99 2.03
CA THR A 462 4.55 23.87 2.96
C THR A 462 4.04 24.29 4.36
N ASN A 463 3.38 25.47 4.42
CA ASN A 463 2.72 25.90 5.67
C ASN A 463 1.67 24.89 6.10
N SER A 464 0.92 24.23 5.17
CA SER A 464 -0.25 23.43 5.54
C SER A 464 0.07 22.02 6.04
N GLY A 465 1.33 21.57 5.87
CA GLY A 465 1.65 20.23 6.29
C GLY A 465 2.96 19.75 5.69
N ASP A 466 3.30 18.48 5.98
CA ASP A 466 4.51 17.88 5.42
C ASP A 466 4.20 17.55 3.97
N ILE A 467 4.77 18.40 3.10
CA ILE A 467 4.42 18.49 1.68
C ILE A 467 5.69 18.36 0.87
N TRP A 468 5.56 17.66 -0.30
CA TRP A 468 6.72 17.53 -1.20
C TRP A 468 6.30 17.75 -2.65
N MET A 469 7.28 18.04 -3.45
CA MET A 469 7.17 18.14 -4.91
C MET A 469 8.36 17.40 -5.52
N GLN A 470 8.12 16.66 -6.62
CA GLN A 470 9.16 16.09 -7.49
C GLN A 470 9.14 16.73 -8.84
N LEU A 471 10.31 16.83 -9.47
CA LEU A 471 10.53 17.57 -10.70
C LEU A 471 11.52 16.85 -11.64
N ASP A 472 11.28 16.88 -12.95
CA ASP A 472 12.16 16.26 -13.93
C ASP A 472 11.98 16.91 -15.32
N ASP A 473 13.00 16.82 -16.14
CA ASP A 473 12.99 17.05 -17.62
C ASP A 473 12.54 18.47 -17.93
N VAL A 474 13.18 19.43 -17.23
CA VAL A 474 12.87 20.83 -17.40
C VAL A 474 13.60 21.38 -18.64
N SER A 475 12.83 22.14 -19.45
CA SER A 475 13.33 22.71 -20.69
C SER A 475 13.03 24.21 -20.76
N LEU A 476 14.07 24.97 -21.12
CA LEU A 476 13.93 26.39 -21.51
C LEU A 476 14.43 26.55 -22.94
N THR A 477 13.52 26.90 -23.87
CA THR A 477 13.84 27.11 -25.28
C THR A 477 13.31 28.46 -25.76
N LYS A 478 14.15 29.05 -26.65
CA LYS A 478 13.80 30.27 -27.31
C LYS A 478 12.60 29.99 -28.21
N VAL A 479 11.70 30.95 -28.28
CA VAL A 479 10.54 30.94 -29.18
C VAL A 479 10.91 31.50 -30.57
N ARG A 480 10.46 30.84 -31.64
CA ARG A 480 10.73 31.14 -33.07
C ARG A 480 11.86 30.22 -33.53
N THR B 2 -1.42 -6.27 19.78
CA THR B 2 -0.47 -7.11 19.01
C THR B 2 -1.23 -8.22 18.29
N THR B 3 -0.53 -8.87 17.39
CA THR B 3 -1.01 -10.01 16.60
C THR B 3 -0.72 -11.34 17.30
N SER B 4 -0.27 -11.31 18.56
CA SER B 4 0.01 -12.46 19.40
C SER B 4 -1.26 -13.31 19.52
N ARG B 5 -1.08 -14.64 19.55
CA ARG B 5 -2.18 -15.56 19.80
C ARG B 5 -2.81 -15.28 21.17
N THR B 6 -4.11 -15.48 21.22
CA THR B 6 -4.92 -15.35 22.43
C THR B 6 -5.17 -16.76 23.01
N PRO B 7 -4.62 -17.12 24.19
CA PRO B 7 -4.84 -18.47 24.74
C PRO B 7 -6.23 -18.65 25.39
N ALA B 8 -6.81 -17.52 25.83
CA ALA B 8 -8.06 -17.46 26.55
C ALA B 8 -9.28 -17.78 25.71
N THR B 9 -10.27 -18.32 26.42
CA THR B 9 -11.51 -18.79 25.83
C THR B 9 -12.68 -17.89 26.33
N VAL B 10 -13.61 -17.53 25.40
CA VAL B 10 -14.81 -16.85 25.80
C VAL B 10 -15.82 -17.87 26.33
N VAL B 11 -16.30 -17.65 27.61
CA VAL B 11 -17.28 -18.49 28.28
C VAL B 11 -18.71 -17.98 28.22
N GLU B 12 -18.95 -16.68 28.36
CA GLU B 12 -20.31 -16.17 28.34
C GLU B 12 -20.32 -14.65 28.25
N LYS B 13 -21.34 -14.07 27.59
CA LYS B 13 -21.56 -12.63 27.72
C LYS B 13 -22.36 -12.41 29.00
N LEU B 14 -21.82 -11.67 30.00
CA LEU B 14 -22.47 -11.54 31.29
C LEU B 14 -23.56 -10.46 31.33
N THR B 15 -23.43 -9.43 30.47
CA THR B 15 -24.27 -8.26 30.49
C THR B 15 -24.76 -7.90 29.10
N GLY B 16 -25.94 -7.27 29.07
CA GLY B 16 -26.37 -6.58 27.87
C GLY B 16 -27.06 -7.50 26.86
N PRO B 17 -27.24 -7.03 25.62
CA PRO B 17 -28.02 -7.84 24.65
C PRO B 17 -27.46 -9.23 24.46
N ASP B 18 -28.39 -10.19 24.44
CA ASP B 18 -28.12 -11.62 24.26
C ASP B 18 -27.57 -12.28 25.52
N ALA B 19 -27.18 -11.52 26.55
CA ALA B 19 -26.59 -12.16 27.72
C ALA B 19 -27.58 -13.12 28.39
N PRO B 20 -27.20 -14.40 28.65
CA PRO B 20 -28.09 -15.32 29.40
C PRO B 20 -28.71 -14.69 30.66
N ASN B 21 -27.90 -13.92 31.42
CA ASN B 21 -28.26 -13.20 32.63
C ASN B 21 -29.42 -12.24 32.49
N ASN B 22 -29.65 -11.72 31.26
CA ASN B 22 -30.77 -10.87 30.98
C ASN B 22 -30.73 -9.65 31.93
N THR B 23 -29.55 -9.13 32.20
CA THR B 23 -29.40 -7.92 33.01
C THR B 23 -30.24 -6.77 32.47
N TRP B 24 -30.41 -6.68 31.13
CA TRP B 24 -31.17 -5.64 30.48
C TRP B 24 -32.62 -5.69 30.93
N GLY B 25 -33.26 -6.82 30.71
CA GLY B 25 -34.66 -7.02 31.13
C GLY B 25 -34.88 -6.95 32.64
N ARG B 26 -33.98 -7.54 33.44
CA ARG B 26 -34.21 -7.64 34.89
C ARG B 26 -33.95 -6.29 35.57
N TRP B 27 -32.90 -5.59 35.10
CA TRP B 27 -32.35 -4.47 35.91
C TRP B 27 -32.03 -3.23 35.08
N ASP B 28 -32.42 -3.20 33.78
CA ASP B 28 -32.07 -2.09 32.92
C ASP B 28 -30.54 -1.86 32.85
N ILE B 29 -29.79 -2.99 32.90
CA ILE B 29 -28.36 -2.98 32.60
C ILE B 29 -28.14 -3.48 31.17
N LYS B 30 -28.15 -2.56 30.24
CA LYS B 30 -28.05 -2.86 28.81
C LYS B 30 -26.60 -2.77 28.29
N ALA B 31 -25.79 -1.89 28.87
CA ALA B 31 -24.39 -1.75 28.50
C ALA B 31 -23.60 -1.19 29.67
N THR B 32 -22.43 -1.78 29.91
CA THR B 32 -21.70 -1.56 31.17
C THR B 32 -20.28 -2.10 30.94
N ASP B 33 -19.40 -1.91 31.95
CA ASP B 33 -18.04 -2.41 31.87
C ASP B 33 -17.49 -2.75 33.26
N LEU B 34 -16.30 -3.37 33.21
CA LEU B 34 -15.40 -3.78 34.32
C LEU B 34 -15.82 -5.14 34.89
N GLY B 35 -16.82 -5.23 35.80
CA GLY B 35 -17.18 -6.53 36.38
C GLY B 35 -16.12 -6.96 37.40
N ILE B 36 -15.89 -6.07 38.35
CA ILE B 36 -14.94 -6.22 39.44
C ILE B 36 -15.55 -7.07 40.54
N MET B 37 -14.92 -8.21 40.85
CA MET B 37 -15.55 -9.22 41.70
C MET B 37 -14.76 -9.40 43.02
N TRP B 38 -15.50 -9.79 44.08
CA TRP B 38 -14.90 -10.24 45.33
C TRP B 38 -15.85 -11.16 46.08
N ASP B 39 -15.31 -11.98 47.00
CA ASP B 39 -16.06 -12.85 47.89
C ASP B 39 -16.57 -12.01 49.07
N ASP B 40 -17.90 -12.11 49.28
CA ASP B 40 -18.61 -11.26 50.23
C ASP B 40 -18.52 -11.82 51.68
N GLY B 41 -17.92 -13.03 51.83
CA GLY B 41 -17.62 -13.61 53.14
C GLY B 41 -18.81 -14.37 53.67
N ALA B 42 -19.91 -14.41 52.87
CA ALA B 42 -21.16 -15.06 53.22
C ALA B 42 -21.61 -16.03 52.12
N GLY B 43 -20.67 -16.51 51.30
CA GLY B 43 -21.04 -17.50 50.29
C GLY B 43 -21.44 -16.99 48.90
N HIS B 44 -21.14 -15.72 48.64
CA HIS B 44 -21.48 -15.03 47.38
C HIS B 44 -20.28 -14.23 46.84
N VAL B 45 -20.37 -13.90 45.54
CA VAL B 45 -19.50 -13.03 44.78
C VAL B 45 -20.26 -11.72 44.46
N LEU B 46 -19.80 -10.60 44.96
CA LEU B 46 -20.30 -9.30 44.52
C LEU B 46 -19.48 -8.81 43.35
N THR B 47 -20.19 -8.20 42.35
CA THR B 47 -19.59 -7.80 41.10
C THR B 47 -20.02 -6.36 40.82
N ALA B 48 -19.03 -5.47 40.67
CA ALA B 48 -19.24 -4.05 40.50
C ALA B 48 -18.86 -3.63 39.08
N PHE B 49 -19.60 -2.62 38.56
CA PHE B 49 -19.41 -2.14 37.20
C PHE B 49 -19.28 -0.62 37.13
N GLY B 50 -18.71 -0.11 36.02
CA GLY B 50 -18.61 1.29 35.82
C GLY B 50 -19.85 1.90 35.15
N ASP B 51 -19.57 2.89 34.31
CA ASP B 51 -20.58 3.70 33.61
C ASP B 51 -21.56 2.75 32.91
N THR B 52 -22.86 2.82 33.31
CA THR B 52 -23.88 1.84 32.93
C THR B 52 -25.00 2.58 32.20
N PHE B 53 -25.48 1.99 31.11
CA PHE B 53 -26.61 2.53 30.36
C PHE B 53 -27.74 1.51 30.26
N GLY B 54 -28.95 2.08 30.12
CA GLY B 54 -30.18 1.32 30.02
C GLY B 54 -30.72 1.08 28.62
N ASN B 55 -32.06 0.88 28.56
CA ASN B 55 -32.81 0.42 27.41
C ASN B 55 -32.49 1.16 26.11
N SER B 56 -32.32 2.52 26.14
CA SER B 56 -32.15 3.32 24.91
C SER B 56 -30.75 3.25 24.33
N TRP B 57 -29.79 2.65 25.09
CA TRP B 57 -28.44 2.46 24.55
C TRP B 57 -28.51 1.64 23.24
N THR B 58 -27.72 2.02 22.23
CA THR B 58 -27.59 1.25 21.00
C THR B 58 -26.14 0.81 20.72
N GLY B 59 -25.15 1.55 21.24
CA GLY B 59 -23.75 1.45 20.86
C GLY B 59 -23.51 1.89 19.42
N PRO B 60 -22.31 1.67 18.86
CA PRO B 60 -21.17 1.02 19.52
C PRO B 60 -20.54 1.93 20.57
N GLY B 61 -19.97 1.33 21.61
CA GLY B 61 -19.19 2.09 22.57
C GLY B 61 -20.07 2.58 23.71
N GLY B 62 -19.44 3.17 24.69
CA GLY B 62 -20.06 3.50 25.98
C GLY B 62 -20.63 4.93 26.05
N GLY B 63 -21.42 5.36 25.11
CA GLY B 63 -22.38 6.41 25.50
C GLY B 63 -23.80 5.98 25.16
N ALA B 64 -24.75 6.88 25.42
CA ALA B 64 -26.15 6.62 25.12
C ALA B 64 -26.86 7.97 24.93
N PRO B 65 -28.08 7.96 24.36
CA PRO B 65 -28.90 9.19 24.32
C PRO B 65 -29.24 9.73 25.71
N PRO B 66 -29.82 10.96 25.78
CA PRO B 66 -30.05 11.61 27.07
C PRO B 66 -31.01 10.85 27.97
N ASN B 67 -31.80 9.92 27.39
CA ASN B 67 -32.68 9.05 28.14
C ASN B 67 -32.07 7.66 28.44
N GLY B 68 -30.74 7.61 28.43
CA GLY B 68 -30.02 6.34 28.51
C GLY B 68 -29.92 5.78 29.94
N ASN B 69 -30.51 6.43 30.95
CA ASN B 69 -30.47 5.93 32.33
C ASN B 69 -29.00 5.71 32.74
N TRP B 70 -28.20 6.78 32.59
CA TRP B 70 -26.76 6.68 32.90
C TRP B 70 -26.65 6.63 34.42
N ARG B 71 -25.95 5.57 34.90
CA ARG B 71 -25.51 5.33 36.27
C ARG B 71 -24.01 5.14 36.26
N SER B 72 -23.36 5.84 37.21
CA SER B 72 -21.88 5.83 37.20
C SER B 72 -21.38 4.42 37.54
N ASN B 73 -22.21 3.61 38.25
CA ASN B 73 -21.83 2.29 38.74
C ASN B 73 -23.12 1.51 39.05
N VAL B 74 -23.06 0.15 39.02
CA VAL B 74 -24.07 -0.76 39.56
C VAL B 74 -23.36 -1.95 40.21
N LEU B 75 -24.16 -2.78 40.88
CA LEU B 75 -23.74 -3.90 41.71
C LEU B 75 -24.72 -5.06 41.67
N VAL B 76 -24.18 -6.26 41.36
CA VAL B 76 -24.91 -7.52 41.29
C VAL B 76 -24.22 -8.58 42.16
N ARG B 77 -24.94 -9.67 42.48
CA ARG B 77 -24.46 -10.79 43.27
C ARG B 77 -24.56 -12.05 42.43
N SER B 78 -23.77 -13.06 42.80
CA SER B 78 -23.78 -14.40 42.24
C SER B 78 -23.50 -15.38 43.38
N SER B 79 -24.21 -16.53 43.33
CA SER B 79 -23.93 -17.74 44.14
C SER B 79 -23.41 -18.90 43.28
N ASP B 80 -22.98 -18.60 42.01
CA ASP B 80 -22.76 -19.67 41.05
C ASP B 80 -21.34 -20.23 41.20
N GLY B 81 -21.25 -21.52 41.58
CA GLY B 81 -19.94 -22.13 41.84
C GLY B 81 -19.45 -22.96 40.65
N ASP B 82 -20.15 -22.89 39.51
CA ASP B 82 -19.91 -23.72 38.32
C ASP B 82 -19.67 -22.76 37.13
N LEU B 83 -18.46 -22.24 36.97
CA LEU B 83 -18.22 -21.14 36.02
C LEU B 83 -18.12 -21.64 34.58
N ALA B 84 -17.91 -22.94 34.37
CA ALA B 84 -17.65 -23.44 33.04
C ALA B 84 -18.84 -23.17 32.13
N ASP B 85 -20.00 -23.04 32.72
CA ASP B 85 -21.23 -22.87 31.95
C ASP B 85 -21.79 -21.47 32.15
N GLY B 86 -20.98 -20.53 32.59
CA GLY B 86 -21.33 -19.13 32.82
C GLY B 86 -21.46 -18.77 34.29
N MET B 87 -21.82 -17.52 34.51
CA MET B 87 -21.91 -16.96 35.85
C MET B 87 -23.29 -16.33 35.98
N LEU B 88 -24.16 -17.02 36.73
CA LEU B 88 -25.52 -16.50 36.97
C LEU B 88 -25.52 -15.41 38.06
N PHE B 89 -26.06 -14.23 37.72
CA PHE B 89 -26.31 -13.20 38.73
C PHE B 89 -27.67 -13.47 39.37
N ASP B 90 -27.71 -13.49 40.72
CA ASP B 90 -28.95 -13.87 41.40
C ASP B 90 -29.55 -12.70 42.21
N TRP B 91 -29.01 -11.52 42.13
CA TRP B 91 -29.42 -10.36 42.92
C TRP B 91 -28.76 -9.12 42.37
N ALA B 92 -29.45 -7.96 42.44
CA ALA B 92 -28.87 -6.66 42.16
C ALA B 92 -29.44 -5.66 43.18
N ALA B 93 -28.58 -4.67 43.46
CA ALA B 93 -28.89 -3.50 44.29
C ALA B 93 -29.76 -2.57 43.45
N GLN B 94 -31.07 -2.44 43.84
CA GLN B 94 -32.01 -1.75 42.94
C GLN B 94 -32.59 -0.51 43.62
N GLY B 95 -33.27 0.30 42.83
CA GLY B 95 -33.79 1.59 43.28
C GLY B 95 -34.20 2.44 42.08
N PRO B 96 -35.44 2.27 41.53
CA PRO B 96 -36.49 1.39 42.08
C PRO B 96 -36.31 -0.10 41.73
N GLN B 97 -37.01 -0.97 42.46
CA GLN B 97 -37.13 -2.37 42.04
C GLN B 97 -37.42 -2.38 40.52
N GLY B 98 -36.69 -3.27 39.82
CA GLY B 98 -36.69 -3.36 38.36
C GLY B 98 -35.52 -2.62 37.70
N VAL B 99 -34.77 -1.82 38.50
CA VAL B 99 -33.68 -1.01 37.96
C VAL B 99 -32.49 -1.13 38.91
N ALA B 100 -31.34 -1.59 38.39
CA ALA B 100 -30.14 -1.61 39.24
C ALA B 100 -29.73 -0.13 39.44
N ARG B 101 -29.47 0.31 40.73
CA ARG B 101 -29.16 1.70 41.00
C ARG B 101 -27.66 2.00 41.09
N GLU B 102 -27.35 3.31 40.96
CA GLU B 102 -26.01 3.83 41.28
C GLU B 102 -25.79 3.73 42.79
N ILE B 103 -24.64 3.16 43.20
CA ILE B 103 -24.40 2.93 44.64
C ILE B 103 -23.35 3.91 45.20
N ILE B 104 -22.57 4.50 44.31
CA ILE B 104 -21.63 5.56 44.62
C ILE B 104 -21.96 6.78 43.76
N PRO B 105 -22.56 7.86 44.40
CA PRO B 105 -22.97 9.04 43.64
C PRO B 105 -21.82 9.78 42.96
N SER B 106 -22.14 10.54 41.91
CA SER B 106 -21.24 11.37 41.16
C SER B 106 -21.97 12.65 40.77
N LYS B 107 -21.22 13.74 40.62
CA LYS B 107 -21.84 15.01 40.23
C LYS B 107 -22.31 15.01 38.78
N LYS B 108 -21.54 14.30 37.88
CA LYS B 108 -21.75 14.37 36.43
C LYS B 108 -21.62 15.79 35.87
N ILE B 109 -20.66 16.53 36.43
CA ILE B 109 -20.27 17.81 35.86
C ILE B 109 -18.86 17.60 35.34
N ASN B 110 -18.68 17.73 34.04
CA ASN B 110 -17.43 17.56 33.30
C ASN B 110 -16.40 18.61 33.73
N GLY B 111 -15.19 18.17 34.09
CA GLY B 111 -14.15 19.09 34.58
C GLY B 111 -14.17 19.32 36.08
N VAL B 112 -15.10 18.67 36.80
CA VAL B 112 -15.24 18.73 38.23
C VAL B 112 -15.29 17.29 38.74
N GLU B 113 -16.38 16.58 38.42
CA GLU B 113 -16.46 15.14 38.61
C GLU B 113 -17.51 14.59 37.60
N ILE B 114 -17.04 14.16 36.42
CA ILE B 114 -17.90 13.53 35.42
C ILE B 114 -18.52 12.20 35.94
N THR B 115 -17.75 11.38 36.69
CA THR B 115 -18.24 10.06 37.11
C THR B 115 -17.36 9.57 38.28
N THR B 116 -17.89 8.51 38.91
CA THR B 116 -17.22 7.71 39.95
C THR B 116 -17.17 6.25 39.48
N ILE B 117 -15.93 5.74 39.35
CA ILE B 117 -15.71 4.40 38.76
C ILE B 117 -15.12 3.47 39.81
N PRO B 118 -15.78 2.33 40.15
CA PRO B 118 -15.22 1.28 41.02
C PRO B 118 -13.91 0.75 40.44
N THR B 119 -12.99 0.37 41.36
CA THR B 119 -11.67 -0.11 40.95
C THR B 119 -11.38 -1.52 41.44
N THR B 120 -11.77 -1.84 42.69
CA THR B 120 -11.44 -3.06 43.36
C THR B 120 -12.38 -3.22 44.57
N GLY B 121 -12.58 -4.42 45.01
CA GLY B 121 -13.30 -4.61 46.27
C GLY B 121 -12.82 -5.80 47.07
N ILE B 122 -13.30 -5.86 48.32
CA ILE B 122 -12.99 -6.93 49.25
C ILE B 122 -13.98 -6.92 50.44
N SER B 123 -14.04 -8.06 51.11
CA SER B 123 -14.75 -8.15 52.38
C SER B 123 -13.78 -8.45 53.52
N VAL B 124 -14.10 -7.85 54.68
CA VAL B 124 -13.38 -8.15 55.92
C VAL B 124 -14.45 -8.29 56.99
N GLY B 125 -14.55 -9.51 57.48
CA GLY B 125 -15.62 -9.88 58.38
C GLY B 125 -16.96 -9.53 57.74
N LYS B 126 -17.73 -8.68 58.41
CA LYS B 126 -19.11 -8.48 57.97
C LYS B 126 -19.18 -7.22 57.09
N ARG B 127 -18.03 -6.55 56.77
CA ARG B 127 -18.09 -5.35 55.97
C ARG B 127 -17.56 -5.63 54.56
N GLN B 128 -18.32 -5.15 53.58
CA GLN B 128 -17.87 -5.04 52.20
C GLN B 128 -17.22 -3.71 51.96
N TYR B 129 -16.13 -3.64 51.15
CA TYR B 129 -15.52 -2.39 50.76
C TYR B 129 -15.28 -2.36 49.23
N LEU B 130 -15.48 -1.20 48.67
CA LEU B 130 -15.36 -0.89 47.24
C LEU B 130 -14.51 0.37 46.99
N GLY B 131 -13.27 0.17 46.47
CA GLY B 131 -12.43 1.25 46.02
C GLY B 131 -12.98 1.84 44.73
N PHE B 132 -12.87 3.15 44.63
CA PHE B 132 -13.30 3.85 43.43
C PHE B 132 -12.41 5.05 43.16
N MET B 133 -12.52 5.53 41.95
CA MET B 133 -11.85 6.75 41.58
C MET B 133 -12.87 7.79 41.14
N SER B 134 -12.69 9.02 41.66
CA SER B 134 -13.48 10.16 41.21
C SER B 134 -12.83 10.69 39.94
N VAL B 135 -13.50 10.60 38.77
CA VAL B 135 -12.99 11.01 37.47
C VAL B 135 -13.39 12.46 37.22
N LYS B 136 -12.37 13.31 37.07
CA LYS B 136 -12.59 14.73 36.80
C LYS B 136 -13.08 14.95 35.35
N GLN B 137 -12.36 14.35 34.38
CA GLN B 137 -12.63 14.42 32.95
C GLN B 137 -11.89 13.27 32.27
N TRP B 138 -12.45 12.81 31.15
CA TRP B 138 -11.86 11.80 30.31
C TRP B 138 -10.99 12.51 29.30
N GLY B 139 -9.87 11.87 28.88
CA GLY B 139 -9.07 12.27 27.74
C GLY B 139 -9.19 11.31 26.55
N PRO B 140 -8.17 11.29 25.64
CA PRO B 140 -8.05 10.26 24.59
C PRO B 140 -7.99 8.86 25.23
N PRO B 141 -8.16 7.78 24.40
CA PRO B 141 -8.22 6.42 24.92
C PRO B 141 -7.05 6.12 25.86
N GLY B 142 -7.34 5.66 27.07
CA GLY B 142 -6.27 5.31 28.01
C GLY B 142 -5.79 6.46 28.90
N VAL B 143 -6.32 7.70 28.69
CA VAL B 143 -5.91 8.90 29.44
C VAL B 143 -7.12 9.55 30.13
N TRP B 144 -7.01 9.79 31.44
CA TRP B 144 -7.99 10.57 32.17
C TRP B 144 -7.40 11.11 33.47
N ASP B 145 -8.14 12.08 34.05
CA ASP B 145 -7.73 12.75 35.28
C ASP B 145 -8.63 12.33 36.40
N THR B 146 -8.09 11.90 37.53
CA THR B 146 -8.85 11.57 38.73
C THR B 146 -8.60 12.63 39.82
N ASN B 147 -9.65 12.94 40.60
CA ASN B 147 -9.58 13.88 41.72
C ASN B 147 -8.94 13.19 42.92
N PHE B 148 -9.35 11.94 43.14
CA PHE B 148 -8.92 11.11 44.24
C PHE B 148 -9.29 9.65 43.97
N ALA B 149 -8.64 8.76 44.71
CA ALA B 149 -9.13 7.42 44.96
C ALA B 149 -9.84 7.44 46.29
N GLY B 150 -10.98 6.75 46.41
CA GLY B 150 -11.77 6.62 47.62
C GLY B 150 -12.14 5.19 47.95
N ILE B 151 -12.99 5.01 49.02
CA ILE B 151 -13.46 3.74 49.50
C ILE B 151 -14.89 3.93 50.03
N ALA B 152 -15.85 3.12 49.53
CA ALA B 152 -17.22 2.98 50.02
C ALA B 152 -17.32 1.70 50.82
N TYR B 153 -18.29 1.62 51.74
CA TYR B 153 -18.48 0.39 52.49
C TYR B 153 -19.95 0.14 52.77
N SER B 154 -20.22 -1.12 53.06
CA SER B 154 -21.52 -1.72 53.30
C SER B 154 -21.46 -2.75 54.41
N ASP B 155 -22.42 -2.59 55.36
CA ASP B 155 -22.64 -3.55 56.45
C ASP B 155 -23.78 -4.53 56.20
N ASP B 156 -24.45 -4.45 55.02
CA ASP B 156 -25.59 -5.34 54.78
C ASP B 156 -25.44 -6.15 53.49
N GLY B 157 -24.19 -6.56 53.17
CA GLY B 157 -23.97 -7.46 52.05
C GLY B 157 -24.00 -6.74 50.70
N GLY B 158 -23.93 -5.38 50.68
CA GLY B 158 -24.00 -4.55 49.48
C GLY B 158 -25.36 -3.90 49.19
N GLY B 159 -26.29 -4.09 50.13
CA GLY B 159 -27.65 -3.56 50.01
C GLY B 159 -27.63 -2.06 50.09
N THR B 160 -26.83 -1.52 51.01
CA THR B 160 -26.61 -0.08 51.16
C THR B 160 -25.15 0.30 51.38
N TRP B 161 -24.79 1.48 50.91
CA TRP B 161 -23.40 1.92 50.79
C TRP B 161 -23.18 3.29 51.46
N LYS B 162 -22.10 3.42 52.24
CA LYS B 162 -21.70 4.75 52.68
C LYS B 162 -20.32 5.01 52.08
N VAL B 163 -20.09 6.21 51.56
CA VAL B 163 -18.77 6.70 51.17
C VAL B 163 -18.01 7.19 52.39
N SER B 164 -16.90 6.52 52.72
CA SER B 164 -15.95 6.97 53.74
C SER B 164 -15.17 8.24 53.33
N ASP B 165 -14.48 8.83 54.34
CA ASP B 165 -13.64 10.00 54.15
C ASP B 165 -12.18 9.58 53.92
N THR B 166 -11.91 8.28 53.75
CA THR B 166 -10.60 7.79 53.37
C THR B 166 -10.35 7.99 51.88
N ARG B 167 -9.42 8.88 51.56
CA ARG B 167 -9.04 9.28 50.23
C ARG B 167 -7.53 9.29 50.04
N TRP B 168 -7.13 9.03 48.78
CA TRP B 168 -5.82 9.38 48.20
C TRP B 168 -6.00 10.51 47.20
N GLU B 169 -5.75 11.76 47.67
CA GLU B 169 -5.98 12.92 46.84
C GLU B 169 -4.92 12.96 45.76
N ASN B 170 -5.33 13.39 44.57
CA ASN B 170 -4.43 13.54 43.43
C ASN B 170 -4.00 15.01 43.33
N ALA B 171 -3.11 15.47 44.25
CA ALA B 171 -2.61 16.84 44.33
C ALA B 171 -1.96 17.37 43.02
N ASP B 172 -1.06 16.60 42.42
CA ASP B 172 -0.35 17.02 41.23
C ASP B 172 -0.70 16.22 39.97
N GLY B 173 -1.76 15.40 39.97
CA GLY B 173 -2.08 14.60 38.77
C GLY B 173 -1.47 13.19 38.78
N HIS B 174 -0.40 13.00 39.56
CA HIS B 174 0.48 11.85 39.35
C HIS B 174 0.53 10.99 40.63
N ASP B 175 -0.45 11.11 41.53
CA ASP B 175 -0.58 10.20 42.67
C ASP B 175 -0.62 8.71 42.24
N PRO B 176 0.27 7.87 42.83
CA PRO B 176 0.46 6.47 42.35
C PRO B 176 -0.60 5.44 42.78
N PHE B 177 -1.59 5.88 43.57
CA PHE B 177 -2.58 5.01 44.18
C PHE B 177 -4.01 5.42 43.76
N GLN B 178 -4.15 5.97 42.55
CA GLN B 178 -5.48 6.42 42.11
C GLN B 178 -6.39 5.24 41.69
N MET B 179 -5.78 4.21 41.05
CA MET B 179 -6.57 3.05 40.60
C MET B 179 -5.96 1.81 41.28
N GLN B 180 -6.70 1.31 42.27
CA GLN B 180 -6.16 0.27 43.17
C GLN B 180 -6.61 -1.12 42.75
N ALA B 181 -5.86 -2.11 43.27
CA ALA B 181 -6.23 -3.50 43.24
C ALA B 181 -5.84 -4.07 44.59
N TRP B 182 -6.84 -4.67 45.24
CA TRP B 182 -6.71 -5.29 46.56
C TRP B 182 -6.57 -6.80 46.49
N VAL B 183 -5.75 -7.38 47.38
CA VAL B 183 -5.58 -8.82 47.55
C VAL B 183 -5.28 -9.12 49.03
N GLN B 184 -6.06 -10.05 49.62
CA GLN B 184 -5.77 -10.48 50.99
C GLN B 184 -4.95 -11.78 51.09
N LYS B 185 -3.86 -11.76 51.93
CA LYS B 185 -3.11 -12.94 52.33
C LYS B 185 -2.71 -12.79 53.81
N GLY B 186 -3.04 -13.85 54.55
CA GLY B 186 -2.90 -13.81 55.99
C GLY B 186 -3.76 -12.65 56.49
N GLY B 187 -3.24 -11.89 57.45
CA GLY B 187 -4.05 -10.84 58.05
C GLY B 187 -3.96 -9.51 57.33
N THR B 188 -3.33 -9.48 56.11
CA THR B 188 -2.89 -8.30 55.41
C THR B 188 -3.66 -8.13 54.09
N ILE B 189 -4.10 -6.89 53.81
CA ILE B 189 -4.48 -6.47 52.46
C ILE B 189 -3.32 -5.75 51.81
N TYR B 190 -2.92 -6.28 50.64
CA TYR B 190 -1.99 -5.67 49.73
C TYR B 190 -2.77 -4.82 48.73
N VAL B 191 -2.35 -3.56 48.64
CA VAL B 191 -3.05 -2.56 47.83
C VAL B 191 -2.09 -2.11 46.74
N PHE B 192 -2.30 -2.67 45.53
CA PHE B 192 -1.65 -2.20 44.32
C PHE B 192 -2.28 -0.90 43.84
N GLY B 193 -1.49 -0.09 43.10
CA GLY B 193 -1.98 1.18 42.58
C GLY B 193 -1.23 1.65 41.34
N THR B 194 -1.99 2.34 40.45
CA THR B 194 -1.48 3.05 39.32
C THR B 194 -1.98 4.50 39.45
N GLN B 195 -1.33 5.30 38.67
CA GLN B 195 -1.76 6.65 38.37
C GLN B 195 -3.09 6.56 37.62
N ASN B 196 -3.77 7.69 37.57
CA ASN B 196 -4.88 7.76 36.62
C ASN B 196 -4.48 7.43 35.18
N GLY B 197 -5.32 6.60 34.53
CA GLY B 197 -5.10 6.18 33.15
C GLY B 197 -4.09 5.03 33.02
N ARG B 198 -3.66 4.81 31.80
CA ARG B 198 -3.09 3.50 31.40
C ARG B 198 -1.62 3.57 30.95
N ASN B 199 -0.86 4.56 31.46
CA ASN B 199 0.44 4.83 30.88
C ASN B 199 1.55 4.82 31.93
N GLY B 200 1.22 4.59 33.20
CA GLY B 200 2.20 4.67 34.27
C GLY B 200 2.52 3.29 34.83
N PRO B 201 3.42 3.22 35.85
CA PRO B 201 3.75 1.98 36.59
C PRO B 201 2.82 1.63 37.73
N ALA B 202 2.99 0.40 38.26
CA ALA B 202 2.28 -0.06 39.45
C ALA B 202 3.18 -0.04 40.70
N SER B 203 2.62 0.48 41.80
CA SER B 203 3.25 0.63 43.10
C SER B 203 2.45 -0.28 44.04
N VAL B 204 2.94 -0.53 45.26
CA VAL B 204 2.21 -1.36 46.21
C VAL B 204 2.40 -0.84 47.64
N ALA B 205 1.31 -1.04 48.39
CA ALA B 205 1.15 -0.73 49.79
C ALA B 205 0.48 -1.93 50.47
N LYS B 206 0.52 -1.90 51.81
CA LYS B 206 -0.16 -2.87 52.64
C LYS B 206 -0.71 -2.23 53.91
N VAL B 207 -1.69 -2.93 54.46
CA VAL B 207 -2.44 -2.51 55.64
C VAL B 207 -2.97 -3.77 56.31
N PRO B 208 -3.09 -3.83 57.68
CA PRO B 208 -3.81 -4.90 58.32
C PRO B 208 -5.28 -4.92 57.89
N ALA B 209 -5.86 -6.11 57.69
CA ALA B 209 -7.16 -6.17 57.01
C ALA B 209 -8.24 -5.40 57.80
N SER B 210 -8.15 -5.43 59.15
CA SER B 210 -9.14 -4.75 59.99
C SER B 210 -8.96 -3.24 59.96
N LYS B 211 -7.93 -2.69 59.26
CA LYS B 211 -7.70 -1.28 59.30
C LYS B 211 -7.76 -0.64 57.93
N LEU B 212 -8.56 -1.18 56.94
CA LEU B 212 -8.46 -0.66 55.57
C LEU B 212 -8.84 0.83 55.44
N LEU B 213 -9.76 1.29 56.34
CA LEU B 213 -10.26 2.67 56.30
C LEU B 213 -9.31 3.65 56.99
N ASP B 214 -8.33 3.13 57.75
CA ASP B 214 -7.39 3.97 58.48
C ASP B 214 -6.11 4.21 57.66
N LYS B 215 -6.00 5.40 57.03
CA LYS B 215 -4.89 5.71 56.15
C LYS B 215 -3.55 5.69 56.91
N SER B 216 -3.59 5.91 58.23
CA SER B 216 -2.34 5.97 58.98
C SER B 216 -1.78 4.56 59.28
N ALA B 217 -2.58 3.47 59.10
CA ALA B 217 -2.10 2.09 59.22
C ALA B 217 -1.40 1.54 57.97
N PHE B 218 -1.41 2.31 56.86
CA PHE B 218 -0.79 1.92 55.60
C PHE B 218 0.72 2.09 55.67
N ARG B 219 1.37 1.14 54.96
CA ARG B 219 2.80 1.11 54.73
C ARG B 219 3.02 0.85 53.24
N TYR B 220 4.08 1.48 52.73
CA TYR B 220 4.36 1.57 51.31
C TYR B 220 5.68 0.88 50.98
N TRP B 221 5.67 0.03 49.95
CA TRP B 221 6.92 -0.61 49.57
C TRP B 221 7.88 0.42 48.96
N ASN B 222 9.10 0.56 49.55
CA ASN B 222 10.05 1.61 49.18
C ASN B 222 11.29 1.04 48.44
N GLY B 223 11.30 -0.26 48.14
CA GLY B 223 12.47 -0.89 47.52
C GLY B 223 13.26 -1.75 48.50
N THR B 224 13.03 -1.57 49.81
CA THR B 224 13.74 -2.29 50.88
C THR B 224 12.74 -2.87 51.89
N ASP B 225 11.77 -2.02 52.35
CA ASP B 225 10.77 -2.51 53.26
C ASP B 225 9.52 -1.64 53.09
N TRP B 226 8.55 -1.82 53.99
CA TRP B 226 7.28 -1.11 53.94
C TRP B 226 7.32 0.00 55.00
N SER B 227 7.42 1.24 54.55
CA SER B 227 7.52 2.45 55.39
C SER B 227 6.21 3.26 55.41
N ARG B 228 6.21 4.38 56.15
CA ARG B 228 4.96 5.04 56.50
C ARG B 228 4.54 6.03 55.42
N LYS B 229 5.49 6.56 54.64
CA LYS B 229 5.19 7.67 53.75
C LYS B 229 4.89 7.16 52.36
N GLU B 230 3.71 7.59 51.84
CA GLU B 230 3.29 7.28 50.47
C GLU B 230 4.37 7.77 49.50
N SER B 231 5.03 8.87 49.91
CA SER B 231 6.03 9.51 49.08
C SER B 231 7.23 8.58 48.86
N ASP B 232 7.42 7.60 49.73
CA ASP B 232 8.54 6.66 49.57
C ASP B 232 8.21 5.44 48.67
N ALA B 233 6.94 5.24 48.27
CA ALA B 233 6.58 4.12 47.41
C ALA B 233 7.34 4.19 46.09
N VAL B 234 7.86 3.05 45.66
CA VAL B 234 8.56 2.92 44.40
C VAL B 234 7.79 1.94 43.51
N PRO B 235 7.89 2.02 42.16
CA PRO B 235 7.24 1.04 41.31
C PRO B 235 7.72 -0.37 41.61
N VAL B 236 6.83 -1.35 41.52
CA VAL B 236 7.21 -2.74 41.54
C VAL B 236 7.03 -3.41 40.16
N MET B 237 6.35 -2.71 39.22
CA MET B 237 6.15 -3.18 37.84
C MET B 237 6.14 -1.96 36.93
N ASP B 238 6.89 -2.04 35.83
CA ASP B 238 7.09 -0.90 34.95
C ASP B 238 5.82 -0.49 34.17
N ALA B 239 5.77 0.78 33.78
CA ALA B 239 4.84 1.26 32.77
C ALA B 239 4.92 0.44 31.47
N PRO B 240 3.83 0.30 30.66
CA PRO B 240 2.46 0.75 30.97
C PRO B 240 1.58 -0.27 31.72
N MET B 241 0.88 0.23 32.73
CA MET B 241 -0.06 -0.56 33.51
C MET B 241 -1.42 0.15 33.49
N SER B 242 -2.52 -0.63 33.50
CA SER B 242 -3.88 -0.08 33.46
C SER B 242 -4.58 -0.41 34.78
N GLU B 243 -5.93 -0.42 34.74
CA GLU B 243 -6.71 -1.18 35.72
C GLU B 243 -6.04 -2.54 35.96
N MET B 244 -6.08 -2.98 37.20
CA MET B 244 -5.39 -4.21 37.60
C MET B 244 -6.34 -5.06 38.45
N SER B 245 -6.03 -6.36 38.49
CA SER B 245 -6.59 -7.37 39.35
C SER B 245 -5.46 -8.23 39.91
N VAL B 246 -5.47 -8.49 41.20
CA VAL B 246 -4.48 -9.40 41.75
C VAL B 246 -5.14 -10.44 42.63
N GLN B 247 -4.83 -11.74 42.42
CA GLN B 247 -5.43 -12.84 43.12
C GLN B 247 -4.30 -13.69 43.73
N TYR B 248 -4.45 -14.10 44.99
CA TYR B 248 -3.57 -15.14 45.51
C TYR B 248 -4.09 -16.50 45.11
N ASP B 249 -3.24 -17.23 44.41
CA ASP B 249 -3.58 -18.53 43.85
C ASP B 249 -2.95 -19.67 44.64
N ALA B 250 -3.79 -20.41 45.37
CA ALA B 250 -3.31 -21.50 46.23
C ALA B 250 -2.66 -22.60 45.40
N TYR B 251 -3.10 -22.78 44.14
CA TYR B 251 -2.61 -23.84 43.29
C TYR B 251 -1.11 -23.72 43.00
N SER B 252 -0.70 -22.55 42.47
CA SER B 252 0.66 -22.15 42.17
C SER B 252 1.35 -21.55 43.39
N LYS B 253 0.64 -21.26 44.47
CA LYS B 253 1.17 -20.48 45.58
C LYS B 253 1.81 -19.15 45.14
N ARG B 254 1.13 -18.46 44.21
CA ARG B 254 1.60 -17.21 43.67
C ARG B 254 0.45 -16.20 43.65
N PHE B 255 0.84 -14.94 43.81
CA PHE B 255 0.01 -13.83 43.35
C PHE B 255 0.00 -13.84 41.81
N LEU B 256 -1.21 -13.74 41.24
CA LEU B 256 -1.43 -13.53 39.82
C LEU B 256 -1.92 -12.11 39.60
N MET B 257 -1.38 -11.43 38.58
CA MET B 257 -1.75 -10.05 38.31
C MET B 257 -2.19 -9.99 36.85
N MET B 258 -3.41 -9.46 36.61
CA MET B 258 -3.89 -9.22 35.23
C MET B 258 -4.08 -7.70 34.96
N THR B 259 -3.61 -7.25 33.76
CA THR B 259 -3.73 -5.84 33.34
C THR B 259 -3.64 -5.73 31.81
N LEU B 260 -4.31 -4.71 31.28
CA LEU B 260 -3.99 -4.27 29.92
C LEU B 260 -2.65 -3.51 29.93
N SER B 261 -1.64 -4.04 29.23
CA SER B 261 -0.34 -3.39 29.14
C SER B 261 -0.03 -3.00 27.70
N GLY B 262 -0.30 -1.76 27.33
CA GLY B 262 -0.11 -1.36 25.92
C GLY B 262 -1.32 -1.83 25.11
N GLU B 263 -1.12 -2.79 24.21
CA GLU B 263 -2.23 -3.29 23.39
C GLU B 263 -3.00 -4.48 24.00
N ASP B 264 -2.32 -5.37 24.74
CA ASP B 264 -2.82 -6.67 25.07
C ASP B 264 -3.02 -6.76 26.59
N ILE B 265 -4.02 -7.54 27.00
CA ILE B 265 -4.13 -8.03 28.37
C ILE B 265 -3.07 -9.10 28.60
N ILE B 266 -2.36 -8.91 29.73
CA ILE B 266 -1.26 -9.77 30.18
C ILE B 266 -1.48 -10.19 31.64
N MET B 267 -0.73 -11.23 32.01
CA MET B 267 -0.62 -11.79 33.33
C MET B 267 0.85 -11.89 33.76
N ARG B 268 1.13 -11.51 35.03
CA ARG B 268 2.43 -11.75 35.66
C ARG B 268 2.19 -12.44 36.99
N THR B 269 3.24 -13.05 37.58
CA THR B 269 3.09 -13.87 38.80
C THR B 269 4.27 -13.51 39.71
N ALA B 270 4.07 -13.74 41.01
CA ALA B 270 5.06 -13.42 42.02
C ALA B 270 4.82 -14.29 43.23
N THR B 271 5.88 -14.63 43.95
CA THR B 271 5.76 -15.24 45.26
C THR B 271 5.45 -14.19 46.32
N ALA B 272 5.94 -12.99 46.13
CA ALA B 272 5.88 -11.86 47.08
C ALA B 272 5.18 -10.69 46.40
N PRO B 273 4.22 -9.99 47.05
CA PRO B 273 3.54 -8.86 46.39
C PRO B 273 4.51 -7.85 45.79
N GLU B 274 5.64 -7.56 46.49
CA GLU B 274 6.58 -6.57 46.01
C GLU B 274 7.46 -7.04 44.85
N GLY B 275 7.29 -8.33 44.48
CA GLY B 275 8.07 -8.83 43.39
C GLY B 275 9.23 -9.68 43.92
N PRO B 276 10.11 -10.20 43.02
CA PRO B 276 10.06 -9.96 41.58
C PRO B 276 8.83 -10.57 40.90
N TRP B 277 8.35 -9.87 39.87
CA TRP B 277 7.24 -10.30 39.01
C TRP B 277 7.76 -10.98 37.74
N THR B 278 7.30 -12.21 37.47
CA THR B 278 7.66 -12.99 36.31
C THR B 278 7.20 -12.23 35.09
N PRO B 279 7.84 -12.47 33.92
CA PRO B 279 7.55 -11.72 32.69
C PRO B 279 6.12 -11.90 32.24
N ALA B 280 5.63 -10.86 31.59
CA ALA B 280 4.28 -10.90 31.03
C ALA B 280 4.07 -12.10 30.13
N GLN B 281 2.89 -12.68 30.33
CA GLN B 281 2.33 -13.71 29.47
C GLN B 281 1.09 -13.12 28.79
N THR B 282 0.96 -13.34 27.47
CA THR B 282 -0.24 -12.86 26.78
C THR B 282 -1.48 -13.61 27.26
N VAL B 283 -2.54 -12.86 27.66
CA VAL B 283 -3.86 -13.40 28.00
C VAL B 283 -4.82 -13.29 26.80
N ALA B 284 -4.99 -12.07 26.27
CA ALA B 284 -5.82 -11.80 25.12
C ALA B 284 -5.21 -10.63 24.33
N SER B 285 -5.15 -10.78 23.00
CA SER B 285 -4.52 -9.77 22.18
C SER B 285 -5.54 -8.82 21.60
N SER B 286 -5.08 -7.62 21.20
CA SER B 286 -5.97 -6.63 20.64
C SER B 286 -6.39 -6.99 19.22
N THR B 287 -5.54 -7.78 18.50
CA THR B 287 -5.94 -8.38 17.22
C THR B 287 -7.22 -9.24 17.36
N ASP B 288 -7.26 -10.17 18.33
CA ASP B 288 -8.41 -11.04 18.50
C ASP B 288 -9.56 -10.36 19.19
N TYR B 289 -9.27 -9.38 20.06
CA TYR B 289 -10.28 -8.80 20.93
C TYR B 289 -10.02 -7.30 20.87
N PRO B 290 -10.40 -6.64 19.77
CA PRO B 290 -10.13 -5.22 19.63
C PRO B 290 -10.84 -4.35 20.65
N ALA B 291 -10.01 -3.42 21.16
CA ALA B 291 -10.42 -2.42 22.15
C ALA B 291 -10.93 -3.09 23.45
N LEU B 292 -10.22 -4.18 23.84
CA LEU B 292 -10.43 -4.93 25.08
C LEU B 292 -9.87 -4.13 26.27
N TYR B 293 -10.43 -4.38 27.46
CA TYR B 293 -9.91 -3.77 28.66
C TYR B 293 -10.43 -4.48 29.88
N GLY B 294 -10.01 -3.98 31.07
CA GLY B 294 -10.34 -4.67 32.29
C GLY B 294 -9.55 -5.98 32.39
N GLY B 295 -10.14 -6.98 33.03
CA GLY B 295 -9.47 -8.23 33.32
C GLY B 295 -9.38 -8.42 34.83
N TYR B 296 -10.47 -8.98 35.38
CA TYR B 296 -10.65 -9.19 36.81
C TYR B 296 -10.86 -10.65 37.16
N PHE B 297 -10.04 -11.15 38.09
CA PHE B 297 -10.06 -12.57 38.47
C PHE B 297 -11.33 -12.91 39.28
N HIS B 298 -12.02 -14.01 38.96
CA HIS B 298 -13.12 -14.53 39.78
C HIS B 298 -12.51 -15.05 41.08
N PRO B 299 -13.03 -14.63 42.25
CA PRO B 299 -12.42 -15.02 43.53
C PRO B 299 -12.49 -16.52 43.84
N TRP B 300 -13.37 -17.29 43.18
CA TRP B 300 -13.54 -18.72 43.41
C TRP B 300 -12.67 -19.62 42.52
N ASN B 301 -11.66 -19.02 41.80
CA ASN B 301 -10.82 -19.85 40.93
C ASN B 301 -10.11 -20.94 41.74
N LYS B 302 -10.07 -22.15 41.20
CA LYS B 302 -9.34 -23.23 41.87
C LYS B 302 -8.71 -24.14 40.82
N ASP B 303 -7.73 -24.91 41.27
CA ASP B 303 -7.21 -26.06 40.54
C ASP B 303 -6.48 -25.59 39.27
N GLY B 304 -6.15 -24.31 39.16
CA GLY B 304 -5.48 -23.75 37.98
C GLY B 304 -6.48 -23.36 36.87
N GLU B 305 -7.78 -23.45 37.18
CA GLU B 305 -8.82 -23.03 36.25
C GLU B 305 -9.12 -21.57 36.57
N ILE B 306 -8.64 -20.66 35.69
CA ILE B 306 -8.63 -19.24 35.92
C ILE B 306 -9.74 -18.61 35.09
N TYR B 307 -10.80 -18.19 35.74
CA TYR B 307 -11.87 -17.37 35.17
C TYR B 307 -11.66 -15.89 35.49
N PHE B 308 -12.04 -15.02 34.50
CA PHE B 308 -11.90 -13.58 34.71
C PHE B 308 -12.97 -12.86 33.87
N THR B 309 -13.23 -11.58 34.19
CA THR B 309 -14.09 -10.75 33.36
C THR B 309 -13.24 -9.84 32.46
N MET B 310 -13.64 -9.68 31.19
CA MET B 310 -13.04 -8.84 30.19
C MET B 310 -14.10 -7.91 29.60
N SER B 311 -13.75 -6.62 29.41
CA SER B 311 -14.63 -5.65 28.77
C SER B 311 -14.19 -5.42 27.35
N GLN B 312 -15.10 -4.87 26.53
CA GLN B 312 -14.71 -4.53 25.16
C GLN B 312 -15.58 -3.37 24.66
N TRP B 313 -14.91 -2.38 24.05
CA TRP B 313 -15.51 -1.05 23.81
C TRP B 313 -16.74 -1.13 22.91
N ASN B 314 -16.64 -1.74 21.71
CA ASN B 314 -17.75 -1.58 20.75
C ASN B 314 -19.04 -2.19 21.30
N PRO B 315 -19.07 -3.45 21.80
CA PRO B 315 -20.30 -3.97 22.37
C PRO B 315 -20.60 -3.47 23.79
N TYR B 316 -19.63 -2.76 24.40
CA TYR B 316 -19.74 -2.12 25.71
C TYR B 316 -20.51 -3.00 26.70
N ASN B 317 -19.88 -4.17 27.03
CA ASN B 317 -20.45 -5.19 27.89
C ASN B 317 -19.33 -6.11 28.34
N VAL B 318 -19.65 -6.86 29.37
CA VAL B 318 -18.64 -7.69 30.05
C VAL B 318 -18.82 -9.17 29.65
N TYR B 319 -17.68 -9.86 29.43
CA TYR B 319 -17.64 -11.27 29.03
C TYR B 319 -16.86 -12.06 30.08
N LEU B 320 -17.38 -13.21 30.44
CA LEU B 320 -16.61 -14.16 31.26
C LEU B 320 -15.68 -14.92 30.34
N MET B 321 -14.42 -15.03 30.79
CA MET B 321 -13.33 -15.66 30.06
C MET B 321 -12.73 -16.74 30.94
N ARG B 322 -12.00 -17.70 30.33
CA ARG B 322 -11.18 -18.65 31.10
C ARG B 322 -9.83 -18.94 30.43
N LEU B 323 -8.82 -19.25 31.25
CA LEU B 323 -7.57 -19.83 30.80
C LEU B 323 -7.18 -20.87 31.87
N ARG B 324 -6.10 -21.63 31.59
CA ARG B 324 -5.60 -22.65 32.50
C ARG B 324 -4.14 -22.35 32.82
N ILE B 325 -3.72 -22.54 34.11
CA ILE B 325 -2.26 -22.42 34.41
C ILE B 325 -1.81 -23.78 34.96
N ASP B 326 -0.49 -24.03 34.94
CA ASP B 326 0.07 -25.12 35.76
C ASP B 326 0.47 -24.63 37.15
N ARG B 327 1.05 -25.55 37.96
CA ARG B 327 1.43 -25.18 39.33
C ARG B 327 2.65 -24.26 39.36
N ASP B 328 3.31 -24.02 38.18
CA ASP B 328 4.35 -23.02 38.10
C ASP B 328 3.80 -21.61 37.76
N GLY B 329 2.49 -21.52 37.48
CA GLY B 329 1.84 -20.30 37.07
C GLY B 329 2.03 -19.93 35.58
N ASN B 330 2.38 -20.93 34.76
CA ASN B 330 2.42 -20.76 33.33
C ASN B 330 1.07 -21.10 32.70
N ILE B 331 0.67 -20.29 31.73
CA ILE B 331 -0.49 -20.63 30.90
C ILE B 331 -0.22 -21.90 30.06
N ILE B 332 -1.19 -22.78 30.11
CA ILE B 332 -1.17 -24.08 29.44
C ILE B 332 -2.49 -24.30 28.70
N ASP B 333 -2.53 -25.37 27.89
CA ASP B 333 -3.71 -25.81 27.19
C ASP B 333 -4.43 -24.60 26.61
N PRO B 334 -3.74 -23.81 25.74
CA PRO B 334 -4.37 -22.66 25.12
C PRO B 334 -5.39 -23.05 24.07
N ASN B 335 -6.22 -22.07 23.69
CA ASN B 335 -7.13 -22.27 22.58
C ASN B 335 -6.35 -22.59 21.29
N LEU B 336 -6.63 -23.75 20.71
CA LEU B 336 -5.90 -24.23 19.54
C LEU B 336 -6.48 -23.70 18.22
N VAL B 337 -7.72 -23.15 18.26
CA VAL B 337 -8.35 -22.52 17.11
C VAL B 337 -7.57 -21.23 16.77
N THR B 338 -7.26 -21.06 15.49
CA THR B 338 -6.62 -19.86 14.98
C THR B 338 -7.69 -18.87 14.53
N ASP B 339 -7.49 -17.60 14.87
CA ASP B 339 -8.41 -16.54 14.48
C ASP B 339 -9.81 -16.91 15.01
N ALA B 340 -9.85 -17.22 16.32
CA ALA B 340 -11.07 -17.69 16.98
C ALA B 340 -12.26 -16.73 16.89
N SER B 341 -11.95 -15.41 16.90
CA SER B 341 -13.00 -14.38 16.80
C SER B 341 -13.20 -13.80 15.39
N PHE B 342 -12.62 -14.40 14.35
CA PHE B 342 -12.81 -14.01 12.95
C PHE B 342 -12.19 -12.62 12.68
N GLU B 343 -11.49 -12.03 13.66
CA GLU B 343 -11.19 -10.62 13.54
C GLU B 343 -10.00 -10.41 12.56
N ARG B 344 -9.22 -11.49 12.30
CA ARG B 344 -7.96 -11.37 11.58
C ARG B 344 -8.15 -11.31 10.05
N SER B 345 -9.34 -11.62 9.54
CA SER B 345 -9.54 -11.55 8.09
C SER B 345 -10.92 -10.99 7.81
N THR B 346 -11.10 -10.37 6.64
CA THR B 346 -12.42 -9.97 6.18
C THR B 346 -12.99 -10.91 5.09
N THR B 347 -12.28 -11.96 4.80
CA THR B 347 -12.72 -13.02 3.91
C THR B 347 -12.37 -14.38 4.52
N LEU B 348 -13.14 -15.39 4.03
CA LEU B 348 -12.81 -16.79 4.30
C LEU B 348 -11.45 -17.14 3.68
N GLY B 349 -10.89 -18.28 4.11
CA GLY B 349 -9.70 -18.93 3.61
C GLY B 349 -10.07 -20.30 3.01
N ASP B 350 -9.16 -21.28 3.15
CA ASP B 350 -9.33 -22.60 2.54
C ASP B 350 -9.39 -23.69 3.64
N GLY B 351 -9.40 -23.25 4.91
CA GLY B 351 -9.55 -24.15 6.06
C GLY B 351 -8.24 -24.78 6.58
N THR B 352 -7.10 -24.55 5.86
CA THR B 352 -5.77 -25.07 6.17
C THR B 352 -4.90 -23.95 6.73
N ASN B 353 -3.79 -24.33 7.38
CA ASN B 353 -2.77 -23.42 7.88
C ASN B 353 -3.40 -22.34 8.76
N GLY B 354 -4.45 -22.71 9.58
CA GLY B 354 -4.98 -21.77 10.57
C GLY B 354 -6.10 -20.88 10.04
N THR B 355 -6.62 -21.19 8.85
CA THR B 355 -7.68 -20.40 8.26
C THR B 355 -9.00 -21.18 8.36
N TRP B 356 -10.09 -20.43 8.18
CA TRP B 356 -11.47 -20.88 8.07
C TRP B 356 -11.86 -21.11 6.62
N ALA B 357 -12.76 -22.07 6.44
CA ALA B 357 -13.38 -22.36 5.18
C ALA B 357 -14.89 -22.47 5.37
N ALA B 358 -15.65 -22.30 4.28
CA ALA B 358 -17.09 -22.41 4.28
C ALA B 358 -17.62 -22.72 2.89
N LYS B 359 -18.81 -23.31 2.90
CA LYS B 359 -19.61 -23.59 1.72
C LYS B 359 -20.27 -22.30 1.22
N PRO B 360 -20.69 -22.24 -0.11
CA PRO B 360 -21.54 -21.14 -0.57
C PRO B 360 -22.85 -21.09 0.22
N ASN B 361 -23.42 -19.90 0.53
CA ASN B 361 -22.78 -18.58 0.44
C ASN B 361 -22.32 -18.16 1.85
N SER B 362 -21.07 -17.78 1.96
CA SER B 362 -20.42 -17.45 3.21
C SER B 362 -19.84 -16.04 3.18
N GLY B 363 -19.40 -15.59 4.35
CA GLY B 363 -18.76 -14.31 4.48
C GLY B 363 -18.32 -14.03 5.91
N ILE B 364 -17.56 -12.92 6.06
CA ILE B 364 -17.22 -12.36 7.35
C ILE B 364 -18.01 -11.05 7.44
N ASP B 365 -19.06 -11.00 8.30
CA ASP B 365 -19.77 -9.76 8.54
C ASP B 365 -18.81 -8.88 9.33
N ASN B 366 -18.66 -7.60 8.89
CA ASN B 366 -17.72 -6.69 9.47
C ASN B 366 -18.39 -5.34 9.67
N ALA B 367 -18.74 -5.02 10.91
CA ALA B 367 -19.29 -3.71 11.30
C ALA B 367 -19.08 -3.52 12.79
N PRO B 368 -19.15 -2.26 13.31
CA PRO B 368 -18.96 -2.02 14.74
C PRO B 368 -19.90 -2.87 15.60
N ALA B 369 -19.31 -3.71 16.48
CA ALA B 369 -20.03 -4.65 17.35
C ALA B 369 -20.86 -5.73 16.60
N ALA B 370 -20.52 -6.04 15.34
CA ALA B 370 -21.19 -7.11 14.59
C ALA B 370 -20.86 -8.50 15.14
N GLY B 371 -19.68 -8.66 15.73
CA GLY B 371 -19.33 -9.91 16.38
C GLY B 371 -20.18 -10.25 17.60
N PHE B 372 -20.14 -11.51 18.00
CA PHE B 372 -20.57 -11.83 19.40
C PHE B 372 -19.65 -11.03 20.33
N THR B 373 -18.33 -11.02 19.97
CA THR B 373 -17.35 -10.07 20.44
C THR B 373 -16.63 -9.52 19.20
N GLY B 374 -16.13 -8.31 19.30
CA GLY B 374 -15.34 -7.73 18.18
C GLY B 374 -16.32 -7.23 17.12
N ASP B 375 -15.75 -6.90 15.98
CA ASP B 375 -16.46 -6.40 14.84
C ASP B 375 -16.69 -7.44 13.74
N HIS B 376 -16.19 -8.69 13.91
CA HIS B 376 -16.26 -9.75 12.93
C HIS B 376 -17.01 -10.97 13.48
N ARG B 377 -17.84 -11.54 12.61
CA ARG B 377 -18.44 -12.85 12.78
C ARG B 377 -18.46 -13.54 11.43
N ALA B 378 -18.44 -14.89 11.41
CA ALA B 378 -18.62 -15.63 10.15
C ALA B 378 -20.13 -15.89 9.95
N PHE B 379 -20.55 -16.08 8.67
CA PHE B 379 -21.85 -16.60 8.35
C PHE B 379 -21.75 -17.59 7.18
N VAL B 380 -22.83 -18.36 7.05
CA VAL B 380 -23.06 -19.28 5.94
C VAL B 380 -24.56 -19.26 5.71
N ARG B 381 -25.00 -19.22 4.42
CA ARG B 381 -26.38 -19.11 4.06
C ARG B 381 -26.63 -19.86 2.75
N TYR B 382 -27.74 -20.61 2.65
CA TYR B 382 -28.18 -21.18 1.37
C TYR B 382 -29.63 -21.66 1.49
N ASN B 383 -30.12 -22.36 0.42
CA ASN B 383 -31.50 -22.84 0.35
C ASN B 383 -31.54 -24.28 -0.18
N SER B 384 -30.44 -25.03 0.01
CA SER B 384 -30.33 -26.41 -0.38
C SER B 384 -29.09 -27.06 0.26
N GLY B 385 -29.26 -28.17 0.98
CA GLY B 385 -28.14 -28.97 1.40
C GLY B 385 -27.48 -28.50 2.69
N TRP B 386 -26.39 -29.19 3.01
CA TRP B 386 -25.60 -29.01 4.24
C TRP B 386 -24.66 -27.83 4.02
N ARG B 387 -24.68 -26.83 4.91
CA ARG B 387 -23.87 -25.63 4.72
C ARG B 387 -23.09 -25.36 6.00
N ASP B 388 -21.75 -25.38 5.93
CA ASP B 388 -20.86 -25.38 7.06
C ASP B 388 -19.67 -24.43 6.91
N ILE B 389 -19.13 -24.08 8.10
CA ILE B 389 -17.92 -23.32 8.33
C ILE B 389 -16.98 -24.18 9.16
N TRP B 390 -15.69 -24.30 8.80
CA TRP B 390 -14.78 -25.21 9.46
C TRP B 390 -13.33 -24.75 9.40
N GLN B 391 -12.55 -25.39 10.26
CA GLN B 391 -11.12 -25.14 10.41
C GLN B 391 -10.38 -26.42 10.81
N ASP B 392 -9.28 -26.76 10.05
CA ASP B 392 -8.40 -27.84 10.47
C ASP B 392 -7.57 -27.43 11.69
N VAL B 393 -7.59 -28.25 12.75
CA VAL B 393 -6.82 -27.99 13.94
C VAL B 393 -5.98 -29.19 14.35
N ALA B 394 -4.70 -28.93 14.55
CA ALA B 394 -3.78 -29.95 15.00
C ALA B 394 -4.06 -30.33 16.45
N VAL B 395 -3.98 -31.63 16.71
CA VAL B 395 -4.21 -32.15 18.05
C VAL B 395 -3.20 -33.24 18.42
N GLU B 396 -3.23 -33.62 19.72
CA GLU B 396 -2.38 -34.69 20.22
C GLU B 396 -3.16 -35.99 20.16
N ARG B 397 -2.59 -36.97 19.46
CA ARG B 397 -3.23 -38.29 19.38
C ARG B 397 -3.57 -38.77 20.77
N GLY B 398 -4.80 -39.27 20.93
CA GLY B 398 -5.20 -39.93 22.17
C GLY B 398 -5.59 -38.95 23.29
N ALA B 399 -5.49 -37.64 23.08
CA ALA B 399 -5.93 -36.69 24.12
C ALA B 399 -7.41 -36.37 23.99
N LYS B 400 -7.96 -35.78 25.05
CA LYS B 400 -9.36 -35.43 25.05
C LYS B 400 -9.47 -33.91 24.97
N TYR B 401 -10.55 -33.46 24.31
CA TYR B 401 -10.69 -32.03 24.00
C TYR B 401 -12.10 -31.54 24.28
N ARG B 402 -12.14 -30.22 24.49
CA ARG B 402 -13.33 -29.41 24.72
C ARG B 402 -13.44 -28.30 23.65
N LEU B 403 -14.53 -28.33 22.90
CA LEU B 403 -14.90 -27.41 21.83
C LEU B 403 -16.08 -26.58 22.33
N THR B 404 -15.92 -25.25 22.33
CA THR B 404 -17.05 -24.36 22.62
C THR B 404 -17.12 -23.33 21.50
N GLY B 405 -18.32 -22.79 21.28
CA GLY B 405 -18.49 -21.75 20.29
C GLY B 405 -19.84 -21.12 20.41
N PHE B 406 -19.99 -19.90 19.85
CA PHE B 406 -21.23 -19.13 19.91
C PHE B 406 -21.86 -19.05 18.53
N LEU B 407 -23.14 -19.32 18.45
CA LEU B 407 -23.82 -19.23 17.15
C LEU B 407 -25.26 -18.79 17.37
N ARG B 408 -25.85 -18.44 16.24
CA ARG B 408 -27.29 -18.22 16.21
C ARG B 408 -27.71 -18.44 14.74
N THR B 409 -29.02 -18.51 14.53
CA THR B 409 -29.53 -18.82 13.19
C THR B 409 -30.70 -17.93 12.80
N SER B 410 -31.08 -18.00 11.50
CA SER B 410 -32.40 -17.56 11.08
C SER B 410 -33.50 -18.32 11.83
N VAL B 411 -34.65 -17.69 11.98
CA VAL B 411 -35.75 -18.29 12.79
C VAL B 411 -36.23 -19.58 12.10
N ASN B 412 -36.10 -19.63 10.77
CA ASN B 412 -36.54 -20.81 10.00
C ASN B 412 -35.56 -21.98 9.98
N SER B 413 -34.43 -21.90 10.70
CA SER B 413 -33.48 -23.00 10.77
C SER B 413 -34.17 -24.20 11.39
N ASP B 414 -33.91 -25.44 10.93
CA ASP B 414 -34.53 -26.59 11.58
C ASP B 414 -33.57 -27.70 12.00
N ASN B 415 -32.29 -27.69 11.54
CA ASN B 415 -31.35 -28.73 11.94
C ASN B 415 -29.93 -28.31 11.57
N GLY B 416 -29.16 -28.00 12.63
CA GLY B 416 -27.76 -27.72 12.48
C GLY B 416 -26.95 -28.58 13.45
N PHE B 417 -25.65 -28.58 13.23
CA PHE B 417 -24.68 -29.29 14.03
C PHE B 417 -23.45 -28.43 14.28
N PHE B 418 -22.82 -28.68 15.43
CA PHE B 418 -21.58 -28.08 15.87
C PHE B 418 -20.71 -29.17 16.49
N GLY B 419 -19.45 -29.25 16.08
CA GLY B 419 -18.61 -30.33 16.57
C GLY B 419 -17.23 -30.41 15.94
N ALA B 420 -16.63 -31.62 16.03
CA ALA B 420 -15.34 -32.03 15.48
C ALA B 420 -15.56 -33.33 14.70
N ARG B 421 -14.87 -33.38 13.55
CA ARG B 421 -14.97 -34.50 12.63
C ARG B 421 -13.58 -34.66 12.02
N THR B 422 -13.34 -35.85 11.45
CA THR B 422 -12.04 -36.10 10.86
C THR B 422 -11.85 -35.20 9.63
N LEU B 423 -10.59 -35.14 9.16
CA LEU B 423 -10.34 -34.41 7.94
C LEU B 423 -11.10 -34.99 6.75
N ASP B 424 -11.57 -36.26 6.82
CA ASP B 424 -12.40 -36.84 5.76
C ASP B 424 -13.91 -36.65 5.99
N GLY B 425 -14.32 -36.05 7.10
CA GLY B 425 -15.69 -35.62 7.31
C GLY B 425 -16.47 -36.58 8.21
N VAL B 426 -15.75 -37.55 8.81
CA VAL B 426 -16.40 -38.49 9.70
C VAL B 426 -16.56 -37.85 11.07
N PRO B 427 -17.82 -37.72 11.54
CA PRO B 427 -18.12 -37.14 12.85
C PRO B 427 -17.34 -37.84 13.96
N ILE B 428 -16.75 -37.05 14.85
CA ILE B 428 -16.11 -37.58 16.05
C ILE B 428 -16.97 -37.28 17.28
N GLY B 429 -17.42 -36.00 17.45
CA GLY B 429 -18.41 -35.63 18.46
C GLY B 429 -19.09 -34.33 18.02
N GLU B 430 -20.42 -34.28 18.13
CA GLU B 430 -21.21 -33.11 17.80
C GLU B 430 -22.51 -33.05 18.61
N ILE B 431 -23.11 -31.86 18.59
CA ILE B 431 -24.46 -31.62 19.07
C ILE B 431 -25.33 -31.16 17.89
N ASN B 432 -26.63 -31.24 18.12
CA ASN B 432 -27.64 -30.85 17.17
C ASN B 432 -28.56 -29.78 17.76
N PHE B 433 -28.62 -28.63 17.10
CA PHE B 433 -29.52 -27.53 17.37
C PHE B 433 -30.52 -27.40 16.23
N HIS B 434 -31.60 -26.60 16.49
CA HIS B 434 -32.67 -26.38 15.54
C HIS B 434 -32.68 -24.92 15.10
N SER B 435 -33.38 -24.07 15.86
CA SER B 435 -33.58 -22.65 15.64
C SER B 435 -33.00 -21.89 16.83
N VAL B 436 -31.99 -21.03 16.65
CA VAL B 436 -31.24 -20.43 17.74
C VAL B 436 -31.38 -18.91 17.61
N GLY B 437 -32.10 -18.28 18.55
CA GLY B 437 -32.44 -16.85 18.53
C GLY B 437 -31.33 -15.94 19.05
N ALA B 438 -31.10 -15.97 20.36
CA ALA B 438 -29.92 -15.33 20.98
C ALA B 438 -28.64 -16.02 20.52
N TRP B 439 -27.54 -15.24 20.42
CA TRP B 439 -26.26 -15.89 20.45
C TRP B 439 -26.28 -16.90 21.60
N THR B 440 -25.92 -18.15 21.28
CA THR B 440 -25.94 -19.22 22.27
C THR B 440 -24.61 -20.00 22.15
N ARG B 441 -24.06 -20.39 23.30
CA ARG B 441 -22.84 -21.18 23.31
C ARG B 441 -23.26 -22.64 23.30
N PHE B 442 -22.51 -23.40 22.46
CA PHE B 442 -22.57 -24.86 22.42
C PHE B 442 -21.25 -25.44 22.89
N THR B 443 -21.33 -26.70 23.38
CA THR B 443 -20.23 -27.33 24.07
C THR B 443 -20.19 -28.81 23.71
N VAL B 444 -19.01 -29.27 23.23
CA VAL B 444 -18.81 -30.68 22.88
C VAL B 444 -17.46 -31.12 23.45
N GLU B 445 -17.42 -32.27 24.17
CA GLU B 445 -16.15 -32.86 24.53
C GLU B 445 -16.03 -34.19 23.83
N PHE B 446 -14.78 -34.49 23.37
CA PHE B 446 -14.55 -35.65 22.52
C PHE B 446 -13.10 -36.15 22.69
N ASP B 447 -12.88 -37.45 22.38
CA ASP B 447 -11.53 -38.00 22.30
C ASP B 447 -11.02 -37.83 20.87
N ALA B 448 -9.77 -37.35 20.72
CA ALA B 448 -9.24 -37.08 19.39
C ALA B 448 -9.02 -38.41 18.65
N GLY B 449 -8.74 -39.45 19.42
CA GLY B 449 -8.43 -40.75 18.85
C GLY B 449 -6.99 -40.80 18.30
N ASP B 450 -6.77 -41.75 17.39
CA ASP B 450 -5.47 -41.94 16.77
C ASP B 450 -5.39 -41.06 15.53
N ARG B 451 -5.31 -39.73 15.78
CA ARG B 451 -5.28 -38.70 14.74
C ARG B 451 -4.46 -37.50 15.24
N ASP B 452 -3.83 -36.80 14.28
CA ASP B 452 -3.00 -35.64 14.50
C ASP B 452 -3.71 -34.35 14.18
N ALA B 453 -4.92 -34.45 13.65
CA ALA B 453 -5.75 -33.28 13.43
C ALA B 453 -7.22 -33.68 13.41
N VAL B 454 -8.06 -32.60 13.63
CA VAL B 454 -9.48 -32.71 13.43
C VAL B 454 -9.95 -31.45 12.72
N GLN B 455 -11.18 -31.48 12.26
CA GLN B 455 -11.82 -30.34 11.68
C GLN B 455 -12.95 -29.93 12.64
N VAL B 456 -12.85 -28.72 13.21
CA VAL B 456 -13.92 -28.14 13.95
C VAL B 456 -14.88 -27.40 13.02
N PHE B 457 -16.18 -27.50 13.33
CA PHE B 457 -17.16 -26.96 12.39
C PHE B 457 -18.46 -26.62 13.12
N GLY B 458 -19.22 -25.75 12.48
CA GLY B 458 -20.60 -25.53 12.64
C GLY B 458 -21.30 -25.39 11.31
N GLY B 459 -22.57 -25.80 11.23
CA GLY B 459 -23.33 -25.61 10.01
C GLY B 459 -24.82 -25.93 10.17
N VAL B 460 -25.56 -25.65 9.11
CA VAL B 460 -27.00 -25.79 9.12
C VAL B 460 -27.39 -26.58 7.86
N TRP B 461 -28.43 -27.42 8.02
CA TRP B 461 -29.14 -27.92 6.85
C TRP B 461 -30.06 -26.86 6.32
N THR B 462 -30.11 -26.71 4.97
CA THR B 462 -30.84 -25.64 4.31
C THR B 462 -31.87 -26.15 3.26
N ASN B 463 -32.22 -27.45 3.30
CA ASN B 463 -33.29 -28.02 2.46
C ASN B 463 -34.61 -27.29 2.68
N SER B 464 -34.88 -26.81 3.90
CA SER B 464 -36.23 -26.40 4.25
C SER B 464 -36.52 -24.94 3.90
N GLY B 465 -35.50 -24.14 3.55
CA GLY B 465 -35.75 -22.76 3.16
C GLY B 465 -34.42 -21.98 3.08
N ASP B 466 -34.51 -20.68 2.89
CA ASP B 466 -33.33 -19.82 2.88
C ASP B 466 -32.94 -19.64 4.36
N ILE B 467 -31.81 -20.25 4.76
CA ILE B 467 -31.47 -20.36 6.15
C ILE B 467 -30.02 -19.94 6.31
N TRP B 468 -29.73 -19.27 7.46
CA TRP B 468 -28.36 -18.87 7.70
C TRP B 468 -27.99 -19.20 9.15
N MET B 469 -26.67 -19.30 9.33
CA MET B 469 -26.07 -19.43 10.67
C MET B 469 -24.92 -18.44 10.79
N GLN B 470 -24.79 -17.78 11.98
CA GLN B 470 -23.62 -17.00 12.30
C GLN B 470 -22.81 -17.69 13.41
N LEU B 471 -21.53 -17.43 13.47
CA LEU B 471 -20.56 -18.11 14.30
C LEU B 471 -19.48 -17.15 14.79
N ASP B 472 -19.05 -17.31 16.04
CA ASP B 472 -18.01 -16.51 16.61
C ASP B 472 -17.41 -17.19 17.85
N ASP B 473 -16.14 -16.83 18.13
CA ASP B 473 -15.45 -17.12 19.37
C ASP B 473 -15.37 -18.63 19.66
N VAL B 474 -14.85 -19.36 18.66
CA VAL B 474 -14.65 -20.79 18.72
C VAL B 474 -13.35 -21.13 19.46
N SER B 475 -13.44 -22.09 20.43
CA SER B 475 -12.28 -22.53 21.22
C SER B 475 -12.19 -24.07 21.22
N LEU B 476 -10.98 -24.62 21.03
CA LEU B 476 -10.67 -26.03 21.25
C LEU B 476 -9.48 -26.03 22.22
N THR B 477 -9.71 -26.62 23.40
CA THR B 477 -8.74 -26.74 24.46
C THR B 477 -8.67 -28.21 24.92
N LYS B 478 -7.47 -28.58 25.36
CA LYS B 478 -7.27 -29.87 25.99
C LYS B 478 -8.06 -29.94 27.30
N VAL B 479 -8.62 -31.11 27.59
CA VAL B 479 -9.30 -31.38 28.85
C VAL B 479 -8.24 -31.77 29.91
N ARG B 480 -8.37 -31.10 31.11
CA ARG B 480 -7.53 -31.15 32.30
C ARG B 480 -6.16 -31.81 32.03
N THR C 2 11.09 -5.97 12.21
CA THR C 2 10.09 -5.06 12.87
C THR C 2 10.68 -3.66 12.94
N THR C 3 9.78 -2.74 13.29
CA THR C 3 10.02 -1.32 13.50
C THR C 3 10.50 -1.08 14.93
N SER C 4 10.69 -2.16 15.71
CA SER C 4 11.09 -2.04 17.10
C SER C 4 12.37 -1.23 17.13
N ARG C 5 12.54 -0.45 18.21
CA ARG C 5 13.80 0.25 18.45
C ARG C 5 14.94 -0.76 18.64
N THR C 6 16.11 -0.32 18.13
CA THR C 6 17.37 -1.01 18.35
C THR C 6 18.16 -0.39 19.50
N PRO C 7 18.27 -1.09 20.67
CA PRO C 7 19.11 -0.58 21.76
C PRO C 7 20.64 -0.58 21.51
N ALA C 8 21.10 -1.52 20.70
CA ALA C 8 22.53 -1.79 20.51
C ALA C 8 23.18 -0.73 19.66
N THR C 9 24.50 -0.60 19.91
CA THR C 9 25.39 0.41 19.35
C THR C 9 26.42 -0.31 18.46
N VAL C 10 26.64 0.25 17.28
CA VAL C 10 27.75 -0.18 16.44
C VAL C 10 29.06 0.36 17.00
N VAL C 11 30.03 -0.59 17.18
CA VAL C 11 31.35 -0.28 17.74
C VAL C 11 32.45 -0.18 16.62
N GLU C 12 32.44 -1.19 15.70
CA GLU C 12 33.50 -1.25 14.65
C GLU C 12 33.04 -2.13 13.49
N LYS C 13 33.53 -1.90 12.27
CA LYS C 13 33.41 -2.90 11.21
C LYS C 13 34.70 -3.73 11.32
N LEU C 14 34.57 -5.03 11.59
CA LEU C 14 35.69 -5.94 11.85
C LEU C 14 36.38 -6.44 10.59
N THR C 15 35.61 -6.63 9.48
CA THR C 15 36.11 -7.20 8.24
C THR C 15 35.72 -6.34 7.03
N GLY C 16 36.53 -6.52 5.98
CA GLY C 16 36.27 -6.00 4.64
C GLY C 16 36.51 -4.50 4.49
N PRO C 17 36.00 -3.89 3.40
CA PRO C 17 36.30 -2.48 3.07
C PRO C 17 36.11 -1.50 4.21
N ASP C 18 37.18 -0.71 4.45
CA ASP C 18 37.17 0.34 5.49
C ASP C 18 37.35 -0.24 6.91
N ALA C 19 37.40 -1.57 7.09
CA ALA C 19 37.60 -2.11 8.47
C ALA C 19 38.97 -1.69 9.01
N PRO C 20 39.03 -1.18 10.26
CA PRO C 20 40.33 -0.90 10.95
C PRO C 20 41.32 -2.06 10.85
N ASN C 21 40.80 -3.28 10.95
CA ASN C 21 41.60 -4.49 10.93
C ASN C 21 42.32 -4.68 9.56
N ASN C 22 41.78 -4.14 8.46
CA ASN C 22 42.40 -4.31 7.15
C ASN C 22 42.58 -5.84 6.94
N THR C 23 41.47 -6.60 7.15
CA THR C 23 41.49 -8.03 6.81
C THR C 23 41.68 -8.23 5.30
N TRP C 24 41.16 -7.30 4.47
CA TRP C 24 41.31 -7.37 3.02
C TRP C 24 42.78 -7.33 2.60
N GLY C 25 43.51 -6.30 3.03
CA GLY C 25 44.94 -6.18 2.66
C GLY C 25 45.87 -7.20 3.34
N ARG C 26 45.55 -7.55 4.60
CA ARG C 26 46.42 -8.47 5.34
C ARG C 26 46.31 -9.93 4.82
N TRP C 27 45.11 -10.38 4.55
CA TRP C 27 44.72 -11.80 4.50
C TRP C 27 43.72 -12.13 3.35
N ASP C 28 43.50 -11.15 2.43
CA ASP C 28 42.54 -11.31 1.38
C ASP C 28 41.13 -11.68 1.91
N ILE C 29 40.75 -11.13 3.07
CA ILE C 29 39.40 -11.29 3.59
C ILE C 29 38.64 -10.00 3.28
N LYS C 30 38.00 -9.96 2.10
CA LYS C 30 37.32 -8.74 1.69
C LYS C 30 35.85 -8.78 2.13
N ALA C 31 35.22 -9.97 2.18
CA ALA C 31 33.81 -10.09 2.51
C ALA C 31 33.59 -11.45 3.15
N THR C 32 32.83 -11.48 4.28
CA THR C 32 32.69 -12.69 5.05
C THR C 32 31.47 -12.55 5.99
N ASP C 33 31.24 -13.58 6.80
CA ASP C 33 30.17 -13.47 7.79
C ASP C 33 30.45 -14.32 9.02
N LEU C 34 29.49 -14.20 9.97
CA LEU C 34 29.37 -14.89 11.27
C LEU C 34 30.30 -14.28 12.31
N GLY C 35 31.60 -14.63 12.38
CA GLY C 35 32.49 -14.10 13.42
C GLY C 35 32.12 -14.73 14.79
N ILE C 36 32.22 -16.07 14.81
CA ILE C 36 32.01 -16.94 15.96
C ILE C 36 33.27 -17.03 16.83
N MET C 37 33.14 -16.67 18.14
CA MET C 37 34.25 -16.33 19.02
C MET C 37 34.25 -17.25 20.24
N TRP C 38 35.46 -17.69 20.63
CA TRP C 38 35.66 -18.47 21.86
C TRP C 38 37.04 -18.17 22.41
N ASP C 39 37.16 -18.42 23.75
CA ASP C 39 38.42 -18.24 24.45
C ASP C 39 39.31 -19.46 24.24
N ASP C 40 40.57 -19.29 23.76
CA ASP C 40 41.38 -20.47 23.41
C ASP C 40 42.07 -21.11 24.64
N GLY C 41 41.94 -20.49 25.83
CA GLY C 41 42.52 -21.07 27.04
C GLY C 41 43.92 -20.52 27.31
N ALA C 42 44.47 -19.76 26.37
CA ALA C 42 45.86 -19.36 26.39
C ALA C 42 45.90 -17.83 26.30
N GLY C 43 44.77 -17.18 26.65
CA GLY C 43 44.70 -15.74 26.73
C GLY C 43 44.33 -15.06 25.40
N HIS C 44 43.75 -15.83 24.47
CA HIS C 44 43.32 -15.25 23.19
C HIS C 44 41.84 -15.56 22.91
N VAL C 45 41.24 -14.79 22.00
CA VAL C 45 39.95 -15.10 21.39
C VAL C 45 40.16 -15.60 19.96
N LEU C 46 39.65 -16.78 19.65
CA LEU C 46 39.67 -17.24 18.26
C LEU C 46 38.29 -16.89 17.68
N THR C 47 38.28 -16.50 16.37
CA THR C 47 37.01 -16.10 15.74
C THR C 47 36.96 -16.72 14.32
N ALA C 48 35.94 -17.55 14.07
CA ALA C 48 35.71 -18.25 12.82
C ALA C 48 34.59 -17.58 11.99
N PHE C 49 34.77 -17.67 10.66
CA PHE C 49 33.84 -17.10 9.68
C PHE C 49 33.39 -18.17 8.69
N GLY C 50 32.26 -17.89 8.01
CA GLY C 50 31.70 -18.72 6.98
C GLY C 50 32.26 -18.35 5.59
N ASP C 51 31.41 -18.45 4.57
CA ASP C 51 31.84 -18.26 3.20
C ASP C 51 32.48 -16.86 3.09
N THR C 52 33.70 -16.84 2.51
CA THR C 52 34.64 -15.73 2.51
C THR C 52 35.16 -15.53 1.08
N PHE C 53 35.18 -14.28 0.67
CA PHE C 53 35.66 -13.85 -0.64
C PHE C 53 36.78 -12.82 -0.51
N GLY C 54 37.64 -12.75 -1.54
CA GLY C 54 38.79 -11.89 -1.56
C GLY C 54 38.61 -10.68 -2.50
N ASN C 55 39.77 -10.21 -3.00
CA ASN C 55 39.96 -8.93 -3.69
C ASN C 55 38.87 -8.57 -4.69
N SER C 56 38.44 -9.54 -5.54
CA SER C 56 37.53 -9.25 -6.66
C SER C 56 36.08 -9.10 -6.25
N TRP C 57 35.76 -9.46 -4.99
CA TRP C 57 34.42 -9.20 -4.50
C TRP C 57 34.03 -7.73 -4.65
N THR C 58 32.76 -7.48 -5.06
CA THR C 58 32.20 -6.14 -5.04
C THR C 58 30.93 -6.00 -4.17
N GLY C 59 30.18 -7.09 -3.98
CA GLY C 59 28.83 -7.06 -3.43
C GLY C 59 27.87 -6.34 -4.38
N PRO C 60 26.67 -5.96 -3.91
CA PRO C 60 26.19 -6.29 -2.54
C PRO C 60 25.99 -7.79 -2.33
N GLY C 61 26.09 -8.24 -1.07
CA GLY C 61 25.75 -9.61 -0.76
C GLY C 61 26.93 -10.57 -0.92
N GLY C 62 26.73 -11.79 -0.44
CA GLY C 62 27.64 -12.92 -0.60
C GLY C 62 27.77 -13.22 -2.08
N GLY C 63 28.80 -13.88 -2.48
CA GLY C 63 28.93 -14.11 -3.90
C GLY C 63 29.93 -13.15 -4.54
N ALA C 64 30.75 -13.73 -5.39
CA ALA C 64 31.83 -12.98 -6.03
C ALA C 64 32.06 -13.56 -7.40
N PRO C 65 32.87 -12.88 -8.26
CA PRO C 65 33.18 -13.46 -9.56
C PRO C 65 33.95 -14.77 -9.43
N PRO C 66 34.14 -15.50 -10.54
CA PRO C 66 34.88 -16.76 -10.46
C PRO C 66 36.29 -16.70 -9.86
N ASN C 67 36.94 -15.52 -9.92
CA ASN C 67 38.26 -15.30 -9.35
C ASN C 67 38.17 -14.75 -7.92
N GLY C 68 37.02 -14.92 -7.18
CA GLY C 68 36.85 -14.24 -5.90
C GLY C 68 37.48 -14.96 -4.70
N ASN C 69 38.36 -15.96 -4.95
CA ASN C 69 39.12 -16.63 -3.93
C ASN C 69 38.12 -17.09 -2.82
N TRP C 70 37.08 -17.82 -3.24
CA TRP C 70 36.08 -18.37 -2.33
C TRP C 70 36.71 -19.40 -1.41
N ARG C 71 36.53 -19.17 -0.09
CA ARG C 71 36.92 -20.12 0.96
C ARG C 71 35.66 -20.32 1.82
N SER C 72 35.39 -21.57 2.18
CA SER C 72 34.18 -21.86 2.99
C SER C 72 34.20 -21.28 4.41
N ASN C 73 35.39 -21.02 4.93
CA ASN C 73 35.66 -20.54 6.27
C ASN C 73 37.09 -20.02 6.34
N VAL C 74 37.29 -19.15 7.36
CA VAL C 74 38.60 -18.63 7.74
C VAL C 74 38.61 -18.43 9.26
N LEU C 75 39.79 -18.21 9.80
CA LEU C 75 40.02 -18.17 11.26
C LEU C 75 41.08 -17.13 11.58
N VAL C 76 40.76 -16.25 12.52
CA VAL C 76 41.64 -15.19 13.03
C VAL C 76 41.69 -15.24 14.56
N ARG C 77 42.68 -14.55 15.14
CA ARG C 77 42.89 -14.51 16.59
C ARG C 77 42.85 -13.04 17.01
N SER C 78 42.54 -12.81 18.27
CA SER C 78 42.59 -11.50 18.93
C SER C 78 43.18 -11.68 20.34
N SER C 79 43.96 -10.65 20.73
CA SER C 79 44.46 -10.48 22.11
C SER C 79 43.80 -9.28 22.81
N ASP C 80 42.74 -8.68 22.22
CA ASP C 80 42.31 -7.31 22.52
C ASP C 80 41.29 -7.34 23.67
N GLY C 81 41.69 -6.82 24.84
CA GLY C 81 40.86 -6.84 26.03
C GLY C 81 40.09 -5.53 26.18
N ASP C 82 40.24 -4.56 25.25
CA ASP C 82 39.53 -3.28 25.34
C ASP C 82 38.56 -3.13 24.15
N LEU C 83 37.34 -3.68 24.27
CA LEU C 83 36.41 -3.79 23.17
C LEU C 83 35.65 -2.50 22.86
N ALA C 84 35.71 -1.49 23.76
CA ALA C 84 34.99 -0.24 23.45
C ALA C 84 35.58 0.49 22.22
N ASP C 85 36.91 0.38 21.98
CA ASP C 85 37.55 0.99 20.81
C ASP C 85 37.80 -0.01 19.67
N GLY C 86 37.05 -1.12 19.59
CA GLY C 86 37.14 -2.11 18.52
C GLY C 86 37.89 -3.38 18.95
N MET C 87 37.97 -4.37 18.04
CA MET C 87 38.53 -5.65 18.38
C MET C 87 39.65 -5.96 17.39
N LEU C 88 40.90 -5.72 17.75
CA LEU C 88 42.03 -5.92 16.82
C LEU C 88 42.30 -7.44 16.65
N PHE C 89 42.39 -7.90 15.39
CA PHE C 89 42.85 -9.24 15.07
C PHE C 89 44.39 -9.17 14.95
N ASP C 90 45.13 -10.08 15.59
CA ASP C 90 46.57 -10.05 15.68
C ASP C 90 47.19 -11.28 15.01
N TRP C 91 46.40 -12.16 14.37
CA TRP C 91 46.88 -13.39 13.74
C TRP C 91 45.79 -13.95 12.83
N ALA C 92 46.21 -14.67 11.77
CA ALA C 92 45.29 -15.47 10.97
C ALA C 92 45.95 -16.77 10.55
N ALA C 93 45.09 -17.78 10.36
CA ALA C 93 45.55 -19.04 9.80
C ALA C 93 45.69 -18.85 8.27
N GLN C 94 46.93 -18.96 7.75
CA GLN C 94 47.15 -18.58 6.35
C GLN C 94 47.67 -19.77 5.52
N GLY C 95 47.68 -19.59 4.20
CA GLY C 95 48.17 -20.61 3.28
C GLY C 95 47.72 -20.28 1.89
N PRO C 96 48.57 -19.58 1.09
CA PRO C 96 49.92 -19.14 1.45
C PRO C 96 49.92 -17.94 2.39
N GLN C 97 51.10 -17.60 2.95
CA GLN C 97 51.21 -16.42 3.78
C GLN C 97 50.76 -15.22 3.00
N GLY C 98 50.00 -14.31 3.65
CA GLY C 98 49.35 -13.27 2.90
C GLY C 98 47.87 -13.55 2.61
N VAL C 99 47.42 -14.81 2.80
CA VAL C 99 46.06 -15.21 2.46
C VAL C 99 45.52 -16.06 3.61
N ALA C 100 44.40 -15.63 4.19
CA ALA C 100 43.72 -16.48 5.19
C ALA C 100 43.16 -17.70 4.44
N ARG C 101 43.46 -18.93 4.95
CA ARG C 101 43.05 -20.14 4.27
C ARG C 101 41.79 -20.79 4.89
N GLU C 102 41.20 -21.66 4.08
CA GLU C 102 40.09 -22.51 4.51
C GLU C 102 40.58 -23.56 5.51
N ILE C 103 39.97 -23.64 6.71
CA ILE C 103 40.47 -24.54 7.76
C ILE C 103 39.63 -25.81 7.91
N ILE C 104 38.37 -25.78 7.47
CA ILE C 104 37.52 -26.95 7.37
C ILE C 104 37.20 -27.15 5.87
N PRO C 105 37.74 -28.20 5.22
CA PRO C 105 37.58 -28.36 3.76
C PRO C 105 36.13 -28.66 3.38
N SER C 106 35.77 -28.23 2.19
CA SER C 106 34.49 -28.53 1.59
C SER C 106 34.70 -28.97 0.14
N LYS C 107 33.73 -29.71 -0.40
CA LYS C 107 33.84 -30.18 -1.78
C LYS C 107 33.45 -29.14 -2.84
N LYS C 108 32.53 -28.22 -2.46
CA LYS C 108 31.98 -27.16 -3.30
C LYS C 108 31.34 -27.74 -4.58
N ILE C 109 30.43 -28.71 -4.35
CA ILE C 109 29.68 -29.42 -5.39
C ILE C 109 28.22 -29.22 -5.03
N ASN C 110 27.50 -28.39 -5.78
CA ASN C 110 26.15 -28.09 -5.34
C ASN C 110 25.32 -29.39 -5.31
N GLY C 111 24.51 -29.54 -4.25
CA GLY C 111 23.59 -30.65 -4.11
C GLY C 111 24.29 -31.89 -3.57
N VAL C 112 25.58 -31.80 -3.26
CA VAL C 112 26.33 -32.87 -2.61
C VAL C 112 26.86 -32.27 -1.32
N GLU C 113 27.76 -31.28 -1.49
CA GLU C 113 28.22 -30.45 -0.37
C GLU C 113 28.75 -29.14 -0.98
N ILE C 114 27.91 -28.12 -0.95
CA ILE C 114 28.30 -26.82 -1.52
C ILE C 114 29.34 -26.12 -0.64
N THR C 115 29.28 -26.25 0.69
CA THR C 115 30.18 -25.54 1.56
C THR C 115 30.12 -26.20 2.96
N THR C 116 31.04 -25.78 3.83
CA THR C 116 31.17 -26.13 5.23
C THR C 116 31.21 -24.83 6.02
N ILE C 117 30.26 -24.70 6.97
CA ILE C 117 30.10 -23.44 7.68
C ILE C 117 30.31 -23.75 9.16
N PRO C 118 31.21 -22.99 9.84
CA PRO C 118 31.36 -23.06 11.29
C PRO C 118 30.04 -22.68 11.98
N THR C 119 29.78 -23.23 13.18
CA THR C 119 28.58 -22.87 13.93
C THR C 119 28.87 -22.37 15.34
N THR C 120 29.87 -22.92 16.02
CA THR C 120 30.21 -22.59 17.38
C THR C 120 31.58 -23.19 17.69
N GLY C 121 32.29 -22.63 18.69
CA GLY C 121 33.59 -23.17 19.09
C GLY C 121 33.81 -23.12 20.60
N ILE C 122 34.84 -23.85 21.07
CA ILE C 122 35.20 -23.83 22.49
C ILE C 122 36.59 -24.45 22.61
N SER C 123 37.23 -24.21 23.75
CA SER C 123 38.46 -24.88 24.09
C SER C 123 38.22 -25.69 25.38
N VAL C 124 38.86 -26.87 25.41
CA VAL C 124 38.96 -27.65 26.66
C VAL C 124 40.43 -28.05 26.79
N GLY C 125 41.08 -27.58 27.86
CA GLY C 125 42.50 -27.76 28.06
C GLY C 125 43.25 -27.11 26.89
N LYS C 126 44.09 -27.90 26.23
CA LYS C 126 44.96 -27.38 25.21
C LYS C 126 44.44 -27.75 23.84
N ARG C 127 43.13 -28.12 23.79
CA ARG C 127 42.46 -28.49 22.56
C ARG C 127 41.36 -27.46 22.21
N GLN C 128 41.36 -27.05 20.92
CA GLN C 128 40.32 -26.18 20.38
C GLN C 128 39.37 -27.06 19.61
N TYR C 129 38.04 -26.81 19.74
CA TYR C 129 36.98 -27.45 19.02
C TYR C 129 36.16 -26.44 18.22
N LEU C 130 35.84 -26.80 16.96
CA LEU C 130 35.02 -25.93 16.11
C LEU C 130 33.88 -26.76 15.53
N GLY C 131 32.65 -26.50 15.97
CA GLY C 131 31.50 -27.16 15.33
C GLY C 131 31.25 -26.57 13.94
N PHE C 132 30.72 -27.42 13.04
CA PHE C 132 30.35 -26.96 11.72
C PHE C 132 29.17 -27.75 11.19
N MET C 133 28.56 -27.18 10.14
CA MET C 133 27.57 -27.87 9.32
C MET C 133 28.06 -28.04 7.89
N SER C 134 27.90 -29.26 7.38
CA SER C 134 28.06 -29.55 5.98
C SER C 134 26.77 -29.17 5.26
N VAL C 135 26.88 -28.21 4.31
CA VAL C 135 25.72 -27.69 3.60
C VAL C 135 25.62 -28.40 2.26
N LYS C 136 24.44 -29.02 2.05
CA LYS C 136 24.17 -29.71 0.79
C LYS C 136 23.85 -28.72 -0.35
N GLN C 137 22.98 -27.76 -0.04
CA GLN C 137 22.47 -26.78 -0.95
C GLN C 137 21.69 -25.72 -0.17
N TRP C 138 21.76 -24.52 -0.73
CA TRP C 138 21.07 -23.34 -0.24
C TRP C 138 19.67 -23.30 -0.86
N GLY C 139 18.71 -22.79 -0.11
CA GLY C 139 17.39 -22.52 -0.64
C GLY C 139 17.13 -21.02 -0.55
N PRO C 140 15.86 -20.59 -0.46
CA PRO C 140 15.56 -19.16 -0.31
C PRO C 140 16.10 -18.68 1.04
N PRO C 141 16.13 -17.36 1.33
CA PRO C 141 16.66 -16.85 2.57
C PRO C 141 16.09 -17.60 3.78
N GLY C 142 17.00 -18.03 4.66
CA GLY C 142 16.67 -18.69 5.91
C GLY C 142 16.37 -20.18 5.80
N VAL C 143 16.49 -20.68 4.57
CA VAL C 143 16.23 -22.08 4.22
C VAL C 143 17.45 -22.69 3.52
N TRP C 144 17.86 -23.85 4.05
CA TRP C 144 18.95 -24.65 3.48
C TRP C 144 18.94 -26.05 4.10
N ASP C 145 19.58 -26.98 3.39
CA ASP C 145 19.68 -28.39 3.76
C ASP C 145 21.12 -28.75 4.14
N THR C 146 21.29 -29.33 5.32
CA THR C 146 22.60 -29.83 5.78
C THR C 146 22.68 -31.36 5.73
N ASN C 147 23.89 -31.90 5.48
CA ASN C 147 24.17 -33.31 5.44
C ASN C 147 24.31 -33.81 6.87
N PHE C 148 25.05 -33.02 7.69
CA PHE C 148 25.43 -33.34 9.05
C PHE C 148 26.01 -32.10 9.74
N ALA C 149 26.05 -32.22 11.08
CA ALA C 149 26.87 -31.42 11.97
C ALA C 149 28.10 -32.24 12.35
N GLY C 150 29.27 -31.58 12.36
CA GLY C 150 30.53 -32.21 12.71
C GLY C 150 31.34 -31.38 13.70
N ILE C 151 32.56 -31.82 14.01
CA ILE C 151 33.45 -31.10 14.87
C ILE C 151 34.88 -31.24 14.33
N ALA C 152 35.55 -30.10 14.22
CA ALA C 152 36.98 -30.12 13.90
C ALA C 152 37.68 -29.71 15.19
N TYR C 153 38.97 -30.05 15.24
CA TYR C 153 39.74 -29.73 16.42
C TYR C 153 41.20 -29.44 16.04
N SER C 154 41.83 -28.66 16.92
CA SER C 154 43.22 -28.24 16.83
C SER C 154 43.89 -28.39 18.20
N ASP C 155 45.15 -28.89 18.18
CA ASP C 155 45.94 -29.02 19.39
C ASP C 155 47.13 -28.07 19.34
N ASP C 156 47.12 -27.07 18.45
CA ASP C 156 48.17 -26.07 18.38
C ASP C 156 47.56 -24.65 18.31
N GLY C 157 46.45 -24.45 19.04
CA GLY C 157 45.97 -23.09 19.21
C GLY C 157 45.29 -22.56 17.93
N GLY C 158 44.85 -23.45 17.06
CA GLY C 158 44.16 -23.10 15.83
C GLY C 158 45.04 -23.09 14.58
N GLY C 159 46.33 -23.33 14.73
CA GLY C 159 47.28 -23.32 13.59
C GLY C 159 46.93 -24.38 12.57
N THR C 160 46.66 -25.64 13.00
CA THR C 160 46.20 -26.71 12.11
C THR C 160 44.97 -27.38 12.72
N TRP C 161 44.18 -28.01 11.87
CA TRP C 161 42.85 -28.51 12.18
C TRP C 161 42.71 -29.92 11.61
N LYS C 162 42.04 -30.82 12.36
CA LYS C 162 41.56 -32.10 11.86
C LYS C 162 40.03 -32.19 12.01
N VAL C 163 39.35 -32.85 11.08
CA VAL C 163 37.90 -33.10 11.25
C VAL C 163 37.78 -34.42 12.00
N SER C 164 37.10 -34.42 13.13
CA SER C 164 36.77 -35.68 13.81
C SER C 164 35.72 -36.53 13.06
N ASP C 165 35.50 -37.75 13.62
CA ASP C 165 34.52 -38.69 13.08
C ASP C 165 33.14 -38.51 13.74
N THR C 166 33.00 -37.49 14.61
CA THR C 166 31.81 -37.19 15.40
C THR C 166 30.86 -36.34 14.56
N ARG C 167 29.68 -36.90 14.27
CA ARG C 167 28.69 -36.36 13.37
C ARG C 167 27.28 -36.54 13.95
N TRP C 168 26.39 -35.59 13.63
CA TRP C 168 24.95 -35.76 13.75
C TRP C 168 24.44 -35.76 12.33
N GLU C 169 24.26 -36.98 11.77
CA GLU C 169 23.67 -37.18 10.45
C GLU C 169 22.25 -36.59 10.37
N ASN C 170 21.87 -36.15 9.16
CA ASN C 170 20.61 -35.51 8.87
C ASN C 170 19.88 -36.32 7.80
N ALA C 171 19.73 -37.63 8.05
CA ALA C 171 19.15 -38.53 7.07
C ALA C 171 17.76 -38.08 6.58
N ASP C 172 16.90 -37.57 7.48
CA ASP C 172 15.55 -37.12 7.12
C ASP C 172 15.35 -35.59 6.97
N GLY C 173 16.41 -34.75 7.07
CA GLY C 173 16.27 -33.31 6.89
C GLY C 173 15.97 -32.53 8.19
N HIS C 174 15.48 -33.22 9.24
CA HIS C 174 14.89 -32.58 10.42
C HIS C 174 15.68 -32.89 11.68
N ASP C 175 16.94 -33.37 11.59
CA ASP C 175 17.74 -33.57 12.78
C ASP C 175 17.81 -32.24 13.54
N PRO C 176 17.62 -32.22 14.88
CA PRO C 176 17.57 -30.97 15.63
C PRO C 176 18.88 -30.43 16.21
N PHE C 177 20.02 -31.08 15.96
CA PHE C 177 21.31 -30.53 16.40
C PHE C 177 22.23 -30.26 15.20
N GLN C 178 21.64 -29.85 14.07
CA GLN C 178 22.44 -29.47 12.88
C GLN C 178 23.27 -28.20 13.09
N MET C 179 22.70 -27.17 13.74
CA MET C 179 23.38 -25.90 13.96
C MET C 179 23.46 -25.69 15.47
N GLN C 180 24.69 -25.82 15.98
CA GLN C 180 24.92 -25.93 17.42
C GLN C 180 25.42 -24.61 17.99
N ALA C 181 25.24 -24.48 19.32
CA ALA C 181 25.78 -23.40 20.12
C ALA C 181 26.24 -23.94 21.49
N TRP C 182 27.54 -23.87 21.75
CA TRP C 182 28.15 -24.45 22.95
C TRP C 182 28.38 -23.39 24.02
N VAL C 183 28.11 -23.74 25.30
CA VAL C 183 28.44 -22.88 26.46
C VAL C 183 28.90 -23.80 27.61
N GLN C 184 30.01 -23.43 28.26
CA GLN C 184 30.49 -24.26 29.35
C GLN C 184 30.10 -23.61 30.69
N LYS C 185 29.57 -24.44 31.62
CA LYS C 185 29.51 -24.04 33.01
C LYS C 185 29.84 -25.24 33.90
N GLY C 186 30.74 -25.02 34.86
CA GLY C 186 31.31 -26.12 35.62
C GLY C 186 32.14 -27.04 34.73
N GLY C 187 31.89 -28.35 34.83
CA GLY C 187 32.66 -29.30 34.02
C GLY C 187 31.81 -29.88 32.90
N THR C 188 30.71 -29.17 32.60
CA THR C 188 29.70 -29.55 31.64
C THR C 188 29.68 -28.54 30.46
N ILE C 189 29.50 -29.09 29.25
CA ILE C 189 29.26 -28.30 28.04
C ILE C 189 27.84 -28.59 27.61
N TYR C 190 27.02 -27.52 27.66
CA TYR C 190 25.68 -27.49 27.15
C TYR C 190 25.73 -27.20 25.64
N VAL C 191 25.02 -28.00 24.87
CA VAL C 191 25.03 -27.95 23.42
C VAL C 191 23.57 -27.67 23.00
N PHE C 192 23.33 -26.43 22.61
CA PHE C 192 22.07 -26.05 22.03
C PHE C 192 22.05 -26.40 20.55
N GLY C 193 20.86 -26.56 20.00
CA GLY C 193 20.80 -26.94 18.61
C GLY C 193 19.51 -26.52 17.95
N THR C 194 19.62 -26.20 16.65
CA THR C 194 18.54 -26.06 15.69
C THR C 194 18.70 -27.04 14.50
N GLN C 195 17.58 -27.24 13.81
CA GLN C 195 17.53 -27.84 12.50
C GLN C 195 18.33 -26.96 11.55
N ASN C 196 18.57 -27.48 10.34
CA ASN C 196 19.13 -26.67 9.24
C ASN C 196 18.23 -25.47 8.94
N GLY C 197 18.83 -24.28 8.83
CA GLY C 197 18.05 -23.09 8.48
C GLY C 197 17.32 -22.53 9.71
N ARG C 198 16.46 -21.55 9.46
CA ARG C 198 16.11 -20.57 10.48
C ARG C 198 14.62 -20.59 10.89
N ASN C 199 13.96 -21.71 10.68
CA ASN C 199 12.49 -21.77 10.82
C ASN C 199 12.00 -22.77 11.89
N GLY C 200 12.87 -23.42 12.66
CA GLY C 200 12.42 -24.36 13.68
C GLY C 200 12.80 -23.97 15.08
N PRO C 201 12.61 -24.87 16.11
CA PRO C 201 12.96 -24.49 17.49
C PRO C 201 14.40 -24.89 17.86
N ALA C 202 14.76 -24.57 19.09
CA ALA C 202 16.03 -24.91 19.69
C ALA C 202 15.82 -26.05 20.70
N SER C 203 16.75 -27.02 20.69
CA SER C 203 16.82 -28.10 21.66
C SER C 203 18.10 -27.95 22.47
N VAL C 204 18.24 -28.74 23.53
CA VAL C 204 19.47 -28.70 24.29
C VAL C 204 19.88 -30.11 24.75
N ALA C 205 21.20 -30.30 24.69
CA ALA C 205 21.97 -31.46 25.13
C ALA C 205 23.11 -30.98 26.00
N LYS C 206 23.82 -31.94 26.63
CA LYS C 206 24.97 -31.64 27.47
C LYS C 206 25.86 -32.87 27.54
N VAL C 207 27.13 -32.61 27.84
CA VAL C 207 28.22 -33.57 27.81
C VAL C 207 29.27 -33.07 28.80
N PRO C 208 29.97 -33.98 29.53
CA PRO C 208 31.17 -33.56 30.28
C PRO C 208 32.21 -32.90 29.35
N ALA C 209 32.89 -31.86 29.82
CA ALA C 209 33.69 -31.08 28.87
C ALA C 209 34.80 -31.93 28.24
N SER C 210 35.36 -32.89 28.98
CA SER C 210 36.40 -33.74 28.45
C SER C 210 35.88 -34.84 27.54
N LYS C 211 34.58 -34.88 27.20
CA LYS C 211 34.08 -35.90 26.30
C LYS C 211 33.20 -35.29 25.21
N LEU C 212 33.54 -34.05 24.79
CA LEU C 212 32.89 -33.38 23.66
C LEU C 212 32.85 -34.20 22.36
N LEU C 213 33.90 -34.97 22.01
CA LEU C 213 33.87 -35.74 20.77
C LEU C 213 33.17 -37.09 20.94
N ASP C 214 32.84 -37.48 22.18
CA ASP C 214 32.23 -38.79 22.47
C ASP C 214 30.70 -38.65 22.41
N LYS C 215 30.16 -38.94 21.24
CA LYS C 215 28.74 -38.83 20.92
C LYS C 215 27.87 -39.60 21.92
N SER C 216 28.43 -40.64 22.54
CA SER C 216 27.71 -41.44 23.54
C SER C 216 27.75 -40.81 24.94
N ALA C 217 28.69 -39.89 25.26
CA ALA C 217 28.63 -39.19 26.55
C ALA C 217 27.53 -38.11 26.54
N PHE C 218 26.83 -37.97 25.39
CA PHE C 218 25.85 -36.91 25.25
C PHE C 218 24.55 -37.27 25.96
N ARG C 219 23.99 -36.28 26.67
CA ARG C 219 22.67 -36.40 27.29
C ARG C 219 21.74 -35.28 26.80
N TYR C 220 20.48 -35.65 26.50
CA TYR C 220 19.53 -34.75 25.85
C TYR C 220 18.33 -34.44 26.75
N TRP C 221 17.98 -33.14 26.88
CA TRP C 221 16.86 -32.71 27.73
C TRP C 221 15.55 -33.12 27.08
N ASN C 222 14.69 -33.84 27.84
CA ASN C 222 13.42 -34.38 27.40
C ASN C 222 12.20 -33.78 28.13
N GLY C 223 12.39 -32.76 28.96
CA GLY C 223 11.29 -32.18 29.73
C GLY C 223 11.35 -32.55 31.23
N THR C 224 12.06 -33.64 31.55
CA THR C 224 12.12 -34.21 32.87
C THR C 224 13.57 -34.23 33.34
N ASP C 225 14.43 -34.91 32.56
CA ASP C 225 15.85 -35.02 32.89
C ASP C 225 16.69 -35.04 31.59
N TRP C 226 17.94 -35.54 31.69
CA TRP C 226 18.88 -35.52 30.59
C TRP C 226 19.24 -36.96 30.25
N SER C 227 18.71 -37.46 29.12
CA SER C 227 18.66 -38.86 28.76
C SER C 227 19.50 -39.17 27.50
N ARG C 228 19.73 -40.47 27.26
CA ARG C 228 20.69 -40.91 26.25
C ARG C 228 20.18 -40.70 24.81
N LYS C 229 18.89 -40.85 24.51
CA LYS C 229 18.43 -40.83 23.11
C LYS C 229 18.26 -39.40 22.57
N GLU C 230 18.79 -39.17 21.35
CA GLU C 230 18.62 -37.88 20.70
C GLU C 230 17.15 -37.62 20.35
N SER C 231 16.38 -38.66 20.04
CA SER C 231 14.97 -38.55 19.66
C SER C 231 14.07 -38.11 20.83
N ASP C 232 14.58 -38.06 22.08
CA ASP C 232 13.75 -37.62 23.20
C ASP C 232 13.85 -36.10 23.40
N ALA C 233 14.87 -35.46 22.78
CA ALA C 233 15.12 -34.04 22.95
C ALA C 233 13.84 -33.27 22.62
N VAL C 234 13.39 -32.44 23.57
CA VAL C 234 12.23 -31.58 23.34
C VAL C 234 12.74 -30.15 23.16
N PRO C 235 11.97 -29.28 22.46
CA PRO C 235 12.24 -27.85 22.38
C PRO C 235 12.31 -27.15 23.72
N VAL C 236 13.34 -26.32 23.89
CA VAL C 236 13.41 -25.46 25.03
C VAL C 236 12.98 -24.06 24.67
N MET C 237 13.04 -23.74 23.36
CA MET C 237 12.69 -22.42 22.83
C MET C 237 12.02 -22.69 21.49
N ASP C 238 10.85 -22.08 21.33
CA ASP C 238 10.02 -22.30 20.15
C ASP C 238 10.59 -21.61 18.91
N ALA C 239 10.16 -22.18 17.80
CA ALA C 239 10.42 -21.64 16.47
C ALA C 239 9.86 -20.21 16.38
N PRO C 240 10.41 -19.31 15.52
CA PRO C 240 11.65 -19.55 14.72
C PRO C 240 12.97 -19.20 15.43
N MET C 241 13.95 -20.10 15.28
CA MET C 241 15.27 -19.88 15.85
C MET C 241 16.31 -20.09 14.73
N SER C 242 17.43 -19.36 14.83
CA SER C 242 18.45 -19.36 13.76
C SER C 242 19.75 -19.93 14.31
N GLU C 243 20.86 -19.65 13.60
CA GLU C 243 22.13 -19.56 14.30
C GLU C 243 21.93 -19.00 15.72
N MET C 244 22.70 -19.54 16.66
CA MET C 244 22.62 -19.18 18.06
C MET C 244 23.97 -18.99 18.72
N SER C 245 23.93 -18.20 19.83
CA SER C 245 25.04 -17.99 20.72
C SER C 245 24.49 -18.02 22.17
N VAL C 246 25.17 -18.72 23.06
CA VAL C 246 24.78 -18.76 24.46
C VAL C 246 26.06 -18.51 25.29
N GLN C 247 25.96 -17.59 26.26
CA GLN C 247 27.00 -17.17 27.19
C GLN C 247 26.49 -17.25 28.64
N TYR C 248 27.30 -17.84 29.52
CA TYR C 248 27.03 -17.76 30.96
C TYR C 248 27.61 -16.46 31.47
N ASP C 249 26.71 -15.59 31.96
CA ASP C 249 27.04 -14.27 32.45
C ASP C 249 27.14 -14.28 33.98
N ALA C 250 28.36 -14.12 34.53
CA ALA C 250 28.56 -13.93 35.96
C ALA C 250 27.80 -12.74 36.55
N TYR C 251 27.70 -11.65 35.75
CA TYR C 251 27.20 -10.39 36.25
C TYR C 251 25.73 -10.50 36.66
N SER C 252 24.91 -11.21 35.85
CA SER C 252 23.46 -11.38 36.05
C SER C 252 23.09 -12.76 36.57
N LYS C 253 24.11 -13.64 36.69
CA LYS C 253 23.98 -15.04 37.04
C LYS C 253 22.98 -15.77 36.15
N ARG C 254 23.20 -15.63 34.86
CA ARG C 254 22.26 -16.13 33.89
C ARG C 254 23.00 -16.50 32.60
N PHE C 255 22.45 -17.51 31.93
CA PHE C 255 22.70 -17.73 30.50
C PHE C 255 22.01 -16.63 29.70
N LEU C 256 22.75 -16.04 28.73
CA LEU C 256 22.18 -15.18 27.72
C LEU C 256 22.21 -15.92 26.37
N MET C 257 21.12 -15.82 25.59
CA MET C 257 21.00 -16.41 24.25
C MET C 257 20.64 -15.29 23.26
N MET C 258 21.42 -15.24 22.13
CA MET C 258 21.18 -14.32 21.05
C MET C 258 20.94 -15.13 19.76
N THR C 259 19.94 -14.71 18.98
CA THR C 259 19.55 -15.39 17.76
C THR C 259 18.69 -14.44 16.95
N LEU C 260 18.81 -14.52 15.61
CA LEU C 260 17.77 -14.00 14.73
C LEU C 260 16.50 -14.86 14.86
N SER C 261 15.39 -14.22 15.33
CA SER C 261 14.09 -14.88 15.41
C SER C 261 13.07 -14.19 14.50
N GLY C 262 12.83 -14.76 13.31
CA GLY C 262 12.06 -14.08 12.28
C GLY C 262 12.80 -12.88 11.69
N GLU C 263 12.40 -11.66 12.08
CA GLU C 263 12.92 -10.44 11.49
C GLU C 263 14.10 -9.84 12.25
N ASP C 264 14.06 -9.95 13.59
CA ASP C 264 15.00 -9.22 14.42
C ASP C 264 15.89 -10.19 15.21
N ILE C 265 17.09 -9.70 15.51
CA ILE C 265 17.92 -10.32 16.54
C ILE C 265 17.38 -9.91 17.93
N ILE C 266 17.27 -10.96 18.74
CA ILE C 266 16.64 -10.90 20.05
C ILE C 266 17.59 -11.58 21.03
N MET C 267 17.31 -11.38 22.34
CA MET C 267 18.04 -12.04 23.40
C MET C 267 16.99 -12.62 24.35
N ARG C 268 17.31 -13.77 24.94
CA ARG C 268 16.56 -14.39 26.01
C ARG C 268 17.53 -14.81 27.12
N THR C 269 16.99 -15.04 28.34
CA THR C 269 17.83 -15.25 29.51
C THR C 269 17.25 -16.45 30.29
N ALA C 270 18.08 -17.18 31.04
CA ALA C 270 17.67 -18.25 31.92
C ALA C 270 18.68 -18.51 33.04
N THR C 271 18.20 -19.08 34.18
CA THR C 271 19.11 -19.44 35.26
C THR C 271 19.61 -20.86 35.06
N ALA C 272 18.86 -21.67 34.27
CA ALA C 272 19.20 -23.03 33.85
C ALA C 272 19.19 -23.11 32.31
N PRO C 273 20.10 -23.90 31.66
CA PRO C 273 20.02 -24.10 30.19
C PRO C 273 18.68 -24.63 29.66
N GLU C 274 18.06 -25.56 30.40
CA GLU C 274 16.81 -26.17 29.97
C GLU C 274 15.69 -25.14 30.09
N GLY C 275 15.97 -24.00 30.75
CA GLY C 275 14.96 -22.95 30.94
C GLY C 275 14.32 -23.05 32.33
N PRO C 276 13.35 -22.16 32.72
CA PRO C 276 12.57 -21.36 31.76
C PRO C 276 13.38 -20.26 31.08
N TRP C 277 13.09 -19.95 29.79
CA TRP C 277 13.73 -18.82 29.09
C TRP C 277 12.81 -17.61 29.10
N THR C 278 13.29 -16.48 29.62
CA THR C 278 12.57 -15.22 29.65
C THR C 278 12.23 -14.85 28.20
N PRO C 279 11.16 -14.06 27.95
CA PRO C 279 10.79 -13.60 26.63
C PRO C 279 11.79 -12.71 25.92
N ALA C 280 11.68 -12.75 24.59
CA ALA C 280 12.63 -12.07 23.74
C ALA C 280 12.66 -10.59 24.07
N GLN C 281 13.88 -10.02 24.21
CA GLN C 281 14.19 -8.60 24.19
C GLN C 281 14.85 -8.24 22.85
N THR C 282 14.39 -7.17 22.20
CA THR C 282 14.93 -6.77 20.89
C THR C 282 16.41 -6.34 21.08
N VAL C 283 17.30 -6.91 20.25
CA VAL C 283 18.70 -6.52 20.27
C VAL C 283 18.94 -5.55 19.13
N ALA C 284 18.54 -5.96 17.92
CA ALA C 284 18.65 -5.17 16.73
C ALA C 284 17.50 -5.48 15.81
N SER C 285 16.81 -4.45 15.32
CA SER C 285 15.68 -4.62 14.43
C SER C 285 16.05 -4.65 12.95
N SER C 286 15.20 -5.35 12.18
CA SER C 286 15.38 -5.42 10.75
C SER C 286 15.07 -4.07 10.09
N THR C 287 14.29 -3.20 10.78
CA THR C 287 14.17 -1.83 10.26
C THR C 287 15.50 -1.04 10.32
N ASP C 288 16.20 -1.13 11.47
CA ASP C 288 17.44 -0.38 11.65
C ASP C 288 18.64 -1.05 10.94
N TYR C 289 18.62 -2.40 10.86
CA TYR C 289 19.74 -3.19 10.37
C TYR C 289 19.20 -4.19 9.37
N PRO C 290 18.80 -3.75 8.14
CA PRO C 290 18.19 -4.69 7.22
C PRO C 290 19.07 -5.90 6.90
N ALA C 291 18.41 -7.07 6.74
CA ALA C 291 19.08 -8.34 6.37
C ALA C 291 20.25 -8.63 7.32
N LEU C 292 20.15 -8.22 8.61
CA LEU C 292 21.04 -8.67 9.65
C LEU C 292 20.89 -10.18 9.94
N TYR C 293 21.99 -10.76 10.51
CA TYR C 293 22.04 -12.16 10.89
C TYR C 293 23.28 -12.41 11.77
N GLY C 294 23.39 -13.65 12.28
CA GLY C 294 24.41 -13.96 13.24
C GLY C 294 24.04 -13.41 14.62
N GLY C 295 25.02 -12.90 15.35
CA GLY C 295 24.77 -12.56 16.74
C GLY C 295 25.50 -13.45 17.75
N TYR C 296 26.83 -13.22 17.86
CA TYR C 296 27.66 -14.10 18.71
C TYR C 296 28.31 -13.32 19.82
N PHE C 297 28.19 -13.81 21.08
CA PHE C 297 28.76 -13.08 22.19
C PHE C 297 30.30 -13.17 22.22
N HIS C 298 30.90 -12.08 22.65
CA HIS C 298 32.34 -12.01 22.89
C HIS C 298 32.63 -12.72 24.23
N PRO C 299 33.55 -13.72 24.24
CA PRO C 299 33.80 -14.46 25.48
C PRO C 299 34.34 -13.65 26.66
N TRP C 300 34.85 -12.44 26.45
CA TRP C 300 35.40 -11.62 27.52
C TRP C 300 34.44 -10.55 28.05
N ASN C 301 33.13 -10.70 27.78
CA ASN C 301 32.13 -9.82 28.34
C ASN C 301 32.16 -9.94 29.87
N LYS C 302 32.05 -8.75 30.49
CA LYS C 302 32.07 -8.57 31.94
C LYS C 302 31.28 -7.32 32.29
N ASP C 303 30.84 -7.27 33.59
CA ASP C 303 30.28 -6.06 34.17
C ASP C 303 29.03 -5.58 33.42
N GLY C 304 28.35 -6.48 32.69
CA GLY C 304 27.08 -6.11 32.07
C GLY C 304 27.24 -5.43 30.70
N GLU C 305 28.51 -5.30 30.28
CA GLU C 305 28.88 -4.73 28.97
C GLU C 305 28.94 -5.88 27.98
N ILE C 306 27.89 -6.00 27.16
CA ILE C 306 27.67 -7.16 26.30
C ILE C 306 28.09 -6.84 24.83
N TYR C 307 29.25 -7.35 24.43
CA TYR C 307 29.74 -7.22 23.06
C TYR C 307 29.30 -8.45 22.28
N PHE C 308 29.12 -8.24 20.97
CA PHE C 308 28.77 -9.37 20.10
C PHE C 308 29.07 -8.93 18.64
N THR C 309 29.22 -9.92 17.81
CA THR C 309 29.39 -9.75 16.36
C THR C 309 28.05 -9.93 15.65
N MET C 310 27.79 -9.08 14.66
CA MET C 310 26.58 -9.12 13.87
C MET C 310 26.98 -9.10 12.36
N SER C 311 26.29 -9.90 11.54
CA SER C 311 26.48 -9.94 10.10
C SER C 311 25.37 -9.16 9.41
N GLN C 312 25.64 -8.71 8.20
CA GLN C 312 24.66 -8.00 7.38
C GLN C 312 24.92 -8.30 5.90
N TRP C 313 23.81 -8.66 5.22
CA TRP C 313 23.88 -9.23 3.87
C TRP C 313 24.49 -8.27 2.86
N ASN C 314 24.00 -7.02 2.74
CA ASN C 314 24.43 -6.20 1.59
C ASN C 314 25.92 -5.85 1.66
N PRO C 315 26.51 -5.36 2.80
CA PRO C 315 27.98 -5.19 2.88
C PRO C 315 28.78 -6.47 3.07
N TYR C 316 28.08 -7.60 3.32
CA TYR C 316 28.64 -8.92 3.50
C TYR C 316 29.91 -8.90 4.34
N ASN C 317 29.75 -8.42 5.58
CA ASN C 317 30.87 -8.26 6.51
C ASN C 317 30.31 -8.26 7.94
N VAL C 318 31.26 -8.30 8.89
CA VAL C 318 30.91 -8.50 10.29
C VAL C 318 31.24 -7.21 11.07
N TYR C 319 30.32 -6.86 11.98
CA TYR C 319 30.42 -5.67 12.79
C TYR C 319 30.44 -6.05 14.25
N LEU C 320 31.32 -5.35 15.02
CA LEU C 320 31.25 -5.47 16.48
C LEU C 320 30.16 -4.56 17.02
N MET C 321 29.32 -5.05 17.98
CA MET C 321 28.16 -4.32 18.51
C MET C 321 28.29 -4.34 20.04
N ARG C 322 27.57 -3.43 20.72
CA ARG C 322 27.47 -3.53 22.18
C ARG C 322 26.06 -3.16 22.66
N LEU C 323 25.73 -3.75 23.80
CA LEU C 323 24.56 -3.38 24.59
C LEU C 323 24.93 -3.52 26.04
N ARG C 324 24.06 -3.01 26.92
CA ARG C 324 24.25 -3.14 28.39
C ARG C 324 23.06 -3.85 29.02
N ILE C 325 23.34 -4.71 30.01
CA ILE C 325 22.30 -5.30 30.84
C ILE C 325 22.50 -4.85 32.30
N ASP C 326 21.41 -4.96 33.04
CA ASP C 326 21.42 -4.93 34.50
C ASP C 326 21.63 -6.32 35.06
N ARG C 327 21.62 -6.43 36.40
CA ARG C 327 21.89 -7.69 37.07
C ARG C 327 20.71 -8.68 37.01
N ASP C 328 19.58 -8.29 36.40
CA ASP C 328 18.47 -9.20 36.10
C ASP C 328 18.47 -9.72 34.66
N GLY C 329 19.42 -9.24 33.84
CA GLY C 329 19.48 -9.65 32.44
C GLY C 329 18.62 -8.80 31.51
N ASN C 330 18.10 -7.69 32.03
CA ASN C 330 17.34 -6.73 31.24
C ASN C 330 18.26 -5.75 30.52
N ILE C 331 18.00 -5.55 29.22
CA ILE C 331 18.69 -4.51 28.47
C ILE C 331 18.36 -3.13 29.04
N ILE C 332 19.40 -2.37 29.36
CA ILE C 332 19.30 -1.01 29.86
C ILE C 332 20.15 -0.07 29.01
N ASP C 333 19.95 1.27 29.26
CA ASP C 333 20.78 2.35 28.73
C ASP C 333 20.87 2.20 27.22
N PRO C 334 19.71 2.11 26.56
CA PRO C 334 19.68 1.98 25.09
C PRO C 334 20.18 3.20 24.33
N ASN C 335 20.53 2.99 23.04
CA ASN C 335 20.85 4.12 22.20
C ASN C 335 19.62 5.03 22.19
N LEU C 336 19.78 6.28 22.58
CA LEU C 336 18.67 7.20 22.63
C LEU C 336 18.46 7.94 21.31
N VAL C 337 19.48 7.89 20.42
CA VAL C 337 19.33 8.41 19.09
C VAL C 337 18.24 7.63 18.38
N THR C 338 17.32 8.34 17.73
CA THR C 338 16.25 7.71 16.97
C THR C 338 16.76 7.54 15.52
N ASP C 339 16.42 6.43 14.85
CA ASP C 339 16.76 6.23 13.45
C ASP C 339 18.31 6.29 13.31
N ALA C 340 19.03 5.52 14.17
CA ALA C 340 20.49 5.69 14.28
C ALA C 340 21.25 5.48 12.98
N SER C 341 20.72 4.58 12.13
CA SER C 341 21.42 4.13 10.94
C SER C 341 20.77 4.74 9.69
N PHE C 342 19.82 5.67 9.91
CA PHE C 342 19.24 6.49 8.84
C PHE C 342 18.30 5.66 7.97
N GLU C 343 18.08 4.41 8.36
CA GLU C 343 17.42 3.40 7.53
C GLU C 343 15.90 3.68 7.45
N ARG C 344 15.36 4.40 8.46
CA ARG C 344 13.89 4.53 8.61
C ARG C 344 13.29 5.58 7.71
N SER C 345 14.10 6.45 7.06
CA SER C 345 13.58 7.51 6.24
C SER C 345 14.45 7.66 5.02
N THR C 346 13.84 8.20 3.95
CA THR C 346 14.59 8.56 2.73
C THR C 346 14.79 10.08 2.63
N THR C 347 14.21 10.85 3.57
CA THR C 347 14.44 12.28 3.70
C THR C 347 14.80 12.60 5.16
N LEU C 348 15.45 13.79 5.33
CA LEU C 348 15.54 14.46 6.64
C LEU C 348 14.15 14.93 7.13
N GLY C 349 14.04 15.19 8.43
CA GLY C 349 12.97 15.97 9.06
C GLY C 349 13.42 17.37 9.44
N ASP C 350 12.96 17.84 10.60
CA ASP C 350 13.29 19.18 11.12
C ASP C 350 14.09 19.10 12.42
N GLY C 351 14.62 17.92 12.76
CA GLY C 351 15.54 17.78 13.87
C GLY C 351 14.84 17.57 15.22
N THR C 352 13.48 17.70 15.24
CA THR C 352 12.63 17.56 16.42
C THR C 352 11.84 16.24 16.38
N ASN C 353 11.33 15.82 17.56
CA ASN C 353 10.47 14.65 17.70
C ASN C 353 11.11 13.38 17.14
N GLY C 354 12.43 13.22 17.27
CA GLY C 354 13.12 11.98 16.85
C GLY C 354 13.50 11.98 15.36
N THR C 355 13.62 13.13 14.71
CA THR C 355 14.08 13.25 13.33
C THR C 355 15.45 13.91 13.30
N TRP C 356 16.12 13.70 12.15
CA TRP C 356 17.35 14.37 11.83
C TRP C 356 17.04 15.67 11.07
N ALA C 357 17.99 16.61 11.09
CA ALA C 357 17.95 17.79 10.24
C ALA C 357 19.35 18.08 9.76
N ALA C 358 19.42 18.90 8.72
CA ALA C 358 20.70 19.29 8.13
C ALA C 358 20.57 20.56 7.31
N LYS C 359 21.68 21.30 7.21
CA LYS C 359 21.77 22.43 6.29
C LYS C 359 21.82 21.98 4.80
N PRO C 360 21.51 22.90 3.85
CA PRO C 360 21.74 22.66 2.43
C PRO C 360 23.23 22.44 2.11
N ASN C 361 23.56 21.52 1.19
CA ASN C 361 22.76 20.47 0.59
C ASN C 361 23.00 19.16 1.33
N SER C 362 21.94 18.47 1.67
CA SER C 362 21.99 17.32 2.55
C SER C 362 20.96 16.30 2.09
N GLY C 363 21.06 15.11 2.68
CA GLY C 363 20.06 14.11 2.42
C GLY C 363 20.48 12.73 2.87
N ILE C 364 19.66 11.75 2.46
CA ILE C 364 19.83 10.36 2.82
C ILE C 364 20.17 9.64 1.53
N ASP C 365 21.44 9.22 1.40
CA ASP C 365 21.89 8.32 0.33
C ASP C 365 21.33 6.93 0.60
N ASN C 366 20.72 6.39 -0.47
CA ASN C 366 19.93 5.16 -0.41
C ASN C 366 20.32 4.25 -1.56
N ALA C 367 21.21 3.28 -1.32
CA ALA C 367 21.55 2.33 -2.37
C ALA C 367 22.10 1.07 -1.72
N PRO C 368 22.14 -0.05 -2.45
CA PRO C 368 22.63 -1.29 -1.82
C PRO C 368 24.01 -1.08 -1.18
N ALA C 369 24.09 -1.29 0.14
CA ALA C 369 25.37 -1.22 0.87
C ALA C 369 25.97 0.20 0.84
N ALA C 370 25.17 1.25 0.60
CA ALA C 370 25.67 2.61 0.66
C ALA C 370 26.01 3.02 2.10
N GLY C 371 25.25 2.52 3.07
CA GLY C 371 25.59 2.85 4.45
C GLY C 371 26.97 2.34 4.90
N PHE C 372 27.47 2.87 6.04
CA PHE C 372 28.45 2.17 6.86
C PHE C 372 27.96 0.75 7.13
N THR C 373 26.71 0.71 7.67
CA THR C 373 25.84 -0.43 7.68
C THR C 373 24.51 -0.12 6.97
N GLY C 374 23.90 -1.13 6.38
CA GLY C 374 22.61 -0.95 5.76
C GLY C 374 22.73 -0.22 4.44
N ASP C 375 21.56 0.24 3.94
CA ASP C 375 21.58 0.91 2.64
C ASP C 375 21.46 2.42 2.72
N HIS C 376 21.39 3.00 3.92
CA HIS C 376 21.23 4.43 4.14
C HIS C 376 22.36 5.02 4.99
N ARG C 377 22.85 6.19 4.52
CA ARG C 377 23.68 7.10 5.31
C ARG C 377 23.13 8.51 5.12
N ALA C 378 23.49 9.44 6.04
CA ALA C 378 23.29 10.86 5.78
C ALA C 378 24.52 11.48 5.12
N PHE C 379 24.31 12.60 4.42
CA PHE C 379 25.36 13.46 3.89
C PHE C 379 24.97 14.93 4.05
N VAL C 380 25.99 15.77 4.04
CA VAL C 380 25.84 17.21 3.89
C VAL C 380 26.98 17.69 3.01
N ARG C 381 26.74 18.68 2.14
CA ARG C 381 27.70 19.09 1.12
C ARG C 381 27.44 20.53 0.63
N TYR C 382 28.46 21.40 0.64
CA TYR C 382 28.36 22.76 0.13
C TYR C 382 29.75 23.35 -0.13
N ASN C 383 29.78 24.63 -0.51
CA ASN C 383 31.00 25.32 -0.91
C ASN C 383 31.07 26.68 -0.17
N SER C 384 30.40 26.77 0.98
CA SER C 384 30.40 27.98 1.79
C SER C 384 29.85 27.75 3.21
N GLY C 385 30.57 28.19 4.25
CA GLY C 385 30.09 28.18 5.64
C GLY C 385 30.01 26.84 6.32
N TRP C 386 29.46 26.87 7.55
CA TRP C 386 29.32 25.72 8.40
C TRP C 386 28.13 24.87 7.98
N ARG C 387 28.38 23.56 7.76
CA ARG C 387 27.36 22.68 7.19
C ARG C 387 27.25 21.40 8.02
N ASP C 388 26.11 21.21 8.65
CA ASP C 388 25.93 20.21 9.70
C ASP C 388 24.64 19.38 9.59
N ILE C 389 24.67 18.27 10.30
CA ILE C 389 23.59 17.29 10.42
C ILE C 389 23.34 17.15 11.92
N TRP C 390 22.09 17.15 12.39
CA TRP C 390 21.84 17.06 13.84
C TRP C 390 20.50 16.42 14.18
N GLN C 391 20.37 16.08 15.46
CA GLN C 391 19.15 15.51 16.02
C GLN C 391 19.01 15.97 17.47
N ASP C 392 17.84 16.46 17.87
CA ASP C 392 17.55 16.67 19.30
C ASP C 392 17.23 15.36 19.99
N VAL C 393 17.88 15.11 21.12
CA VAL C 393 17.74 13.90 21.90
C VAL C 393 17.47 14.26 23.37
N ALA C 394 16.38 13.69 23.96
CA ALA C 394 16.07 13.80 25.37
C ALA C 394 17.16 13.15 26.23
N VAL C 395 17.61 13.90 27.25
CA VAL C 395 18.58 13.39 28.23
C VAL C 395 18.10 13.64 29.66
N GLU C 396 18.67 12.90 30.63
CA GLU C 396 18.50 13.13 32.08
C GLU C 396 19.46 14.23 32.56
N ARG C 397 18.88 15.23 33.27
CA ARG C 397 19.66 16.28 33.90
C ARG C 397 20.70 15.64 34.79
N GLY C 398 21.91 16.16 34.76
CA GLY C 398 22.92 15.64 35.68
C GLY C 398 23.62 14.35 35.21
N ALA C 399 23.08 13.55 34.26
CA ALA C 399 23.74 12.31 33.85
C ALA C 399 24.91 12.58 32.91
N LYS C 400 25.74 11.55 32.68
CA LYS C 400 26.85 11.63 31.74
C LYS C 400 26.58 10.69 30.55
N TYR C 401 26.96 11.13 29.35
CA TYR C 401 26.63 10.45 28.09
C TYR C 401 27.89 10.22 27.25
N ARG C 402 27.80 9.17 26.43
CA ARG C 402 28.79 8.83 25.43
C ARG C 402 28.18 8.83 24.04
N LEU C 403 28.77 9.63 23.17
CA LEU C 403 28.32 9.79 21.78
C LEU C 403 29.35 9.14 20.86
N THR C 404 28.94 8.15 20.04
CA THR C 404 29.85 7.65 19.02
C THR C 404 29.13 7.70 17.66
N GLY C 405 29.93 7.81 16.60
CA GLY C 405 29.39 7.78 15.25
C GLY C 405 30.50 7.61 14.20
N PHE C 406 30.06 7.18 13.01
CA PHE C 406 30.94 6.92 11.88
C PHE C 406 30.77 8.00 10.84
N LEU C 407 31.91 8.56 10.41
CA LEU C 407 31.87 9.52 9.33
C LEU C 407 33.10 9.37 8.45
N ARG C 408 33.01 10.02 7.28
CA ARG C 408 34.14 10.23 6.36
C ARG C 408 33.85 11.48 5.57
N THR C 409 34.85 11.99 4.88
CA THR C 409 34.76 13.29 4.21
C THR C 409 35.35 13.18 2.81
N SER C 410 35.07 14.18 2.00
CA SER C 410 35.80 14.47 0.78
C SER C 410 37.26 14.75 1.18
N VAL C 411 38.18 14.52 0.26
CA VAL C 411 39.61 14.62 0.55
C VAL C 411 39.98 16.08 0.91
N ASN C 412 39.26 17.06 0.32
CA ASN C 412 39.54 18.47 0.52
C ASN C 412 38.92 19.07 1.78
N SER C 413 38.20 18.29 2.63
CA SER C 413 37.70 18.72 3.94
C SER C 413 38.87 19.21 4.80
N ASP C 414 38.70 20.35 5.49
CA ASP C 414 39.80 20.91 6.29
C ASP C 414 39.46 21.07 7.77
N ASN C 415 38.17 21.16 8.16
CA ASN C 415 37.78 21.30 9.57
C ASN C 415 36.31 20.93 9.75
N GLY C 416 36.10 19.84 10.47
CA GLY C 416 34.81 19.38 10.85
C GLY C 416 34.77 19.12 12.34
N PHE C 417 33.53 19.04 12.88
CA PHE C 417 33.29 18.73 14.28
C PHE C 417 32.16 17.70 14.47
N PHE C 418 32.27 16.93 15.54
CA PHE C 418 31.32 15.92 15.95
C PHE C 418 31.11 16.05 17.46
N GLY C 419 29.85 16.17 17.91
CA GLY C 419 29.64 16.15 19.35
C GLY C 419 28.22 16.54 19.75
N ALA C 420 28.11 17.14 20.97
CA ALA C 420 26.81 17.49 21.57
C ALA C 420 26.80 18.98 21.91
N ARG C 421 25.63 19.59 21.69
CA ARG C 421 25.49 21.04 21.90
C ARG C 421 24.07 21.27 22.44
N THR C 422 23.91 22.50 22.99
CA THR C 422 22.60 22.84 23.56
C THR C 422 21.65 23.03 22.37
N LEU C 423 20.35 23.06 22.64
CA LEU C 423 19.43 23.39 21.54
C LEU C 423 19.60 24.78 20.96
N ASP C 424 20.18 25.74 21.70
CA ASP C 424 20.50 27.06 21.16
C ASP C 424 21.89 27.14 20.56
N GLY C 425 22.61 26.00 20.40
CA GLY C 425 23.82 25.95 19.57
C GLY C 425 25.12 26.09 20.37
N VAL C 426 25.06 26.09 21.70
CA VAL C 426 26.29 26.23 22.50
C VAL C 426 26.98 24.87 22.72
N PRO C 427 28.26 24.68 22.27
CA PRO C 427 28.87 23.34 22.31
C PRO C 427 28.96 22.93 23.76
N ILE C 428 28.75 21.64 24.01
CA ILE C 428 28.94 21.05 25.32
C ILE C 428 30.17 20.16 25.35
N GLY C 429 30.33 19.38 24.29
CA GLY C 429 31.54 18.59 24.13
C GLY C 429 31.60 18.17 22.68
N GLU C 430 32.78 18.32 22.07
CA GLU C 430 32.97 18.00 20.66
C GLU C 430 34.43 17.61 20.39
N ILE C 431 34.67 16.91 19.27
CA ILE C 431 36.04 16.76 18.72
C ILE C 431 36.09 17.43 17.35
N ASN C 432 37.33 17.53 16.86
CA ASN C 432 37.70 18.23 15.64
C ASN C 432 38.48 17.28 14.75
N PHE C 433 37.96 17.05 13.52
CA PHE C 433 38.65 16.27 12.49
C PHE C 433 38.91 17.20 11.27
N HIS C 434 39.76 16.73 10.36
CA HIS C 434 40.13 17.53 9.19
C HIS C 434 39.61 16.81 7.94
N SER C 435 40.42 15.85 7.43
CA SER C 435 40.11 15.08 6.22
C SER C 435 40.10 13.60 6.61
N VAL C 436 38.94 12.94 6.36
CA VAL C 436 38.71 11.57 6.80
C VAL C 436 38.43 10.67 5.57
N GLY C 437 39.32 9.69 5.34
CA GLY C 437 39.25 8.86 4.14
C GLY C 437 38.29 7.69 4.33
N ALA C 438 38.80 6.76 5.12
CA ALA C 438 37.99 5.62 5.58
C ALA C 438 36.83 6.00 6.48
N TRP C 439 35.71 5.29 6.38
CA TRP C 439 34.74 5.35 7.48
C TRP C 439 35.51 5.24 8.79
N THR C 440 35.32 6.23 9.67
CA THR C 440 36.07 6.28 10.94
C THR C 440 35.11 6.60 12.09
N ARG C 441 35.26 5.91 13.25
CA ARG C 441 34.44 6.22 14.41
C ARG C 441 35.10 7.33 15.24
N PHE C 442 34.26 8.30 15.65
CA PHE C 442 34.59 9.32 16.62
C PHE C 442 33.76 9.11 17.89
N THR C 443 34.32 9.56 19.01
CA THR C 443 33.83 9.24 20.34
C THR C 443 33.97 10.48 21.22
N VAL C 444 32.84 10.89 21.81
CA VAL C 444 32.83 12.08 22.68
C VAL C 444 32.07 11.75 23.95
N GLU C 445 32.62 12.01 25.17
CA GLU C 445 31.86 11.82 26.42
C GLU C 445 31.68 13.20 27.10
N PHE C 446 30.47 13.43 27.67
CA PHE C 446 30.13 14.75 28.19
C PHE C 446 29.06 14.61 29.27
N ASP C 447 29.00 15.65 30.14
CA ASP C 447 27.95 15.77 31.15
C ASP C 447 26.81 16.59 30.56
N ALA C 448 25.62 16.06 30.64
CA ALA C 448 24.44 16.74 30.13
C ALA C 448 24.33 18.13 30.80
N GLY C 449 24.69 18.19 32.09
CA GLY C 449 24.42 19.37 32.91
C GLY C 449 22.92 19.50 33.20
N ASP C 450 22.45 20.74 33.36
CA ASP C 450 21.14 20.98 33.96
C ASP C 450 20.13 21.21 32.84
N ARG C 451 19.83 20.16 32.10
CA ARG C 451 18.96 20.31 30.95
C ARG C 451 18.38 18.97 30.54
N ASP C 452 17.31 19.02 29.76
CA ASP C 452 16.50 17.87 29.45
C ASP C 452 16.74 17.34 28.04
N ALA C 453 17.50 18.10 27.23
CA ALA C 453 17.81 17.73 25.84
C ALA C 453 19.12 18.32 25.36
N VAL C 454 19.76 17.59 24.41
CA VAL C 454 20.94 18.11 23.73
C VAL C 454 20.74 17.94 22.22
N GLN C 455 21.63 18.54 21.42
CA GLN C 455 21.61 18.32 19.97
C GLN C 455 22.93 17.62 19.64
N VAL C 456 22.81 16.35 19.19
CA VAL C 456 23.95 15.56 18.69
C VAL C 456 24.18 15.98 17.23
N PHE C 457 25.44 16.19 16.85
CA PHE C 457 25.66 16.76 15.54
C PHE C 457 26.99 16.29 14.96
N GLY C 458 27.07 16.35 13.64
CA GLY C 458 28.33 16.32 12.95
C GLY C 458 28.23 17.35 11.84
N GLY C 459 29.37 17.94 11.49
CA GLY C 459 29.41 18.81 10.33
C GLY C 459 30.79 19.17 9.93
N VAL C 460 30.84 19.94 8.83
CA VAL C 460 32.03 20.42 8.15
C VAL C 460 31.92 21.88 7.78
N TRP C 461 33.09 22.55 7.88
CA TRP C 461 33.35 23.83 7.24
C TRP C 461 33.60 23.65 5.74
N THR C 462 32.92 24.51 4.93
CA THR C 462 32.96 24.37 3.47
C THR C 462 33.47 25.65 2.79
N ASN C 463 34.21 26.51 3.53
CA ASN C 463 34.76 27.69 2.91
C ASN C 463 35.85 27.38 1.88
N SER C 464 36.62 26.26 2.10
CA SER C 464 37.83 25.96 1.35
C SER C 464 37.53 25.31 -0.01
N GLY C 465 36.28 24.87 -0.20
CA GLY C 465 35.92 24.29 -1.47
C GLY C 465 34.62 23.53 -1.34
N ASP C 466 34.33 22.77 -2.39
CA ASP C 466 33.18 21.91 -2.47
C ASP C 466 33.48 20.64 -1.64
N ILE C 467 32.93 20.62 -0.43
CA ILE C 467 33.29 19.67 0.61
C ILE C 467 32.02 18.98 1.14
N TRP C 468 32.11 17.64 1.37
CA TRP C 468 31.06 16.83 1.93
C TRP C 468 31.56 15.98 3.11
N MET C 469 30.56 15.58 3.92
CA MET C 469 30.71 14.62 4.97
C MET C 469 29.54 13.65 4.94
N GLN C 470 29.82 12.35 5.15
CA GLN C 470 28.81 11.32 5.36
C GLN C 470 28.86 10.86 6.81
N LEU C 471 27.71 10.36 7.22
CA LEU C 471 27.44 10.00 8.62
C LEU C 471 26.56 8.78 8.68
N ASP C 472 26.77 7.91 9.71
CA ASP C 472 25.94 6.75 9.95
C ASP C 472 26.16 6.18 11.34
N ASP C 473 25.15 5.46 11.87
CA ASP C 473 25.17 4.60 13.06
C ASP C 473 25.61 5.38 14.30
N VAL C 474 24.88 6.51 14.51
CA VAL C 474 25.12 7.46 15.60
C VAL C 474 24.47 6.90 16.88
N SER C 475 25.24 6.92 17.98
CA SER C 475 24.76 6.39 19.26
C SER C 475 25.01 7.38 20.41
N LEU C 476 23.99 7.57 21.23
CA LEU C 476 24.09 8.36 22.46
C LEU C 476 23.61 7.48 23.61
N THR C 477 24.51 7.13 24.52
CA THR C 477 24.19 6.19 25.60
C THR C 477 24.69 6.75 26.94
N LYS C 478 23.90 6.48 28.00
CA LYS C 478 24.28 6.88 29.35
C LYS C 478 25.54 6.10 29.76
N VAL C 479 26.47 6.78 30.42
CA VAL C 479 27.65 6.14 30.98
C VAL C 479 27.31 5.58 32.38
N ARG C 480 27.50 4.25 32.64
CA ARG C 480 27.23 3.57 33.92
C ARG C 480 25.74 3.70 34.29
N THR D 2 -37.23 3.94 -7.01
CA THR D 2 -38.15 2.76 -6.97
C THR D 2 -37.34 1.49 -7.21
N THR D 3 -38.03 0.35 -7.02
CA THR D 3 -37.51 -0.99 -7.26
C THR D 3 -37.66 -1.42 -8.73
N SER D 4 -38.20 -0.51 -9.58
CA SER D 4 -38.39 -0.81 -11.00
C SER D 4 -37.08 -1.30 -11.61
N ARG D 5 -37.21 -2.18 -12.61
CA ARG D 5 -36.05 -2.59 -13.38
C ARG D 5 -35.49 -1.37 -14.13
N THR D 6 -34.17 -1.43 -14.36
CA THR D 6 -33.44 -0.47 -15.16
C THR D 6 -33.21 -1.08 -16.53
N PRO D 7 -33.79 -0.55 -17.63
CA PRO D 7 -33.44 -1.05 -18.99
C PRO D 7 -32.05 -0.66 -19.52
N ALA D 8 -31.54 0.48 -19.01
CA ALA D 8 -30.33 1.10 -19.48
C ALA D 8 -29.08 0.31 -19.07
N THR D 9 -28.04 0.46 -19.94
CA THR D 9 -26.81 -0.29 -19.84
C THR D 9 -25.70 0.74 -19.63
N VAL D 10 -24.75 0.43 -18.73
CA VAL D 10 -23.57 1.23 -18.49
C VAL D 10 -22.52 0.90 -19.56
N VAL D 11 -22.05 1.96 -20.25
CA VAL D 11 -21.09 1.90 -21.35
C VAL D 11 -19.67 2.22 -20.92
N GLU D 12 -19.49 3.29 -20.08
CA GLU D 12 -18.13 3.71 -19.73
C GLU D 12 -18.22 4.72 -18.57
N LYS D 13 -17.18 4.74 -17.71
CA LYS D 13 -17.01 5.85 -16.76
C LYS D 13 -16.20 6.90 -17.46
N LEU D 14 -16.80 8.10 -17.65
CA LEU D 14 -16.20 9.12 -18.48
C LEU D 14 -15.16 9.94 -17.73
N THR D 15 -15.31 10.05 -16.39
CA THR D 15 -14.51 11.01 -15.57
C THR D 15 -14.04 10.25 -14.34
N GLY D 16 -12.93 10.73 -13.78
CA GLY D 16 -12.49 10.33 -12.48
C GLY D 16 -11.74 9.02 -12.41
N PRO D 17 -11.58 8.48 -11.15
CA PRO D 17 -10.82 7.25 -10.94
C PRO D 17 -11.25 6.10 -11.88
N ASP D 18 -10.24 5.49 -12.53
CA ASP D 18 -10.43 4.36 -13.48
C ASP D 18 -11.07 4.74 -14.83
N ALA D 19 -11.47 5.98 -15.03
CA ALA D 19 -12.01 6.37 -16.34
C ALA D 19 -10.98 6.18 -17.46
N PRO D 20 -11.35 5.44 -18.56
CA PRO D 20 -10.50 5.41 -19.75
C PRO D 20 -9.95 6.78 -20.16
N ASN D 21 -10.81 7.80 -20.08
CA ASN D 21 -10.40 9.15 -20.50
C ASN D 21 -9.25 9.73 -19.68
N ASN D 22 -9.00 9.21 -18.45
CA ASN D 22 -7.94 9.78 -17.61
C ASN D 22 -8.08 11.29 -17.45
N THR D 23 -9.31 11.78 -17.20
CA THR D 23 -9.49 13.19 -16.92
C THR D 23 -8.71 13.68 -15.69
N TRP D 24 -8.59 12.82 -14.64
CA TRP D 24 -7.82 13.11 -13.45
C TRP D 24 -6.36 13.43 -13.85
N GLY D 25 -5.67 12.52 -14.54
CA GLY D 25 -4.27 12.76 -14.83
C GLY D 25 -4.07 13.86 -15.89
N ARG D 26 -4.93 13.92 -16.91
CA ARG D 26 -4.75 14.86 -18.04
C ARG D 26 -5.03 16.30 -17.56
N TRP D 27 -6.12 16.46 -16.73
CA TRP D 27 -6.72 17.79 -16.51
C TRP D 27 -7.09 18.11 -15.06
N ASP D 28 -6.61 17.34 -14.11
CA ASP D 28 -7.03 17.36 -12.72
C ASP D 28 -8.55 17.40 -12.56
N ILE D 29 -9.28 16.58 -13.36
CA ILE D 29 -10.74 16.37 -13.18
C ILE D 29 -10.87 15.00 -12.52
N LYS D 30 -10.88 14.99 -11.19
CA LYS D 30 -10.98 13.76 -10.43
C LYS D 30 -12.40 13.41 -10.06
N ALA D 31 -13.28 14.44 -9.91
CA ALA D 31 -14.64 14.17 -9.50
C ALA D 31 -15.46 15.33 -10.00
N THR D 32 -16.63 14.99 -10.59
CA THR D 32 -17.42 16.00 -11.28
C THR D 32 -18.84 15.43 -11.52
N ASP D 33 -19.69 16.27 -12.14
CA ASP D 33 -21.04 15.82 -12.47
C ASP D 33 -21.62 16.55 -13.67
N LEU D 34 -22.77 16.01 -14.13
CA LEU D 34 -23.62 16.44 -15.21
C LEU D 34 -23.17 15.94 -16.59
N GLY D 35 -22.17 16.56 -17.23
CA GLY D 35 -21.78 16.10 -18.55
C GLY D 35 -22.82 16.51 -19.58
N ILE D 36 -23.11 17.82 -19.64
CA ILE D 36 -24.09 18.41 -20.58
C ILE D 36 -23.49 18.63 -21.97
N MET D 37 -24.13 17.99 -23.00
CA MET D 37 -23.52 17.87 -24.31
C MET D 37 -24.30 18.64 -25.39
N TRP D 38 -23.54 19.19 -26.36
CA TRP D 38 -24.12 19.77 -27.55
C TRP D 38 -23.10 19.71 -28.70
N ASP D 39 -23.65 19.74 -29.90
CA ASP D 39 -22.93 19.79 -31.14
C ASP D 39 -22.43 21.21 -31.36
N ASP D 40 -21.10 21.37 -31.61
CA ASP D 40 -20.48 22.67 -31.72
C ASP D 40 -20.59 23.31 -33.13
N GLY D 41 -21.20 22.57 -34.07
CA GLY D 41 -21.40 23.00 -35.43
C GLY D 41 -20.15 22.97 -36.30
N ALA D 42 -19.08 22.30 -35.82
CA ALA D 42 -17.81 22.12 -36.49
C ALA D 42 -17.24 20.72 -36.33
N GLY D 43 -18.09 19.73 -36.17
CA GLY D 43 -17.73 18.32 -36.16
C GLY D 43 -17.42 17.78 -34.76
N HIS D 44 -17.69 18.54 -33.69
CA HIS D 44 -17.40 18.11 -32.33
C HIS D 44 -18.62 18.20 -31.40
N VAL D 45 -18.42 17.52 -30.26
CA VAL D 45 -19.33 17.55 -29.08
C VAL D 45 -18.62 18.24 -27.92
N LEU D 46 -19.13 19.42 -27.48
CA LEU D 46 -18.69 20.03 -26.22
C LEU D 46 -19.53 19.47 -25.06
N THR D 47 -18.85 19.24 -23.91
CA THR D 47 -19.44 18.65 -22.71
C THR D 47 -19.05 19.56 -21.53
N ALA D 48 -20.07 20.04 -20.80
CA ALA D 48 -19.86 20.86 -19.64
C ALA D 48 -20.24 20.16 -18.35
N PHE D 49 -19.55 20.54 -17.27
CA PHE D 49 -19.74 19.88 -15.99
C PHE D 49 -19.94 20.94 -14.91
N GLY D 50 -20.57 20.51 -13.78
CA GLY D 50 -20.73 21.34 -12.62
C GLY D 50 -19.50 21.25 -11.69
N ASP D 51 -19.80 21.36 -10.40
CA ASP D 51 -18.74 21.47 -9.38
C ASP D 51 -17.75 20.32 -9.51
N THR D 52 -16.46 20.69 -9.68
CA THR D 52 -15.41 19.76 -10.08
C THR D 52 -14.28 19.85 -9.07
N PHE D 53 -13.74 18.70 -8.69
CA PHE D 53 -12.62 18.60 -7.74
C PHE D 53 -11.46 17.84 -8.36
N GLY D 54 -10.24 18.18 -7.90
CA GLY D 54 -9.01 17.57 -8.35
C GLY D 54 -8.43 16.48 -7.41
N ASN D 55 -7.09 16.33 -7.53
CA ASN D 55 -6.32 15.24 -6.98
C ASN D 55 -6.71 14.82 -5.56
N SER D 56 -6.98 15.78 -4.64
CA SER D 56 -7.11 15.45 -3.22
C SER D 56 -8.52 14.99 -2.87
N TRP D 57 -9.46 14.99 -3.82
CA TRP D 57 -10.79 14.39 -3.67
C TRP D 57 -10.69 12.91 -3.33
N THR D 58 -11.47 12.48 -2.31
CA THR D 58 -11.56 11.07 -1.97
C THR D 58 -12.96 10.52 -2.20
N GLY D 59 -13.97 11.34 -2.06
CA GLY D 59 -15.32 10.86 -1.93
C GLY D 59 -15.55 10.24 -0.55
N PRO D 60 -16.72 9.67 -0.30
CA PRO D 60 -17.87 9.65 -1.24
C PRO D 60 -18.57 10.99 -1.32
N GLY D 61 -19.17 11.26 -2.50
CA GLY D 61 -20.00 12.43 -2.66
C GLY D 61 -19.18 13.61 -3.17
N GLY D 62 -19.86 14.72 -3.52
CA GLY D 62 -19.22 15.93 -3.94
C GLY D 62 -18.54 16.62 -2.77
N GLY D 63 -17.56 17.45 -3.00
CA GLY D 63 -16.86 18.00 -1.85
C GLY D 63 -15.55 17.30 -1.59
N ALA D 64 -14.63 18.10 -1.08
CA ALA D 64 -13.23 17.75 -1.09
C ALA D 64 -12.58 18.53 0.03
N PRO D 65 -11.31 18.23 0.36
CA PRO D 65 -10.59 19.06 1.32
C PRO D 65 -10.27 20.45 0.77
N PRO D 66 -9.79 21.38 1.63
CA PRO D 66 -9.53 22.75 1.18
C PRO D 66 -8.57 22.89 -0.01
N ASN D 67 -7.73 21.86 -0.26
CA ASN D 67 -6.78 21.85 -1.39
C ASN D 67 -7.39 21.11 -2.61
N GLY D 68 -8.74 20.93 -2.61
CA GLY D 68 -9.42 20.11 -3.62
C GLY D 68 -9.50 20.73 -5.03
N ASN D 69 -8.86 21.91 -5.29
CA ASN D 69 -8.93 22.57 -6.61
C ASN D 69 -10.39 22.63 -7.13
N TRP D 70 -11.27 23.07 -6.25
CA TRP D 70 -12.68 23.30 -6.58
C TRP D 70 -12.83 24.34 -7.68
N ARG D 71 -13.37 23.89 -8.81
CA ARG D 71 -13.89 24.74 -9.87
C ARG D 71 -15.40 24.51 -9.98
N SER D 72 -16.18 25.60 -10.20
CA SER D 72 -17.62 25.53 -10.37
C SER D 72 -18.06 24.79 -11.62
N ASN D 73 -17.20 24.67 -12.66
CA ASN D 73 -17.54 24.08 -13.94
C ASN D 73 -16.21 23.89 -14.73
N VAL D 74 -16.21 22.91 -15.67
CA VAL D 74 -15.13 22.66 -16.63
C VAL D 74 -15.81 22.30 -17.93
N LEU D 75 -15.01 22.28 -19.02
CA LEU D 75 -15.45 22.01 -20.38
C LEU D 75 -14.43 21.14 -21.13
N VAL D 76 -14.92 20.05 -21.75
CA VAL D 76 -14.11 19.19 -22.58
C VAL D 76 -14.77 19.04 -23.95
N ARG D 77 -13.99 18.57 -24.93
CA ARG D 77 -14.47 18.28 -26.28
C ARG D 77 -14.31 16.80 -26.62
N SER D 78 -15.12 16.36 -27.62
CA SER D 78 -15.01 15.00 -28.18
C SER D 78 -15.25 15.07 -29.69
N SER D 79 -14.53 14.18 -30.40
CA SER D 79 -14.71 13.96 -31.84
C SER D 79 -15.17 12.52 -32.09
N ASP D 80 -15.55 11.81 -31.02
CA ASP D 80 -15.80 10.35 -31.06
C ASP D 80 -17.20 10.04 -31.61
N GLY D 81 -17.27 9.42 -32.82
CA GLY D 81 -18.54 9.05 -33.44
C GLY D 81 -18.96 7.62 -33.11
N ASP D 82 -18.17 6.90 -32.26
CA ASP D 82 -18.38 5.48 -32.07
C ASP D 82 -18.65 5.23 -30.58
N LEU D 83 -19.87 5.52 -30.12
CA LEU D 83 -20.18 5.60 -28.67
C LEU D 83 -20.27 4.24 -28.02
N ALA D 84 -20.46 3.14 -28.78
CA ALA D 84 -20.59 1.83 -28.16
C ALA D 84 -19.42 1.46 -27.28
N ASP D 85 -18.23 1.92 -27.69
CA ASP D 85 -17.00 1.59 -26.97
C ASP D 85 -16.48 2.75 -26.12
N GLY D 86 -17.34 3.70 -25.78
CA GLY D 86 -16.97 4.83 -24.94
C GLY D 86 -17.01 6.14 -25.71
N MET D 87 -16.79 7.24 -24.97
CA MET D 87 -16.72 8.57 -25.54
C MET D 87 -15.36 9.19 -25.12
N LEU D 88 -14.45 9.27 -26.07
CA LEU D 88 -13.14 9.84 -25.85
C LEU D 88 -13.20 11.37 -25.92
N PHE D 89 -12.61 12.00 -24.87
CA PHE D 89 -12.46 13.44 -24.85
C PHE D 89 -11.10 13.78 -25.46
N ASP D 90 -11.05 14.72 -26.41
CA ASP D 90 -9.83 15.01 -27.17
C ASP D 90 -9.23 16.40 -26.89
N TRP D 91 -9.83 17.16 -25.99
CA TRP D 91 -9.50 18.56 -25.74
C TRP D 91 -10.17 19.02 -24.46
N ALA D 92 -9.55 19.95 -23.70
CA ALA D 92 -10.24 20.61 -22.58
C ALA D 92 -9.75 22.07 -22.51
N ALA D 93 -10.69 22.96 -22.06
CA ALA D 93 -10.35 24.35 -21.79
C ALA D 93 -9.49 24.42 -20.53
N GLN D 94 -8.22 24.87 -20.63
CA GLN D 94 -7.30 24.68 -19.51
C GLN D 94 -6.75 26.03 -19.07
N GLY D 95 -6.16 26.03 -17.92
CA GLY D 95 -5.63 27.30 -17.34
C GLY D 95 -5.27 27.08 -15.86
N PRO D 96 -4.01 26.66 -15.54
CA PRO D 96 -2.93 26.53 -16.51
C PRO D 96 -2.94 25.23 -17.32
N GLN D 97 -2.16 25.13 -18.39
CA GLN D 97 -2.10 23.88 -19.14
C GLN D 97 -1.74 22.73 -18.18
N GLY D 98 -2.50 21.62 -18.29
CA GLY D 98 -2.47 20.54 -17.29
C GLY D 98 -3.67 20.53 -16.36
N VAL D 99 -4.46 21.65 -16.35
CA VAL D 99 -5.58 21.77 -15.40
C VAL D 99 -6.78 22.31 -16.16
N ALA D 100 -7.89 21.58 -16.22
CA ALA D 100 -9.13 22.08 -16.78
C ALA D 100 -9.52 23.27 -15.89
N ARG D 101 -9.84 24.41 -16.55
CA ARG D 101 -10.18 25.60 -15.76
C ARG D 101 -11.69 25.87 -15.65
N GLU D 102 -12.04 26.75 -14.70
CA GLU D 102 -13.41 27.24 -14.54
C GLU D 102 -13.70 28.21 -15.68
N ILE D 103 -14.82 28.01 -16.40
CA ILE D 103 -15.13 28.80 -17.58
C ILE D 103 -16.16 29.90 -17.27
N ILE D 104 -17.07 29.65 -16.32
CA ILE D 104 -18.04 30.64 -15.84
C ILE D 104 -17.71 30.94 -14.38
N PRO D 105 -17.08 32.10 -14.05
CA PRO D 105 -16.61 32.37 -12.69
C PRO D 105 -17.76 32.45 -11.71
N SER D 106 -17.43 32.11 -10.45
CA SER D 106 -18.37 32.22 -9.34
C SER D 106 -17.71 32.86 -8.12
N LYS D 107 -18.56 33.44 -7.20
CA LYS D 107 -18.02 34.14 -6.05
C LYS D 107 -17.61 33.19 -4.91
N LYS D 108 -18.27 32.02 -4.86
CA LYS D 108 -18.05 31.03 -3.82
C LYS D 108 -18.27 31.63 -2.42
N ILE D 109 -19.38 32.34 -2.30
CA ILE D 109 -19.80 32.91 -1.04
C ILE D 109 -21.17 32.34 -0.74
N ASN D 110 -21.22 31.52 0.31
CA ASN D 110 -22.43 30.83 0.66
C ASN D 110 -23.49 31.89 0.96
N GLY D 111 -24.69 31.72 0.40
CA GLY D 111 -25.82 32.60 0.70
C GLY D 111 -25.83 33.89 -0.09
N VAL D 112 -24.85 34.03 -1.01
CA VAL D 112 -24.69 35.16 -1.93
C VAL D 112 -24.61 34.55 -3.34
N GLU D 113 -23.48 33.85 -3.64
CA GLU D 113 -23.38 32.97 -4.83
C GLU D 113 -22.35 31.88 -4.57
N ILE D 114 -22.80 30.67 -4.12
CA ILE D 114 -21.87 29.58 -3.75
C ILE D 114 -21.20 29.04 -5.03
N THR D 115 -21.92 29.00 -6.14
CA THR D 115 -21.36 28.37 -7.36
C THR D 115 -22.16 28.84 -8.58
N THR D 116 -21.62 28.50 -9.77
CA THR D 116 -22.31 28.65 -11.05
C THR D 116 -22.31 27.32 -11.77
N ILE D 117 -23.51 26.85 -12.17
CA ILE D 117 -23.69 25.48 -12.64
C ILE D 117 -24.28 25.55 -14.04
N PRO D 118 -23.61 24.93 -15.05
CA PRO D 118 -24.14 24.84 -16.42
C PRO D 118 -25.45 24.04 -16.41
N THR D 119 -26.37 24.33 -17.37
CA THR D 119 -27.67 23.63 -17.42
C THR D 119 -27.92 22.96 -18.78
N THR D 120 -27.52 23.64 -19.88
CA THR D 120 -27.84 23.25 -21.22
C THR D 120 -26.98 24.09 -22.16
N GLY D 121 -26.74 23.57 -23.37
CA GLY D 121 -25.83 24.19 -24.31
C GLY D 121 -26.31 24.02 -25.74
N ILE D 122 -25.84 24.87 -26.67
CA ILE D 122 -26.21 24.78 -28.06
C ILE D 122 -25.25 25.64 -28.87
N SER D 123 -25.12 25.35 -30.19
CA SER D 123 -24.42 26.25 -31.09
C SER D 123 -25.40 26.77 -32.16
N VAL D 124 -25.21 28.05 -32.51
CA VAL D 124 -25.86 28.65 -33.71
C VAL D 124 -24.79 29.41 -34.49
N GLY D 125 -24.59 28.98 -35.73
CA GLY D 125 -23.51 29.56 -36.52
C GLY D 125 -22.16 29.40 -35.82
N LYS D 126 -21.40 30.51 -35.72
CA LYS D 126 -20.03 30.43 -35.20
C LYS D 126 -20.01 30.54 -33.66
N ARG D 127 -21.17 30.57 -33.01
CA ARG D 127 -21.18 30.84 -31.57
C ARG D 127 -21.77 29.66 -30.74
N GLN D 128 -21.04 29.38 -29.64
CA GLN D 128 -21.46 28.41 -28.65
C GLN D 128 -22.18 29.17 -27.56
N TYR D 129 -23.27 28.60 -27.04
CA TYR D 129 -23.94 29.16 -25.87
C TYR D 129 -24.07 28.13 -24.76
N LEU D 130 -23.89 28.57 -23.53
CA LEU D 130 -23.94 27.73 -22.36
C LEU D 130 -24.82 28.43 -21.35
N GLY D 131 -26.02 27.84 -21.18
CA GLY D 131 -26.93 28.28 -20.15
C GLY D 131 -26.39 27.82 -18.81
N PHE D 132 -26.63 28.64 -17.76
CA PHE D 132 -26.17 28.33 -16.43
C PHE D 132 -27.10 28.93 -15.39
N MET D 133 -26.96 28.44 -14.16
CA MET D 133 -27.68 29.02 -13.04
C MET D 133 -26.70 29.48 -11.98
N SER D 134 -26.95 30.65 -11.39
CA SER D 134 -26.16 31.13 -10.28
C SER D 134 -26.82 30.58 -9.00
N VAL D 135 -26.05 29.79 -8.24
CA VAL D 135 -26.62 29.13 -7.08
C VAL D 135 -26.27 29.97 -5.86
N LYS D 136 -27.32 30.41 -5.15
CA LYS D 136 -27.18 31.23 -3.95
C LYS D 136 -26.74 30.35 -2.78
N GLN D 137 -27.41 29.18 -2.61
CA GLN D 137 -27.18 28.27 -1.49
C GLN D 137 -27.88 26.94 -1.75
N TRP D 138 -27.22 25.86 -1.33
CA TRP D 138 -27.76 24.52 -1.43
C TRP D 138 -28.67 24.28 -0.21
N GLY D 139 -29.70 23.48 -0.43
CA GLY D 139 -30.55 22.99 0.67
C GLY D 139 -30.36 21.47 0.85
N PRO D 140 -31.38 20.78 1.38
CA PRO D 140 -31.39 19.33 1.44
C PRO D 140 -31.31 18.81 0.01
N PRO D 141 -31.16 17.47 -0.20
CA PRO D 141 -31.11 16.92 -1.55
C PRO D 141 -32.32 17.27 -2.41
N GLY D 142 -32.02 17.80 -3.65
CA GLY D 142 -33.06 18.21 -4.57
C GLY D 142 -33.63 19.61 -4.33
N VAL D 143 -33.07 20.37 -3.37
CA VAL D 143 -33.57 21.68 -2.95
C VAL D 143 -32.41 22.66 -2.97
N TRP D 144 -32.54 23.77 -3.74
CA TRP D 144 -31.58 24.85 -3.67
C TRP D 144 -32.21 26.14 -4.20
N ASP D 145 -31.52 27.26 -3.92
CA ASP D 145 -31.99 28.60 -4.34
C ASP D 145 -31.04 29.12 -5.43
N THR D 146 -31.57 29.55 -6.58
CA THR D 146 -30.78 30.27 -7.58
C THR D 146 -31.12 31.78 -7.52
N ASN D 147 -30.13 32.60 -7.88
CA ASN D 147 -30.21 34.04 -8.08
C ASN D 147 -30.83 34.37 -9.42
N PHE D 148 -30.40 33.63 -10.45
CA PHE D 148 -30.79 33.86 -11.82
C PHE D 148 -30.34 32.69 -12.72
N ALA D 149 -30.91 32.66 -13.92
CA ALA D 149 -30.40 31.87 -15.03
C ALA D 149 -29.77 32.82 -16.06
N GLY D 150 -28.53 32.52 -16.51
CA GLY D 150 -27.82 33.31 -17.48
C GLY D 150 -27.36 32.48 -18.68
N ILE D 151 -26.56 33.15 -19.53
CA ILE D 151 -26.08 32.55 -20.75
C ILE D 151 -24.69 33.13 -20.96
N ALA D 152 -23.70 32.22 -21.04
CA ALA D 152 -22.35 32.55 -21.45
C ALA D 152 -22.20 32.17 -22.93
N TYR D 153 -21.24 32.76 -23.65
CA TYR D 153 -21.07 32.39 -25.04
C TYR D 153 -19.56 32.45 -25.43
N SER D 154 -19.27 31.77 -26.54
CA SER D 154 -17.91 31.66 -27.07
C SER D 154 -17.98 31.73 -28.59
N ASP D 155 -17.04 32.49 -29.16
CA ASP D 155 -16.96 32.62 -30.60
C ASP D 155 -15.76 31.87 -31.16
N ASP D 156 -15.10 31.03 -30.35
CA ASP D 156 -13.88 30.32 -30.75
C ASP D 156 -13.98 28.86 -30.33
N GLY D 157 -15.19 28.26 -30.45
CA GLY D 157 -15.35 26.82 -30.28
C GLY D 157 -15.22 26.35 -28.82
N GLY D 158 -15.34 27.27 -27.88
CA GLY D 158 -15.33 26.94 -26.43
C GLY D 158 -14.00 27.34 -25.75
N GLY D 159 -13.04 27.87 -26.52
CA GLY D 159 -11.72 28.23 -26.00
C GLY D 159 -11.79 29.35 -24.96
N THR D 160 -12.55 30.42 -25.27
CA THR D 160 -12.80 31.55 -24.38
C THR D 160 -14.31 31.87 -24.31
N TRP D 161 -14.73 32.34 -23.12
CA TRP D 161 -16.13 32.55 -22.72
C TRP D 161 -16.34 33.96 -22.21
N LYS D 162 -17.50 34.52 -22.55
CA LYS D 162 -18.00 35.78 -22.00
C LYS D 162 -19.36 35.53 -21.39
N VAL D 163 -19.61 36.08 -20.20
CA VAL D 163 -20.93 35.98 -19.60
C VAL D 163 -21.84 37.08 -20.17
N SER D 164 -22.95 36.73 -20.84
CA SER D 164 -23.85 37.74 -21.39
C SER D 164 -24.65 38.47 -20.29
N ASP D 165 -25.29 39.60 -20.69
CA ASP D 165 -26.28 40.38 -19.95
C ASP D 165 -27.66 39.71 -19.95
N THR D 166 -27.83 38.57 -20.61
CA THR D 166 -29.15 37.99 -20.75
C THR D 166 -29.43 37.17 -19.50
N ARG D 167 -30.59 37.42 -18.84
CA ARG D 167 -30.88 36.81 -17.55
C ARG D 167 -32.36 36.63 -17.32
N TRP D 168 -32.71 35.53 -16.58
CA TRP D 168 -34.02 35.32 -15.96
C TRP D 168 -33.89 35.40 -14.43
N GLU D 169 -34.19 36.61 -13.90
CA GLU D 169 -33.92 36.90 -12.51
C GLU D 169 -34.87 36.03 -11.68
N ASN D 170 -34.46 35.63 -10.49
CA ASN D 170 -35.33 34.82 -9.64
C ASN D 170 -35.78 35.64 -8.41
N ALA D 171 -36.49 36.77 -8.63
CA ALA D 171 -36.93 37.67 -7.56
C ALA D 171 -37.85 36.95 -6.53
N ASP D 172 -38.91 36.24 -6.98
CA ASP D 172 -39.89 35.62 -6.09
C ASP D 172 -39.46 34.20 -5.65
N GLY D 173 -38.19 33.78 -5.89
CA GLY D 173 -37.74 32.41 -5.64
C GLY D 173 -38.34 31.32 -6.56
N HIS D 174 -39.40 31.62 -7.36
CA HIS D 174 -40.15 30.60 -8.08
C HIS D 174 -40.16 30.83 -9.61
N ASP D 175 -39.12 31.48 -10.14
CA ASP D 175 -39.06 31.80 -11.56
C ASP D 175 -39.09 30.47 -12.29
N PRO D 176 -39.93 30.28 -13.33
CA PRO D 176 -40.05 28.97 -13.97
C PRO D 176 -38.97 28.53 -14.99
N PHE D 177 -37.97 29.39 -15.24
CA PHE D 177 -36.92 29.14 -16.25
C PHE D 177 -35.53 29.29 -15.66
N GLN D 178 -35.35 28.90 -14.40
CA GLN D 178 -34.02 28.92 -13.74
C GLN D 178 -33.08 27.83 -14.23
N MET D 179 -33.63 26.66 -14.54
CA MET D 179 -32.86 25.48 -14.96
C MET D 179 -33.41 25.02 -16.31
N GLN D 180 -32.68 25.37 -17.39
CA GLN D 180 -33.20 25.29 -18.75
C GLN D 180 -32.72 24.01 -19.45
N ALA D 181 -33.41 23.63 -20.53
CA ALA D 181 -32.99 22.65 -21.51
C ALA D 181 -33.34 23.18 -22.88
N TRP D 182 -32.34 23.26 -23.76
CA TRP D 182 -32.54 23.80 -25.11
C TRP D 182 -32.63 22.70 -26.13
N VAL D 183 -33.52 22.86 -27.12
CA VAL D 183 -33.54 21.95 -28.26
C VAL D 183 -33.84 22.78 -29.52
N GLN D 184 -33.10 22.51 -30.62
CA GLN D 184 -33.32 23.26 -31.87
C GLN D 184 -34.11 22.42 -32.86
N LYS D 185 -35.12 23.02 -33.46
CA LYS D 185 -35.94 22.33 -34.47
C LYS D 185 -36.22 23.34 -35.58
N GLY D 186 -35.66 23.08 -36.79
CA GLY D 186 -35.64 24.00 -37.92
C GLY D 186 -35.01 25.32 -37.50
N GLY D 187 -35.74 26.43 -37.65
CA GLY D 187 -35.14 27.69 -37.30
C GLY D 187 -35.38 28.14 -35.86
N THR D 188 -35.90 27.25 -34.99
CA THR D 188 -36.41 27.68 -33.70
C THR D 188 -35.67 26.94 -32.59
N ILE D 189 -35.28 27.66 -31.53
CA ILE D 189 -34.89 26.98 -30.27
C ILE D 189 -36.07 26.95 -29.30
N TYR D 190 -36.40 25.73 -28.81
CA TYR D 190 -37.31 25.55 -27.68
C TYR D 190 -36.49 25.50 -26.38
N VAL D 191 -36.96 26.30 -25.42
CA VAL D 191 -36.30 26.48 -24.13
C VAL D 191 -37.27 25.99 -23.04
N PHE D 192 -37.03 24.77 -22.56
CA PHE D 192 -37.75 24.20 -21.41
C PHE D 192 -37.10 24.77 -20.16
N GLY D 193 -37.90 24.75 -19.06
CA GLY D 193 -37.49 25.43 -17.87
C GLY D 193 -38.14 24.81 -16.67
N THR D 194 -37.37 24.63 -15.61
CA THR D 194 -37.85 24.38 -14.29
C THR D 194 -37.37 25.52 -13.36
N GLN D 195 -38.07 25.58 -12.21
CA GLN D 195 -37.67 26.34 -11.06
C GLN D 195 -36.36 25.75 -10.54
N ASN D 196 -35.77 26.46 -9.58
CA ASN D 196 -34.57 25.98 -8.88
C ASN D 196 -34.86 24.66 -8.17
N GLY D 197 -33.98 23.64 -8.27
CA GLY D 197 -34.28 22.40 -7.54
C GLY D 197 -35.22 21.45 -8.28
N ARG D 198 -35.73 20.41 -7.57
CA ARG D 198 -36.20 19.21 -8.26
C ARG D 198 -37.65 18.83 -7.95
N ASN D 199 -38.46 19.83 -7.59
CA ASN D 199 -39.77 19.53 -7.00
C ASN D 199 -40.92 20.30 -7.67
N GLY D 200 -40.65 20.97 -8.77
CA GLY D 200 -41.67 21.68 -9.51
C GLY D 200 -41.79 21.21 -10.95
N PRO D 201 -42.66 21.89 -11.72
CA PRO D 201 -43.03 21.46 -13.05
C PRO D 201 -42.15 22.09 -14.14
N ALA D 202 -42.29 21.55 -15.36
CA ALA D 202 -41.60 22.09 -16.52
C ALA D 202 -42.52 22.99 -17.33
N SER D 203 -41.95 24.12 -17.72
CA SER D 203 -42.55 25.11 -18.61
C SER D 203 -41.76 25.13 -19.93
N VAL D 204 -42.30 25.82 -20.95
CA VAL D 204 -41.64 25.89 -22.24
C VAL D 204 -41.85 27.27 -22.92
N ALA D 205 -40.74 27.78 -23.53
CA ALA D 205 -40.61 29.00 -24.34
C ALA D 205 -39.99 28.68 -25.68
N LYS D 206 -40.01 29.66 -26.62
CA LYS D 206 -39.27 29.52 -27.87
C LYS D 206 -38.76 30.87 -28.34
N VAL D 207 -37.72 30.80 -29.14
CA VAL D 207 -37.04 31.99 -29.68
C VAL D 207 -36.49 31.61 -31.04
N PRO D 208 -36.44 32.53 -32.05
CA PRO D 208 -35.69 32.30 -33.26
C PRO D 208 -34.24 31.97 -32.88
N ALA D 209 -33.70 30.90 -33.48
CA ALA D 209 -32.33 30.46 -33.12
C ALA D 209 -31.31 31.61 -33.15
N SER D 210 -31.46 32.59 -34.08
CA SER D 210 -30.55 33.72 -34.19
C SER D 210 -30.77 34.78 -33.11
N LYS D 211 -31.74 34.61 -32.21
CA LYS D 211 -32.04 35.61 -31.22
C LYS D 211 -32.12 35.06 -29.80
N LEU D 212 -31.27 34.04 -29.52
CA LEU D 212 -31.22 33.44 -28.18
C LEU D 212 -30.86 34.40 -27.05
N LEU D 213 -30.00 35.43 -27.32
CA LEU D 213 -29.63 36.38 -26.29
C LEU D 213 -30.61 37.55 -26.12
N ASP D 214 -31.63 37.66 -26.97
CA ASP D 214 -32.62 38.73 -26.88
C ASP D 214 -33.89 38.24 -26.14
N LYS D 215 -34.03 38.59 -24.84
CA LYS D 215 -35.19 38.25 -24.01
C LYS D 215 -36.49 38.67 -24.72
N SER D 216 -36.47 39.86 -25.35
CA SER D 216 -37.65 40.42 -26.05
C SER D 216 -38.15 39.51 -27.16
N ALA D 217 -37.30 38.58 -27.63
CA ALA D 217 -37.63 37.79 -28.79
C ALA D 217 -38.31 36.47 -28.34
N PHE D 218 -38.27 36.18 -27.02
CA PHE D 218 -38.91 34.98 -26.48
C PHE D 218 -40.43 35.08 -26.52
N ARG D 219 -41.06 33.91 -26.66
CA ARG D 219 -42.50 33.71 -26.52
C ARG D 219 -42.71 32.47 -25.66
N TYR D 220 -43.77 32.51 -24.83
CA TYR D 220 -43.95 31.60 -23.71
C TYR D 220 -45.29 30.88 -23.86
N TRP D 221 -45.24 29.55 -23.87
CA TRP D 221 -46.43 28.77 -24.10
C TRP D 221 -47.37 28.99 -22.90
N ASN D 222 -48.63 29.41 -23.17
CA ASN D 222 -49.57 29.84 -22.15
C ASN D 222 -50.77 28.88 -22.04
N GLY D 223 -50.75 27.74 -22.74
CA GLY D 223 -51.88 26.83 -22.74
C GLY D 223 -52.74 26.96 -24.00
N THR D 224 -52.73 28.14 -24.66
CA THR D 224 -53.42 28.28 -25.94
C THR D 224 -52.44 28.62 -27.06
N ASP D 225 -51.55 29.59 -26.83
CA ASP D 225 -50.54 29.95 -27.84
C ASP D 225 -49.27 30.43 -27.14
N TRP D 226 -48.39 31.17 -27.83
CA TRP D 226 -47.08 31.54 -27.30
C TRP D 226 -47.02 33.06 -27.18
N SER D 227 -46.89 33.63 -25.98
CA SER D 227 -47.08 35.06 -25.76
C SER D 227 -45.82 35.68 -25.19
N ARG D 228 -45.83 37.01 -25.07
CA ARG D 228 -44.60 37.75 -24.83
C ARG D 228 -44.25 37.73 -23.36
N LYS D 229 -45.23 37.53 -22.47
CA LYS D 229 -44.96 37.68 -21.05
C LYS D 229 -44.60 36.33 -20.43
N GLU D 230 -43.47 36.34 -19.68
CA GLU D 230 -42.97 35.13 -19.03
C GLU D 230 -43.98 34.66 -17.96
N SER D 231 -44.66 35.60 -17.25
CA SER D 231 -45.63 35.18 -16.21
C SER D 231 -46.91 34.57 -16.81
N ASP D 232 -47.08 34.59 -18.15
CA ASP D 232 -48.12 33.82 -18.84
C ASP D 232 -47.74 32.36 -19.11
N ALA D 233 -46.48 31.98 -18.90
CA ALA D 233 -46.10 30.58 -19.14
C ALA D 233 -46.83 29.68 -18.15
N VAL D 234 -47.28 28.53 -18.63
CA VAL D 234 -47.98 27.52 -17.85
C VAL D 234 -47.18 26.20 -17.93
N PRO D 235 -47.29 25.26 -16.95
CA PRO D 235 -46.64 23.94 -17.05
C PRO D 235 -47.12 23.09 -18.22
N VAL D 236 -46.14 22.43 -18.88
CA VAL D 236 -46.44 21.44 -19.91
C VAL D 236 -46.19 20.04 -19.39
N MET D 237 -45.43 19.88 -18.29
CA MET D 237 -45.15 18.59 -17.66
C MET D 237 -45.21 18.83 -16.16
N ASP D 238 -45.92 17.95 -15.44
CA ASP D 238 -46.17 18.16 -14.01
C ASP D 238 -44.90 17.93 -13.17
N ALA D 239 -44.90 18.54 -11.96
CA ALA D 239 -43.94 18.25 -10.89
C ALA D 239 -44.00 16.77 -10.54
N PRO D 240 -42.89 16.11 -10.10
CA PRO D 240 -41.58 16.74 -9.92
C PRO D 240 -40.66 16.52 -11.13
N MET D 241 -39.98 17.59 -11.52
CA MET D 241 -39.05 17.62 -12.65
C MET D 241 -37.73 18.17 -12.12
N SER D 242 -36.59 17.68 -12.68
CA SER D 242 -35.26 18.04 -12.24
C SER D 242 -34.57 18.82 -13.35
N GLU D 243 -33.21 18.86 -13.30
CA GLU D 243 -32.47 19.02 -14.55
C GLU D 243 -33.11 18.20 -15.65
N MET D 244 -33.11 18.78 -16.87
CA MET D 244 -33.70 18.11 -18.04
C MET D 244 -32.76 18.17 -19.26
N SER D 245 -33.04 17.22 -20.18
CA SER D 245 -32.44 17.18 -21.49
C SER D 245 -33.53 16.91 -22.54
N VAL D 246 -33.55 17.67 -23.65
CA VAL D 246 -34.52 17.43 -24.71
C VAL D 246 -33.77 17.34 -26.02
N GLN D 247 -34.06 16.25 -26.76
CA GLN D 247 -33.54 15.99 -28.09
C GLN D 247 -34.67 15.72 -29.09
N TYR D 248 -34.55 16.29 -30.27
CA TYR D 248 -35.39 15.86 -31.35
C TYR D 248 -34.76 14.65 -32.06
N ASP D 249 -35.53 13.53 -32.05
CA ASP D 249 -35.15 12.24 -32.59
C ASP D 249 -35.77 11.99 -33.97
N ALA D 250 -34.97 12.09 -35.04
CA ALA D 250 -35.44 11.83 -36.41
C ALA D 250 -35.95 10.40 -36.58
N TYR D 251 -35.27 9.42 -35.96
CA TYR D 251 -35.62 8.02 -36.06
C TYR D 251 -37.11 7.79 -35.74
N SER D 252 -37.58 8.29 -34.60
CA SER D 252 -38.95 8.13 -34.11
C SER D 252 -39.84 9.35 -34.41
N LYS D 253 -39.27 10.37 -35.06
CA LYS D 253 -39.89 11.66 -35.33
C LYS D 253 -40.55 12.25 -34.09
N ARG D 254 -39.84 12.24 -32.94
CA ARG D 254 -40.34 12.69 -31.65
C ARG D 254 -39.24 13.45 -30.90
N PHE D 255 -39.63 14.48 -30.18
CA PHE D 255 -38.91 15.01 -29.02
C PHE D 255 -38.87 13.99 -27.90
N LEU D 256 -37.63 13.81 -27.42
CA LEU D 256 -37.35 12.93 -26.28
C LEU D 256 -36.89 13.81 -25.13
N MET D 257 -37.40 13.51 -23.93
CA MET D 257 -37.11 14.28 -22.73
C MET D 257 -36.65 13.30 -21.66
N MET D 258 -35.46 13.57 -21.09
CA MET D 258 -34.96 12.86 -19.90
C MET D 258 -34.82 13.76 -18.67
N THR D 259 -35.28 13.22 -17.49
CA THR D 259 -35.17 13.90 -16.22
C THR D 259 -35.33 12.90 -15.05
N LEU D 260 -34.66 13.23 -13.94
CA LEU D 260 -34.95 12.62 -12.63
C LEU D 260 -36.33 13.13 -12.17
N SER D 261 -37.25 12.20 -11.97
CA SER D 261 -38.58 12.62 -11.53
C SER D 261 -38.94 11.84 -10.26
N GLY D 262 -38.70 12.47 -9.13
CA GLY D 262 -38.75 11.80 -7.83
C GLY D 262 -37.54 10.93 -7.58
N GLU D 263 -37.70 9.61 -7.68
CA GLU D 263 -36.60 8.74 -7.34
C GLU D 263 -35.80 8.29 -8.58
N ASP D 264 -36.48 8.08 -9.69
CA ASP D 264 -35.93 7.42 -10.87
C ASP D 264 -35.72 8.45 -12.01
N ILE D 265 -34.73 8.20 -12.87
CA ILE D 265 -34.66 8.90 -14.12
C ILE D 265 -35.67 8.26 -15.07
N ILE D 266 -36.40 9.12 -15.80
CA ILE D 266 -37.42 8.69 -16.73
C ILE D 266 -37.24 9.43 -18.06
N MET D 267 -38.00 8.99 -19.08
CA MET D 267 -38.05 9.58 -20.39
C MET D 267 -39.55 9.71 -20.77
N ARG D 268 -39.84 10.84 -21.40
CA ARG D 268 -41.15 11.15 -22.01
C ARG D 268 -40.91 11.59 -23.44
N THR D 269 -41.97 11.48 -24.28
CA THR D 269 -41.83 11.78 -25.69
C THR D 269 -43.03 12.66 -26.14
N ALA D 270 -42.81 13.50 -27.18
CA ALA D 270 -43.89 14.35 -27.71
C ALA D 270 -43.63 14.62 -29.20
N THR D 271 -44.70 14.92 -29.99
CA THR D 271 -44.43 15.36 -31.37
C THR D 271 -44.43 16.91 -31.45
N ALA D 272 -44.89 17.61 -30.39
CA ALA D 272 -44.82 19.05 -30.28
C ALA D 272 -44.24 19.40 -28.92
N PRO D 273 -43.47 20.49 -28.77
CA PRO D 273 -42.83 20.80 -27.47
C PRO D 273 -43.79 21.16 -26.30
N GLU D 274 -44.94 21.81 -26.64
CA GLU D 274 -45.99 22.13 -25.68
C GLU D 274 -46.77 20.88 -25.22
N GLY D 275 -46.56 19.76 -25.91
CA GLY D 275 -47.22 18.48 -25.72
C GLY D 275 -48.30 18.16 -26.76
N PRO D 276 -49.11 17.09 -26.51
CA PRO D 276 -49.01 16.29 -25.26
C PRO D 276 -47.74 15.43 -25.11
N TRP D 277 -47.25 15.25 -23.87
CA TRP D 277 -46.14 14.38 -23.51
C TRP D 277 -46.62 12.97 -23.08
N THR D 278 -46.19 11.92 -23.79
CA THR D 278 -46.48 10.54 -23.39
C THR D 278 -45.98 10.26 -21.97
N PRO D 279 -46.58 9.25 -21.29
CA PRO D 279 -46.24 8.95 -19.88
C PRO D 279 -44.76 8.56 -19.72
N ALA D 280 -44.26 8.82 -18.52
CA ALA D 280 -42.92 8.45 -18.14
C ALA D 280 -42.63 6.97 -18.35
N GLN D 281 -41.43 6.71 -18.92
CA GLN D 281 -40.88 5.36 -19.02
C GLN D 281 -39.62 5.31 -18.17
N THR D 282 -39.46 4.26 -17.38
CA THR D 282 -38.29 4.18 -16.50
C THR D 282 -37.03 4.04 -17.40
N VAL D 283 -36.01 4.84 -17.06
CA VAL D 283 -34.70 4.80 -17.70
C VAL D 283 -33.73 4.07 -16.76
N ALA D 284 -33.61 4.62 -15.56
CA ALA D 284 -32.74 4.04 -14.52
C ALA D 284 -33.43 4.23 -13.15
N SER D 285 -33.47 3.19 -12.35
CA SER D 285 -34.11 3.26 -11.06
C SER D 285 -33.08 3.56 -9.97
N SER D 286 -33.61 4.14 -8.85
CA SER D 286 -32.76 4.45 -7.72
C SER D 286 -32.30 3.20 -6.96
N THR D 287 -33.08 2.09 -7.05
CA THR D 287 -32.62 0.85 -6.47
C THR D 287 -31.36 0.32 -7.16
N ASP D 288 -31.28 0.34 -8.51
CA ASP D 288 -30.08 -0.13 -9.22
C ASP D 288 -28.95 0.89 -9.25
N TYR D 289 -29.28 2.19 -9.25
CA TYR D 289 -28.35 3.33 -9.42
C TYR D 289 -28.64 4.33 -8.31
N PRO D 290 -28.29 4.02 -7.03
CA PRO D 290 -28.66 4.91 -5.92
C PRO D 290 -28.07 6.32 -6.05
N ALA D 291 -28.89 7.34 -5.77
CA ALA D 291 -28.46 8.74 -5.81
C ALA D 291 -27.92 9.13 -7.19
N LEU D 292 -28.56 8.56 -8.22
CA LEU D 292 -28.38 8.97 -9.62
C LEU D 292 -29.02 10.35 -9.86
N TYR D 293 -28.50 11.04 -10.87
CA TYR D 293 -29.08 12.32 -11.25
C TYR D 293 -28.56 12.72 -12.65
N GLY D 294 -28.95 13.91 -13.12
CA GLY D 294 -28.67 14.29 -14.49
C GLY D 294 -29.46 13.43 -15.49
N GLY D 295 -28.80 13.05 -16.61
CA GLY D 295 -29.38 12.38 -17.75
C GLY D 295 -29.54 13.34 -18.94
N TYR D 296 -28.45 13.38 -19.76
CA TYR D 296 -28.29 14.30 -20.88
C TYR D 296 -28.01 13.49 -22.13
N PHE D 297 -28.83 13.75 -23.18
CA PHE D 297 -28.71 13.05 -24.43
C PHE D 297 -27.44 13.49 -25.19
N HIS D 298 -26.78 12.49 -25.79
CA HIS D 298 -25.70 12.74 -26.70
C HIS D 298 -26.29 13.27 -28.02
N PRO D 299 -25.77 14.41 -28.54
CA PRO D 299 -26.35 14.99 -29.79
C PRO D 299 -26.21 14.18 -31.08
N TRP D 300 -25.38 13.14 -31.11
CA TRP D 300 -25.19 12.32 -32.33
C TRP D 300 -25.98 11.02 -32.29
N ASN D 301 -26.92 10.89 -31.33
CA ASN D 301 -27.75 9.69 -31.34
C ASN D 301 -28.45 9.48 -32.68
N LYS D 302 -28.52 8.22 -33.12
CA LYS D 302 -29.23 7.91 -34.38
C LYS D 302 -29.67 6.47 -34.37
N ASP D 303 -30.64 6.16 -35.23
CA ASP D 303 -30.97 4.76 -35.49
C ASP D 303 -31.68 4.10 -34.28
N GLY D 304 -32.10 4.93 -33.34
CA GLY D 304 -32.75 4.56 -32.09
C GLY D 304 -31.78 4.09 -30.98
N GLU D 305 -30.48 4.26 -31.24
CA GLU D 305 -29.44 3.98 -30.24
C GLU D 305 -29.24 5.25 -29.41
N ILE D 306 -29.75 5.23 -28.17
CA ILE D 306 -29.84 6.44 -27.36
C ILE D 306 -28.75 6.37 -26.27
N TYR D 307 -27.69 7.19 -26.48
CA TYR D 307 -26.64 7.43 -25.49
C TYR D 307 -26.90 8.68 -24.68
N PHE D 308 -26.56 8.61 -23.39
CA PHE D 308 -26.76 9.71 -22.49
C PHE D 308 -25.75 9.64 -21.33
N THR D 309 -25.55 10.77 -20.68
CA THR D 309 -24.68 10.84 -19.53
C THR D 309 -25.53 10.80 -18.25
N MET D 310 -25.10 9.99 -17.23
CA MET D 310 -25.70 9.90 -15.94
C MET D 310 -24.69 10.18 -14.84
N SER D 311 -25.14 10.95 -13.81
CA SER D 311 -24.35 11.28 -12.64
C SER D 311 -24.76 10.41 -11.45
N GLN D 312 -23.84 10.25 -10.49
CA GLN D 312 -24.18 9.47 -9.30
C GLN D 312 -23.38 10.00 -8.10
N TRP D 313 -24.02 10.19 -6.94
CA TRP D 313 -23.44 11.01 -5.88
C TRP D 313 -22.19 10.36 -5.29
N ASN D 314 -22.27 9.09 -4.85
CA ASN D 314 -21.20 8.49 -4.05
C ASN D 314 -19.86 8.50 -4.84
N PRO D 315 -19.79 7.93 -6.09
CA PRO D 315 -18.56 8.07 -6.91
C PRO D 315 -18.29 9.47 -7.44
N TYR D 316 -19.28 10.38 -7.37
CA TYR D 316 -19.24 11.77 -7.83
C TYR D 316 -18.49 11.88 -9.16
N ASN D 317 -19.04 11.20 -10.21
CA ASN D 317 -18.50 11.24 -11.55
C ASN D 317 -19.58 10.80 -12.54
N VAL D 318 -19.27 10.96 -13.81
CA VAL D 318 -20.21 10.86 -14.92
C VAL D 318 -19.94 9.55 -15.71
N TYR D 319 -21.05 8.87 -16.05
CA TYR D 319 -21.02 7.62 -16.78
C TYR D 319 -21.78 7.82 -18.08
N LEU D 320 -21.24 7.16 -19.10
CA LEU D 320 -21.98 7.03 -20.36
C LEU D 320 -22.85 5.77 -20.28
N MET D 321 -24.11 5.99 -20.71
CA MET D 321 -25.19 5.01 -20.66
C MET D 321 -25.80 4.88 -22.04
N ARG D 322 -26.45 3.71 -22.29
CA ARG D 322 -27.28 3.53 -23.49
C ARG D 322 -28.62 2.82 -23.21
N LEU D 323 -29.65 3.19 -24.02
CA LEU D 323 -30.87 2.40 -24.18
C LEU D 323 -31.22 2.41 -25.66
N ARG D 324 -32.25 1.63 -26.03
CA ARG D 324 -32.68 1.58 -27.41
C ARG D 324 -34.17 1.89 -27.47
N ILE D 325 -34.59 2.62 -28.53
CA ILE D 325 -36.00 2.89 -28.73
C ILE D 325 -36.41 2.30 -30.08
N ASP D 326 -37.72 2.08 -30.21
CA ASP D 326 -38.32 1.79 -31.51
C ASP D 326 -38.82 3.10 -32.14
N ARG D 327 -39.49 2.96 -33.31
CA ARG D 327 -39.93 4.13 -34.04
C ARG D 327 -41.11 4.88 -33.41
N ASP D 328 -41.75 4.37 -32.32
CA ASP D 328 -42.76 5.08 -31.54
C ASP D 328 -42.16 5.73 -30.29
N GLY D 329 -40.83 5.55 -30.06
CA GLY D 329 -40.16 6.15 -28.93
C GLY D 329 -40.31 5.32 -27.66
N ASN D 330 -40.71 4.05 -27.82
CA ASN D 330 -40.79 3.06 -26.75
C ASN D 330 -39.44 2.41 -26.52
N ILE D 331 -39.03 2.31 -25.24
CA ILE D 331 -37.80 1.61 -24.88
C ILE D 331 -37.96 0.12 -25.16
N ILE D 332 -37.02 -0.40 -25.95
CA ILE D 332 -36.96 -1.82 -26.31
C ILE D 332 -35.59 -2.42 -25.97
N ASP D 333 -35.54 -3.75 -26.04
CA ASP D 333 -34.37 -4.58 -25.85
C ASP D 333 -33.71 -4.12 -24.56
N PRO D 334 -34.44 -4.20 -23.41
CA PRO D 334 -33.85 -3.81 -22.13
C PRO D 334 -32.71 -4.75 -21.70
N ASN D 335 -31.81 -4.32 -20.78
CA ASN D 335 -30.92 -5.26 -20.12
C ASN D 335 -31.75 -6.42 -19.48
N LEU D 336 -31.44 -7.67 -19.83
CA LEU D 336 -32.13 -8.85 -19.32
C LEU D 336 -31.55 -9.34 -17.99
N VAL D 337 -30.33 -8.91 -17.61
CA VAL D 337 -29.69 -9.31 -16.37
C VAL D 337 -30.47 -8.59 -15.28
N THR D 338 -30.82 -9.35 -14.22
CA THR D 338 -31.46 -8.86 -13.01
C THR D 338 -30.42 -8.45 -11.99
N ASP D 339 -30.64 -7.29 -11.36
CA ASP D 339 -29.70 -6.77 -10.33
C ASP D 339 -28.30 -6.58 -10.91
N ALA D 340 -28.30 -5.94 -12.12
CA ALA D 340 -27.09 -5.68 -12.94
C ALA D 340 -25.92 -5.08 -12.15
N SER D 341 -26.26 -4.19 -11.21
CA SER D 341 -25.28 -3.45 -10.43
C SER D 341 -25.04 -4.07 -9.02
N PHE D 342 -25.66 -5.23 -8.74
CA PHE D 342 -25.49 -5.90 -7.43
C PHE D 342 -26.05 -5.13 -6.25
N GLU D 343 -26.82 -4.06 -6.48
CA GLU D 343 -27.20 -3.11 -5.45
C GLU D 343 -28.37 -3.72 -4.62
N ARG D 344 -29.09 -4.73 -5.20
CA ARG D 344 -30.36 -5.23 -4.63
C ARG D 344 -30.20 -6.25 -3.48
N SER D 345 -28.99 -6.77 -3.27
CA SER D 345 -28.72 -7.72 -2.22
C SER D 345 -27.31 -7.49 -1.64
N THR D 346 -27.13 -7.87 -0.35
CA THR D 346 -25.87 -7.88 0.35
C THR D 346 -25.27 -9.26 0.41
N THR D 347 -25.95 -10.25 -0.16
CA THR D 347 -25.43 -11.61 -0.27
C THR D 347 -25.75 -12.16 -1.68
N LEU D 348 -24.99 -13.20 -2.02
CA LEU D 348 -25.17 -13.98 -3.24
C LEU D 348 -26.47 -14.79 -3.10
N GLY D 349 -26.97 -15.24 -4.26
CA GLY D 349 -28.12 -16.13 -4.30
C GLY D 349 -27.73 -17.49 -4.88
N ASP D 350 -28.68 -18.14 -5.62
CA ASP D 350 -28.37 -19.46 -6.17
C ASP D 350 -28.32 -19.46 -7.69
N GLY D 351 -28.36 -18.32 -8.33
CA GLY D 351 -28.08 -18.17 -9.75
C GLY D 351 -29.36 -18.23 -10.59
N THR D 352 -30.48 -18.63 -9.95
CA THR D 352 -31.81 -18.79 -10.54
C THR D 352 -32.75 -17.64 -10.11
N ASN D 353 -33.85 -17.53 -10.86
CA ASN D 353 -34.92 -16.59 -10.60
C ASN D 353 -34.40 -15.15 -10.50
N GLY D 354 -33.37 -14.84 -11.29
CA GLY D 354 -32.87 -13.48 -11.40
C GLY D 354 -31.85 -13.18 -10.30
N THR D 355 -31.29 -14.23 -9.70
CA THR D 355 -30.27 -14.00 -8.67
C THR D 355 -28.89 -14.34 -9.26
N TRP D 356 -27.85 -13.91 -8.54
CA TRP D 356 -26.46 -14.25 -8.81
C TRP D 356 -26.01 -15.46 -7.98
N ALA D 357 -25.03 -16.23 -8.47
CA ALA D 357 -24.36 -17.30 -7.77
C ALA D 357 -22.85 -17.18 -7.95
N ALA D 358 -22.08 -17.81 -7.06
CA ALA D 358 -20.64 -17.79 -7.15
C ALA D 358 -20.04 -18.97 -6.39
N LYS D 359 -18.82 -19.33 -6.78
CA LYS D 359 -18.05 -20.34 -6.11
C LYS D 359 -17.50 -19.77 -4.82
N PRO D 360 -17.03 -20.65 -3.89
CA PRO D 360 -16.22 -20.18 -2.76
C PRO D 360 -14.94 -19.47 -3.25
N ASN D 361 -14.42 -18.41 -2.60
CA ASN D 361 -15.10 -17.63 -1.59
C ASN D 361 -15.65 -16.36 -2.27
N SER D 362 -16.94 -16.11 -2.12
CA SER D 362 -17.59 -14.98 -2.83
C SER D 362 -18.17 -13.99 -1.85
N GLY D 363 -18.59 -12.83 -2.35
CA GLY D 363 -19.40 -11.92 -1.57
C GLY D 363 -19.84 -10.71 -2.37
N ILE D 364 -20.71 -9.91 -1.76
CA ILE D 364 -21.02 -8.58 -2.23
C ILE D 364 -20.31 -7.60 -1.32
N ASP D 365 -19.31 -6.88 -1.89
CA ASP D 365 -18.62 -5.83 -1.17
C ASP D 365 -19.54 -4.61 -1.18
N ASN D 366 -19.71 -3.98 0.00
CA ASN D 366 -20.74 -2.98 0.23
C ASN D 366 -20.13 -1.87 1.10
N ALA D 367 -19.89 -0.72 0.50
CA ALA D 367 -19.38 0.45 1.18
C ALA D 367 -19.57 1.63 0.26
N PRO D 368 -19.54 2.87 0.76
CA PRO D 368 -19.86 3.98 -0.11
C PRO D 368 -18.90 4.04 -1.31
N ALA D 369 -19.46 4.01 -2.50
CA ALA D 369 -18.71 4.05 -3.76
C ALA D 369 -17.77 2.83 -4.00
N ALA D 370 -18.05 1.69 -3.32
CA ALA D 370 -17.32 0.44 -3.57
C ALA D 370 -17.60 -0.16 -4.96
N GLY D 371 -18.80 0.12 -5.50
CA GLY D 371 -19.10 -0.40 -6.82
C GLY D 371 -18.31 0.32 -7.90
N PHE D 372 -18.31 -0.25 -9.10
CA PHE D 372 -17.98 0.53 -10.31
C PHE D 372 -18.91 1.73 -10.36
N THR D 373 -20.22 1.42 -10.15
CA THR D 373 -21.26 2.38 -9.80
C THR D 373 -21.89 1.85 -8.52
N GLY D 374 -22.51 2.77 -7.78
CA GLY D 374 -23.18 2.40 -6.56
C GLY D 374 -22.22 1.98 -5.45
N ASP D 375 -22.83 1.32 -4.43
CA ASP D 375 -22.06 0.89 -3.28
C ASP D 375 -21.64 -0.57 -3.28
N HIS D 376 -22.13 -1.35 -4.29
CA HIS D 376 -22.03 -2.82 -4.32
C HIS D 376 -21.37 -3.29 -5.57
N ARG D 377 -20.51 -4.30 -5.39
CA ARG D 377 -19.83 -5.07 -6.41
C ARG D 377 -19.71 -6.50 -5.93
N ALA D 378 -19.69 -7.45 -6.83
CA ALA D 378 -19.42 -8.85 -6.49
C ALA D 378 -17.91 -9.10 -6.55
N PHE D 379 -17.47 -10.12 -5.78
CA PHE D 379 -16.11 -10.63 -5.82
C PHE D 379 -16.20 -12.16 -5.68
N VAL D 380 -15.17 -12.82 -6.22
CA VAL D 380 -14.89 -14.21 -5.95
C VAL D 380 -13.37 -14.28 -5.84
N ARG D 381 -12.88 -15.17 -4.94
CA ARG D 381 -11.47 -15.27 -4.63
C ARG D 381 -11.12 -16.66 -4.09
N TYR D 382 -10.02 -17.25 -4.55
CA TYR D 382 -9.57 -18.55 -4.03
C TYR D 382 -8.12 -18.75 -4.44
N ASN D 383 -7.58 -19.93 -4.17
CA ASN D 383 -6.21 -20.32 -4.45
C ASN D 383 -6.13 -21.73 -5.04
N SER D 384 -7.18 -22.12 -5.78
CA SER D 384 -7.23 -23.38 -6.52
C SER D 384 -8.44 -23.39 -7.43
N GLY D 385 -8.21 -23.79 -8.71
CA GLY D 385 -9.29 -24.08 -9.61
C GLY D 385 -10.02 -22.87 -10.18
N TRP D 386 -11.06 -23.15 -10.92
CA TRP D 386 -11.89 -22.18 -11.60
C TRP D 386 -12.87 -21.55 -10.63
N ARG D 387 -12.91 -20.19 -10.59
CA ARG D 387 -13.72 -19.48 -9.62
C ARG D 387 -14.54 -18.37 -10.29
N ASP D 388 -15.86 -18.59 -10.39
CA ASP D 388 -16.76 -17.80 -11.20
C ASP D 388 -18.01 -17.31 -10.45
N ILE D 389 -18.61 -16.26 -11.04
CA ILE D 389 -19.86 -15.59 -10.67
C ILE D 389 -20.78 -15.65 -11.88
N TRP D 390 -22.05 -16.02 -11.70
CA TRP D 390 -22.97 -16.21 -12.82
C TRP D 390 -24.41 -15.92 -12.49
N GLN D 391 -25.17 -15.81 -13.56
CA GLN D 391 -26.62 -15.66 -13.49
C GLN D 391 -27.30 -16.32 -14.69
N ASP D 392 -28.32 -17.13 -14.44
CA ASP D 392 -29.21 -17.64 -15.49
C ASP D 392 -30.15 -16.56 -16.01
N VAL D 393 -30.21 -16.41 -17.37
CA VAL D 393 -30.96 -15.34 -18.01
C VAL D 393 -31.80 -15.94 -19.16
N ALA D 394 -33.10 -15.63 -19.16
CA ALA D 394 -33.96 -16.13 -20.22
C ALA D 394 -33.63 -15.37 -21.52
N VAL D 395 -33.66 -16.10 -22.63
CA VAL D 395 -33.42 -15.52 -23.95
C VAL D 395 -34.40 -16.12 -24.97
N GLU D 396 -34.44 -15.47 -26.14
CA GLU D 396 -35.23 -15.94 -27.30
C GLU D 396 -34.39 -16.83 -28.19
N ARG D 397 -34.96 -18.00 -28.55
CA ARG D 397 -34.32 -18.93 -29.46
C ARG D 397 -33.97 -18.22 -30.76
N GLY D 398 -32.78 -18.49 -31.26
CA GLY D 398 -32.34 -18.01 -32.56
C GLY D 398 -31.97 -16.53 -32.61
N ALA D 399 -31.77 -15.87 -31.47
CA ALA D 399 -31.54 -14.42 -31.49
C ALA D 399 -30.08 -14.22 -31.09
N LYS D 400 -29.59 -13.01 -31.40
CA LYS D 400 -28.21 -12.63 -31.18
C LYS D 400 -28.20 -11.64 -30.02
N TYR D 401 -27.18 -11.78 -29.13
CA TYR D 401 -27.10 -11.03 -27.89
C TYR D 401 -25.72 -10.38 -27.72
N ARG D 402 -25.75 -9.26 -26.98
CA ARG D 402 -24.54 -8.55 -26.58
C ARG D 402 -24.46 -8.50 -25.05
N LEU D 403 -23.35 -9.02 -24.55
CA LEU D 403 -22.97 -9.07 -23.13
C LEU D 403 -21.85 -8.07 -22.87
N THR D 404 -22.06 -7.10 -21.98
CA THR D 404 -20.98 -6.24 -21.49
C THR D 404 -20.95 -6.30 -19.97
N GLY D 405 -19.77 -6.02 -19.42
CA GLY D 405 -19.67 -5.92 -17.96
C GLY D 405 -18.28 -5.40 -17.57
N PHE D 406 -18.17 -4.90 -16.32
CA PHE D 406 -16.99 -4.28 -15.81
C PHE D 406 -16.34 -5.21 -14.80
N LEU D 407 -15.05 -5.39 -14.94
CA LEU D 407 -14.29 -6.18 -13.98
C LEU D 407 -12.84 -5.74 -13.84
N ARG D 408 -12.25 -6.23 -12.75
CA ARG D 408 -10.82 -6.03 -12.51
C ARG D 408 -10.38 -7.18 -11.60
N THR D 409 -9.05 -7.40 -11.55
CA THR D 409 -8.50 -8.51 -10.77
C THR D 409 -7.37 -8.10 -9.86
N SER D 410 -6.98 -9.06 -9.01
CA SER D 410 -5.69 -8.99 -8.36
C SER D 410 -4.58 -8.94 -9.44
N VAL D 411 -3.48 -8.36 -9.08
CA VAL D 411 -2.36 -8.22 -10.00
C VAL D 411 -1.86 -9.60 -10.48
N ASN D 412 -1.89 -10.60 -9.59
CA ASN D 412 -1.42 -11.96 -9.83
C ASN D 412 -2.35 -12.84 -10.65
N SER D 413 -3.50 -12.31 -11.13
CA SER D 413 -4.40 -13.06 -11.98
C SER D 413 -3.67 -13.36 -13.31
N ASP D 414 -3.89 -14.59 -13.84
CA ASP D 414 -3.21 -15.00 -15.05
C ASP D 414 -4.18 -15.48 -16.13
N ASN D 415 -5.43 -15.85 -15.85
CA ASN D 415 -6.30 -16.42 -16.88
C ASN D 415 -7.76 -16.43 -16.41
N GLY D 416 -8.52 -15.45 -16.85
CA GLY D 416 -9.96 -15.40 -16.62
C GLY D 416 -10.76 -15.30 -17.89
N PHE D 417 -12.07 -15.49 -17.75
CA PHE D 417 -13.00 -15.50 -18.86
C PHE D 417 -14.26 -14.78 -18.47
N PHE D 418 -14.92 -14.21 -19.46
CA PHE D 418 -16.18 -13.50 -19.35
C PHE D 418 -17.02 -13.86 -20.57
N GLY D 419 -18.27 -14.28 -20.41
CA GLY D 419 -19.08 -14.66 -21.57
C GLY D 419 -20.43 -15.22 -21.18
N ALA D 420 -20.97 -16.01 -22.14
CA ALA D 420 -22.21 -16.71 -21.91
C ALA D 420 -21.97 -18.20 -22.23
N ARG D 421 -22.67 -19.04 -21.45
CA ARG D 421 -22.59 -20.47 -21.53
C ARG D 421 -23.99 -21.09 -21.34
N THR D 422 -24.09 -22.38 -21.74
CA THR D 422 -25.28 -23.17 -21.52
C THR D 422 -25.48 -23.34 -20.00
N LEU D 423 -26.73 -23.70 -19.64
CA LEU D 423 -27.05 -24.00 -18.25
C LEU D 423 -26.24 -25.18 -17.73
N ASP D 424 -25.77 -26.07 -18.61
CA ASP D 424 -24.83 -27.11 -18.21
C ASP D 424 -23.36 -26.68 -18.27
N GLY D 425 -23.03 -25.42 -18.61
CA GLY D 425 -21.72 -24.84 -18.33
C GLY D 425 -20.77 -24.81 -19.55
N VAL D 426 -21.31 -25.10 -20.74
CA VAL D 426 -20.51 -25.12 -21.94
C VAL D 426 -20.54 -23.75 -22.64
N PRO D 427 -19.33 -23.09 -22.77
CA PRO D 427 -19.29 -21.72 -23.30
C PRO D 427 -19.92 -21.66 -24.68
N ILE D 428 -20.64 -20.60 -24.92
CA ILE D 428 -21.27 -20.26 -26.20
C ILE D 428 -20.41 -19.20 -26.89
N GLY D 429 -19.96 -18.18 -26.13
CA GLY D 429 -19.10 -17.11 -26.60
C GLY D 429 -18.45 -16.48 -25.37
N GLU D 430 -17.13 -16.36 -25.44
CA GLU D 430 -16.43 -15.83 -24.29
C GLU D 430 -15.22 -15.07 -24.76
N ILE D 431 -14.67 -14.24 -23.85
CA ILE D 431 -13.33 -13.66 -24.02
C ILE D 431 -12.39 -14.08 -22.88
N ASN D 432 -11.08 -13.88 -23.09
CA ASN D 432 -10.02 -14.27 -22.18
C ASN D 432 -9.20 -13.05 -21.79
N PHE D 433 -9.17 -12.74 -20.48
CA PHE D 433 -8.34 -11.68 -19.91
C PHE D 433 -7.32 -12.34 -18.99
N HIS D 434 -6.31 -11.55 -18.59
CA HIS D 434 -5.22 -12.08 -17.77
C HIS D 434 -5.21 -11.38 -16.42
N SER D 435 -4.56 -10.22 -16.36
CA SER D 435 -4.47 -9.38 -15.15
C SER D 435 -5.06 -8.03 -15.52
N VAL D 436 -6.01 -7.54 -14.73
CA VAL D 436 -6.81 -6.35 -15.08
C VAL D 436 -6.78 -5.36 -13.91
N GLY D 437 -6.11 -4.22 -14.10
CA GLY D 437 -5.82 -3.20 -13.09
C GLY D 437 -7.02 -2.31 -12.83
N ALA D 438 -7.25 -1.38 -13.74
CA ALA D 438 -8.40 -0.52 -13.80
C ALA D 438 -9.70 -1.35 -13.96
N TRP D 439 -10.80 -0.96 -13.32
CA TRP D 439 -12.09 -1.40 -13.82
C TRP D 439 -12.06 -1.32 -15.37
N THR D 440 -12.34 -2.43 -16.08
CA THR D 440 -12.29 -2.51 -17.53
C THR D 440 -13.58 -3.20 -18.03
N ARG D 441 -14.22 -2.61 -19.05
CA ARG D 441 -15.38 -3.21 -19.70
C ARG D 441 -14.88 -4.29 -20.69
N PHE D 442 -15.55 -5.44 -20.64
CA PHE D 442 -15.41 -6.48 -21.65
C PHE D 442 -16.72 -6.66 -22.37
N THR D 443 -16.60 -7.09 -23.65
CA THR D 443 -17.74 -7.18 -24.56
C THR D 443 -17.73 -8.49 -25.36
N VAL D 444 -18.85 -9.22 -25.36
CA VAL D 444 -18.98 -10.49 -26.08
C VAL D 444 -20.34 -10.45 -26.84
N GLU D 445 -20.34 -10.74 -28.13
CA GLU D 445 -21.60 -10.91 -28.86
C GLU D 445 -21.69 -12.38 -29.28
N PHE D 446 -22.88 -12.96 -29.22
CA PHE D 446 -23.06 -14.39 -29.47
C PHE D 446 -24.51 -14.66 -29.92
N ASP D 447 -24.67 -15.81 -30.62
CA ASP D 447 -25.99 -16.33 -30.96
C ASP D 447 -26.48 -17.29 -29.89
N ALA D 448 -27.74 -17.10 -29.49
CA ALA D 448 -28.39 -17.86 -28.39
C ALA D 448 -28.52 -19.34 -28.81
N GLY D 449 -28.61 -19.55 -30.14
CA GLY D 449 -28.84 -20.90 -30.62
C GLY D 449 -30.30 -21.29 -30.38
N ASP D 450 -30.54 -22.61 -30.36
CA ASP D 450 -31.85 -23.20 -30.09
C ASP D 450 -32.09 -23.37 -28.59
N ARG D 451 -31.95 -22.28 -27.82
CA ARG D 451 -31.86 -22.37 -26.36
C ARG D 451 -32.83 -21.34 -25.80
N ASP D 452 -33.44 -21.64 -24.64
CA ASP D 452 -34.33 -20.67 -24.01
C ASP D 452 -33.63 -19.91 -22.86
N ALA D 453 -32.42 -20.32 -22.49
CA ALA D 453 -31.70 -19.62 -21.42
C ALA D 453 -30.20 -19.81 -21.59
N VAL D 454 -29.44 -18.84 -21.05
CA VAL D 454 -28.01 -19.00 -20.92
C VAL D 454 -27.61 -18.55 -19.51
N GLN D 455 -26.33 -18.78 -19.21
CA GLN D 455 -25.67 -18.30 -18.02
C GLN D 455 -24.61 -17.29 -18.46
N VAL D 456 -24.82 -16.05 -18.00
CA VAL D 456 -23.77 -15.04 -18.15
C VAL D 456 -22.83 -15.21 -16.96
N PHE D 457 -21.52 -15.10 -17.25
CA PHE D 457 -20.54 -15.29 -16.21
C PHE D 457 -19.29 -14.46 -16.42
N GLY D 458 -18.60 -14.32 -15.30
CA GLY D 458 -17.20 -14.00 -15.23
C GLY D 458 -16.44 -14.81 -14.18
N GLY D 459 -15.19 -15.11 -14.48
CA GLY D 459 -14.39 -15.82 -13.51
C GLY D 459 -12.91 -15.82 -13.78
N VAL D 460 -12.17 -16.34 -12.80
CA VAL D 460 -10.71 -16.44 -12.86
C VAL D 460 -10.28 -17.84 -12.50
N TRP D 461 -9.23 -18.34 -13.13
CA TRP D 461 -8.44 -19.47 -12.68
C TRP D 461 -7.59 -19.06 -11.50
N THR D 462 -7.52 -19.91 -10.44
CA THR D 462 -6.82 -19.55 -9.21
C THR D 462 -5.74 -20.57 -8.84
N ASN D 463 -5.36 -21.45 -9.79
CA ASN D 463 -4.26 -22.39 -9.53
C ASN D 463 -2.89 -21.74 -9.27
N SER D 464 -2.63 -20.50 -9.79
CA SER D 464 -1.34 -19.87 -9.71
C SER D 464 -1.14 -19.12 -8.41
N GLY D 465 -2.20 -18.92 -7.60
CA GLY D 465 -2.02 -18.19 -6.36
C GLY D 465 -3.36 -17.72 -5.78
N ASP D 466 -3.27 -16.90 -4.74
CA ASP D 466 -4.46 -16.35 -4.10
C ASP D 466 -4.90 -15.17 -5.00
N ILE D 467 -6.00 -15.37 -5.75
CA ILE D 467 -6.38 -14.47 -6.83
C ILE D 467 -7.87 -14.15 -6.67
N TRP D 468 -8.25 -12.91 -7.05
CA TRP D 468 -9.64 -12.44 -6.91
C TRP D 468 -10.00 -11.67 -8.17
N MET D 469 -11.29 -11.61 -8.40
CA MET D 469 -11.94 -10.83 -9.44
C MET D 469 -13.13 -10.11 -8.81
N GLN D 470 -13.30 -8.82 -9.17
CA GLN D 470 -14.50 -8.05 -8.96
C GLN D 470 -15.28 -7.79 -10.22
N LEU D 471 -16.60 -7.58 -10.04
CA LEU D 471 -17.58 -7.53 -11.14
C LEU D 471 -18.68 -6.54 -10.81
N ASP D 472 -19.15 -5.83 -11.82
CA ASP D 472 -20.25 -4.93 -11.69
C ASP D 472 -20.89 -4.57 -13.03
N ASP D 473 -22.15 -4.10 -12.95
CA ASP D 473 -22.87 -3.46 -14.06
C ASP D 473 -22.93 -4.30 -15.33
N VAL D 474 -23.32 -5.56 -15.15
CA VAL D 474 -23.43 -6.54 -16.24
C VAL D 474 -24.75 -6.36 -17.02
N SER D 475 -24.63 -6.39 -18.36
CA SER D 475 -25.73 -6.17 -19.28
C SER D 475 -25.74 -7.22 -20.41
N LEU D 476 -26.93 -7.77 -20.65
CA LEU D 476 -27.24 -8.65 -21.78
C LEU D 476 -28.44 -8.04 -22.48
N THR D 477 -28.20 -7.62 -23.76
CA THR D 477 -29.19 -6.94 -24.58
C THR D 477 -29.24 -7.61 -25.96
N LYS D 478 -30.46 -7.72 -26.50
CA LYS D 478 -30.59 -8.22 -27.86
C LYS D 478 -29.82 -7.31 -28.84
N VAL D 479 -29.28 -7.92 -29.89
CA VAL D 479 -28.49 -7.17 -30.87
C VAL D 479 -29.45 -6.70 -31.97
N ARG D 480 -29.44 -5.41 -32.32
CA ARG D 480 -29.99 -4.84 -33.55
C ARG D 480 -31.16 -3.90 -33.25
#